data_3KQA
#
_entry.id   3KQA
#
_cell.length_a   115.270
_cell.length_b   115.270
_cell.length_c   277.400
_cell.angle_alpha   90.00
_cell.angle_beta   90.00
_cell.angle_gamma   90.00
#
_symmetry.space_group_name_H-M   'P 43 21 2'
#
loop_
_entity.id
_entity.type
_entity.pdbx_description
1 polymer 'UDP-N-acetylglucosamine 1-carboxyvinyltransferase'
2 non-polymer (5S)-2,5-dihydroxy-3-methylcyclohex-2-ene-1,4-dione
3 non-polymer 'CALCIUM ION'
4 water water
#
_entity_poly.entity_id   1
_entity_poly.type   'polypeptide(L)'
_entity_poly.pdbx_seq_one_letter_code
;MDKFRVQGPTRLQGEVTISGAKNAALPILFAALLAEEPVEIQNVPKLKDIDTTMKLLTQLGTKVER(IAS)GSVWIDASN
VNNFSAPYDLVKTMRASIWALGPLVARFGQGQVSLPGGCAIGARPVDLHIFGLEKLGAEIKLEEGYVKASVNGRLKGAHI
VMDKVSVGATVTIMSAATLAEGTTIIENAAREPEIVDTANFLVALGAKISGQGTDRITIEGVERLGGGVYRVLPDRIETG
TFLVAAAISGGKIVCRNAQPDTLDAVLAKLREAGADIETGEDWISLDMHGKRPKAVTVRTAPHPAFPTDMQAQFTLLNLV
AEGTGVITETIFENRFMHVPELIRMGAHAEIESNTVICHGVEKLSGAQVMATDLRASASLVLAGCIAEGTTVVDRIYHID
RGYERIEDKLRALGANIERVKGE
;
_entity_poly.pdbx_strand_id   A,B,C,D
#
loop_
_chem_comp.id
_chem_comp.type
_chem_comp.name
_chem_comp.formula
CA non-polymer 'CALCIUM ION' 'Ca 2'
IAS L-beta-peptide, C-gamma linking 'BETA-L-ASPARTIC ACID' 'C4 H7 N O4'
TR9 non-polymer (5S)-2,5-dihydroxy-3-methylcyclohex-2-ene-1,4-dione 'C7 H8 O4'
#
# COMPACT_ATOMS: atom_id res chain seq x y z
N MET A 1 -15.33 -40.44 -11.31
CA MET A 1 -14.45 -39.38 -10.72
C MET A 1 -14.80 -38.06 -11.40
N ASP A 2 -15.07 -37.04 -10.60
CA ASP A 2 -15.41 -35.73 -11.13
C ASP A 2 -14.26 -35.09 -11.93
N LYS A 3 -14.60 -34.31 -12.94
CA LYS A 3 -13.61 -33.64 -13.77
C LYS A 3 -14.02 -32.18 -14.00
N PHE A 4 -13.06 -31.37 -14.44
CA PHE A 4 -13.35 -29.98 -14.78
C PHE A 4 -13.18 -29.89 -16.27
N ARG A 5 -14.20 -29.43 -16.99
CA ARG A 5 -14.05 -29.22 -18.43
C ARG A 5 -13.89 -27.71 -18.55
N VAL A 6 -12.74 -27.28 -19.03
CA VAL A 6 -12.45 -25.86 -19.15
C VAL A 6 -12.34 -25.51 -20.62
N GLN A 7 -12.81 -24.32 -20.98
CA GLN A 7 -12.71 -23.86 -22.35
C GLN A 7 -11.95 -22.54 -22.48
N GLY A 8 -10.93 -22.50 -23.33
CA GLY A 8 -10.16 -21.28 -23.49
C GLY A 8 -10.04 -20.83 -24.94
N PRO A 9 -9.25 -19.77 -25.21
CA PRO A 9 -8.54 -19.06 -24.14
C PRO A 9 -9.40 -17.99 -23.48
N THR A 10 -9.11 -17.71 -22.21
CA THR A 10 -9.84 -16.68 -21.49
C THR A 10 -8.82 -15.87 -20.69
N ARG A 11 -9.15 -14.61 -20.43
CA ARG A 11 -8.29 -13.75 -19.64
C ARG A 11 -8.88 -13.83 -18.25
N LEU A 12 -8.04 -14.10 -17.26
CA LEU A 12 -8.52 -14.19 -15.89
C LEU A 12 -8.23 -12.85 -15.19
N GLN A 13 -9.30 -12.18 -14.75
CA GLN A 13 -9.15 -10.90 -14.07
C GLN A 13 -10.36 -10.55 -13.23
N GLY A 14 -10.16 -9.62 -12.31
CA GLY A 14 -11.22 -9.23 -11.42
C GLY A 14 -10.68 -9.34 -10.02
N GLU A 15 -11.50 -9.82 -9.10
CA GLU A 15 -11.07 -9.97 -7.72
C GLU A 15 -11.33 -11.37 -7.20
N VAL A 16 -10.60 -11.70 -6.13
CA VAL A 16 -10.76 -12.99 -5.49
C VAL A 16 -10.50 -12.77 -4.00
N THR A 17 -11.27 -13.45 -3.17
CA THR A 17 -11.05 -13.31 -1.74
C THR A 17 -10.42 -14.62 -1.27
N ILE A 18 -9.19 -14.49 -0.76
CA ILE A 18 -8.40 -15.59 -0.26
C ILE A 18 -8.93 -16.26 0.99
N SER A 19 -9.00 -17.59 0.97
CA SER A 19 -9.46 -18.34 2.13
C SER A 19 -8.31 -18.49 3.16
N GLY A 20 -8.63 -18.91 4.37
CA GLY A 20 -7.64 -19.14 5.39
C GLY A 20 -6.90 -20.42 5.04
N ALA A 21 -5.68 -20.53 5.54
CA ALA A 21 -4.82 -21.67 5.27
C ALA A 21 -5.22 -22.94 6.01
N LYS A 22 -5.61 -23.97 5.26
CA LYS A 22 -5.94 -25.23 5.89
C LYS A 22 -4.69 -25.68 6.68
N ASN A 23 -3.50 -25.40 6.16
CA ASN A 23 -2.30 -25.86 6.85
C ASN A 23 -1.96 -25.14 8.14
N ALA A 24 -2.68 -24.06 8.44
CA ALA A 24 -2.49 -23.37 9.71
C ALA A 24 -3.71 -23.72 10.56
N ALA A 25 -4.89 -23.82 9.92
CA ALA A 25 -6.10 -24.15 10.67
C ALA A 25 -5.95 -25.53 11.32
N LEU A 26 -5.37 -26.49 10.59
CA LEU A 26 -5.24 -27.82 11.17
C LEU A 26 -4.41 -27.87 12.46
N PRO A 27 -3.16 -27.38 12.44
CA PRO A 27 -2.43 -27.47 13.70
C PRO A 27 -3.06 -26.64 14.82
N ILE A 28 -3.69 -25.53 14.46
CA ILE A 28 -4.34 -24.68 15.44
C ILE A 28 -5.54 -25.43 16.06
N LEU A 29 -6.32 -26.10 15.23
CA LEU A 29 -7.46 -26.88 15.74
C LEU A 29 -7.02 -27.91 16.76
N PHE A 30 -5.94 -28.64 16.50
CA PHE A 30 -5.45 -29.61 17.50
C PHE A 30 -4.82 -28.92 18.71
N ALA A 31 -4.19 -27.77 18.49
CA ALA A 31 -3.58 -27.01 19.58
C ALA A 31 -4.69 -26.54 20.51
N ALA A 32 -5.90 -26.39 19.96
CA ALA A 32 -7.02 -25.95 20.77
C ALA A 32 -7.39 -26.97 21.86
N LEU A 33 -6.90 -28.21 21.73
CA LEU A 33 -7.15 -29.25 22.75
C LEU A 33 -6.50 -28.85 24.07
N LEU A 34 -5.59 -27.89 24.01
CA LEU A 34 -4.90 -27.40 25.22
C LEU A 34 -5.76 -26.39 26.00
N ALA A 35 -6.67 -25.71 25.30
CA ALA A 35 -7.49 -24.66 25.93
C ALA A 35 -8.54 -25.14 26.94
N GLU A 36 -8.48 -24.62 28.16
CA GLU A 36 -9.44 -25.04 29.18
C GLU A 36 -10.73 -24.26 29.05
N GLU A 37 -10.71 -23.20 28.23
CA GLU A 37 -11.88 -22.36 28.02
C GLU A 37 -12.20 -22.24 26.53
N PRO A 38 -13.45 -21.88 26.22
CA PRO A 38 -13.93 -21.73 24.85
C PRO A 38 -13.00 -20.95 23.96
N VAL A 39 -12.96 -21.36 22.70
CA VAL A 39 -12.10 -20.73 21.73
C VAL A 39 -12.84 -20.49 20.41
N GLU A 40 -12.53 -19.39 19.75
CA GLU A 40 -13.12 -19.14 18.45
C GLU A 40 -11.97 -18.98 17.49
N ILE A 41 -11.98 -19.84 16.48
CA ILE A 41 -10.96 -19.82 15.44
C ILE A 41 -11.69 -19.34 14.19
N GLN A 42 -11.29 -18.18 13.72
CA GLN A 42 -11.87 -17.52 12.57
C GLN A 42 -11.16 -17.81 11.26
N ASN A 43 -11.89 -17.60 10.16
CA ASN A 43 -11.35 -17.76 8.82
C ASN A 43 -10.85 -19.20 8.54
N VAL A 44 -11.63 -20.18 8.97
CA VAL A 44 -11.30 -21.56 8.75
C VAL A 44 -11.97 -22.03 7.47
N PRO A 45 -11.16 -22.50 6.50
CA PRO A 45 -11.75 -22.98 5.26
C PRO A 45 -12.69 -24.18 5.50
N LYS A 46 -13.64 -24.38 4.58
CA LYS A 46 -14.56 -25.52 4.65
C LYS A 46 -13.97 -26.61 3.77
N LEU A 47 -13.05 -27.41 4.32
CA LEU A 47 -12.41 -28.47 3.54
C LEU A 47 -12.54 -29.81 4.28
N LYS A 48 -12.42 -30.92 3.56
CA LYS A 48 -12.56 -32.25 4.13
C LYS A 48 -11.79 -32.51 5.45
N ASP A 49 -10.50 -32.18 5.47
CA ASP A 49 -9.69 -32.41 6.68
C ASP A 49 -10.17 -31.61 7.88
N ILE A 50 -10.81 -30.48 7.63
CA ILE A 50 -11.31 -29.68 8.71
C ILE A 50 -12.47 -30.48 9.29
N ASP A 51 -13.40 -30.90 8.43
CA ASP A 51 -14.53 -31.68 8.93
C ASP A 51 -14.01 -32.94 9.64
N THR A 52 -13.04 -33.61 9.02
CA THR A 52 -12.45 -34.82 9.64
C THR A 52 -11.88 -34.47 11.03
N THR A 53 -11.21 -33.32 11.13
CA THR A 53 -10.64 -32.94 12.42
C THR A 53 -11.71 -32.64 13.45
N MET A 54 -12.80 -31.99 13.02
CA MET A 54 -13.91 -31.69 13.92
C MET A 54 -14.49 -32.95 14.54
N LYS A 55 -14.72 -33.98 13.72
CA LYS A 55 -15.25 -35.24 14.21
C LYS A 55 -14.30 -35.92 15.20
N LEU A 56 -13.01 -35.87 14.89
CA LEU A 56 -11.97 -36.45 15.77
C LEU A 56 -12.01 -35.76 17.14
N LEU A 57 -12.03 -34.43 17.13
CA LEU A 57 -12.05 -33.67 18.36
C LEU A 57 -13.32 -33.99 19.16
N THR A 58 -14.45 -34.10 18.47
CA THR A 58 -15.73 -34.38 19.13
C THR A 58 -15.68 -35.71 19.84
N GLN A 59 -15.04 -36.69 19.18
CA GLN A 59 -14.85 -38.03 19.73
C GLN A 59 -13.95 -37.94 20.99
N LEU A 60 -13.18 -36.86 21.14
CA LEU A 60 -12.34 -36.78 22.34
C LEU A 60 -13.08 -36.08 23.49
N GLY A 61 -14.28 -35.58 23.23
CA GLY A 61 -15.01 -34.92 24.29
C GLY A 61 -15.02 -33.40 24.19
N THR A 62 -14.72 -32.91 22.99
CA THR A 62 -14.67 -31.49 22.70
C THR A 62 -16.02 -31.06 22.11
N LYS A 63 -16.52 -29.92 22.54
CA LYS A 63 -17.78 -29.41 22.01
C LYS A 63 -17.28 -28.67 20.78
N VAL A 64 -17.79 -29.04 19.63
CA VAL A 64 -17.36 -28.43 18.39
C VAL A 64 -18.48 -28.02 17.45
N GLU A 65 -18.38 -26.82 16.89
CA GLU A 65 -19.35 -26.34 15.91
C GLU A 65 -18.67 -25.31 15.06
N ARG A 66 -19.17 -25.14 13.86
CA ARG A 66 -18.59 -24.17 12.93
C ARG A 66 -19.72 -23.58 12.09
N IAS A 67 -19.38 -22.57 11.30
CA IAS A 67 -20.32 -21.90 10.39
C IAS A 67 -20.71 -22.68 9.13
O IAS A 67 -21.56 -22.18 8.35
CB IAS A 67 -19.85 -20.47 10.09
CG IAS A 67 -18.46 -20.43 9.49
OD1 IAS A 67 -17.87 -21.49 9.15
OXT IAS A 67 -20.14 -23.77 8.89
N GLY A 68 -17.92 -19.24 9.31
CA GLY A 68 -16.58 -19.10 8.79
C GLY A 68 -15.61 -19.40 9.93
N SER A 69 -16.13 -19.57 11.15
CA SER A 69 -15.28 -19.87 12.31
C SER A 69 -15.58 -21.27 12.80
N VAL A 70 -14.72 -21.77 13.64
CA VAL A 70 -14.92 -23.07 14.24
C VAL A 70 -14.82 -22.74 15.73
N TRP A 71 -15.88 -23.05 16.46
CA TRP A 71 -15.93 -22.76 17.89
C TRP A 71 -15.60 -24.04 18.63
N ILE A 72 -14.65 -23.95 19.57
CA ILE A 72 -14.20 -25.11 20.33
C ILE A 72 -14.30 -24.97 21.85
N ASP A 73 -14.84 -25.98 22.51
CA ASP A 73 -14.88 -25.96 23.97
C ASP A 73 -14.30 -27.32 24.37
N ALA A 74 -13.03 -27.31 24.77
CA ALA A 74 -12.31 -28.53 25.16
C ALA A 74 -12.23 -28.65 26.69
N SER A 75 -13.07 -27.87 27.38
CA SER A 75 -13.09 -27.88 28.84
C SER A 75 -13.33 -29.25 29.42
N ASN A 76 -14.11 -30.07 28.73
CA ASN A 76 -14.42 -31.40 29.25
C ASN A 76 -13.84 -32.57 28.48
N VAL A 77 -12.78 -32.33 27.70
CA VAL A 77 -12.14 -33.42 26.94
C VAL A 77 -11.90 -34.53 27.95
N ASN A 78 -12.43 -35.72 27.69
CA ASN A 78 -12.28 -36.79 28.66
C ASN A 78 -11.99 -38.17 28.08
N ASN A 79 -11.73 -38.24 26.78
CA ASN A 79 -11.42 -39.50 26.10
C ASN A 79 -10.12 -39.19 25.36
N PHE A 80 -9.07 -39.96 25.67
CA PHE A 80 -7.78 -39.64 25.08
C PHE A 80 -7.31 -40.51 23.94
N SER A 81 -8.25 -41.12 23.23
CA SER A 81 -7.90 -42.02 22.13
C SER A 81 -8.53 -41.67 20.78
N ALA A 82 -7.71 -41.50 19.73
CA ALA A 82 -8.20 -41.20 18.38
C ALA A 82 -8.17 -42.51 17.60
N PRO A 83 -9.35 -43.11 17.33
CA PRO A 83 -9.52 -44.38 16.61
C PRO A 83 -9.32 -44.41 15.11
N TYR A 84 -8.98 -45.61 14.64
CA TYR A 84 -8.73 -45.87 13.23
C TYR A 84 -9.77 -45.24 12.31
N ASP A 85 -11.05 -45.56 12.53
CA ASP A 85 -12.12 -45.05 11.68
C ASP A 85 -12.18 -43.53 11.57
N LEU A 86 -11.71 -42.82 12.60
CA LEU A 86 -11.72 -41.36 12.58
C LEU A 86 -10.44 -40.73 12.04
N VAL A 87 -9.33 -41.48 12.05
CA VAL A 87 -8.04 -40.95 11.59
C VAL A 87 -7.56 -41.48 10.25
N LYS A 88 -8.08 -42.62 9.84
CA LYS A 88 -7.68 -43.29 8.59
C LYS A 88 -7.41 -42.42 7.36
N THR A 89 -8.20 -41.37 7.16
CA THR A 89 -8.02 -40.53 5.98
C THR A 89 -7.06 -39.36 6.20
N MET A 90 -6.58 -39.18 7.42
CA MET A 90 -5.74 -38.02 7.73
C MET A 90 -4.50 -38.20 8.59
N ARG A 91 -3.34 -38.07 7.95
CA ARG A 91 -2.03 -38.18 8.60
C ARG A 91 -1.88 -37.17 9.75
N ALA A 92 -2.38 -35.96 9.53
CA ALA A 92 -2.27 -34.90 10.53
C ALA A 92 -2.89 -35.25 11.89
N SER A 93 -3.64 -36.35 11.95
CA SER A 93 -4.25 -36.76 13.21
C SER A 93 -3.19 -37.00 14.28
N ILE A 94 -1.93 -37.22 13.90
CA ILE A 94 -0.90 -37.43 14.93
C ILE A 94 -0.76 -36.17 15.81
N TRP A 95 -1.24 -35.03 15.32
CA TRP A 95 -1.16 -33.81 16.11
C TRP A 95 -2.03 -33.79 17.37
N ALA A 96 -2.87 -34.80 17.55
CA ALA A 96 -3.68 -34.85 18.76
C ALA A 96 -2.85 -35.43 19.90
N LEU A 97 -1.82 -36.20 19.55
CA LEU A 97 -1.00 -36.82 20.59
C LEU A 97 -0.32 -35.84 21.57
N GLY A 98 0.42 -34.86 21.04
CA GLY A 98 1.12 -33.90 21.90
C GLY A 98 0.25 -33.13 22.88
N PRO A 99 -0.85 -32.53 22.42
CA PRO A 99 -1.72 -31.78 23.32
C PRO A 99 -2.28 -32.69 24.41
N LEU A 100 -2.70 -33.89 24.01
CA LEU A 100 -3.25 -34.83 24.97
C LEU A 100 -2.29 -35.18 26.09
N VAL A 101 -1.08 -35.61 25.73
CA VAL A 101 -0.12 -35.96 26.76
C VAL A 101 0.26 -34.73 27.57
N ALA A 102 0.40 -33.58 26.93
CA ALA A 102 0.79 -32.38 27.65
C ALA A 102 -0.25 -31.94 28.69
N ARG A 103 -1.53 -32.07 28.34
CA ARG A 103 -2.56 -31.63 29.26
C ARG A 103 -3.11 -32.72 30.14
N PHE A 104 -3.20 -33.94 29.63
CA PHE A 104 -3.77 -35.02 30.42
C PHE A 104 -2.79 -36.09 30.86
N GLY A 105 -1.55 -35.97 30.39
CA GLY A 105 -0.55 -36.95 30.77
C GLY A 105 -0.69 -38.27 30.04
N GLN A 106 -1.63 -38.33 29.10
CA GLN A 106 -1.81 -39.56 28.33
C GLN A 106 -2.54 -39.29 27.02
N GLY A 107 -2.26 -40.13 26.02
CA GLY A 107 -2.91 -39.97 24.74
C GLY A 107 -2.54 -41.10 23.80
N GLN A 108 -3.44 -41.45 22.90
CA GLN A 108 -3.12 -42.51 21.95
C GLN A 108 -3.80 -42.24 20.62
N VAL A 109 -3.04 -42.40 19.55
CA VAL A 109 -3.55 -42.15 18.22
C VAL A 109 -3.38 -43.38 17.35
N SER A 110 -4.46 -43.77 16.66
CA SER A 110 -4.42 -44.93 15.77
C SER A 110 -3.44 -44.64 14.67
N LEU A 111 -2.56 -45.59 14.42
CA LEU A 111 -1.53 -45.43 13.42
C LEU A 111 -1.43 -46.64 12.51
N PRO A 112 -1.51 -46.42 11.19
CA PRO A 112 -1.40 -47.53 10.25
C PRO A 112 0.07 -47.95 10.10
N GLY A 113 0.32 -49.16 9.64
CA GLY A 113 1.71 -49.58 9.44
C GLY A 113 2.40 -50.31 10.57
N GLY A 114 1.76 -50.40 11.73
CA GLY A 114 2.35 -51.08 12.87
C GLY A 114 3.77 -50.67 13.26
N CYS A 115 4.54 -51.65 13.71
CA CYS A 115 5.93 -51.47 14.14
C CYS A 115 6.96 -51.58 13.02
N ALA A 116 7.94 -50.69 13.01
CA ALA A 116 8.97 -50.72 11.96
C ALA A 116 10.32 -50.15 12.35
N ILE A 117 11.37 -50.78 11.85
CA ILE A 117 12.75 -50.36 12.10
C ILE A 117 13.04 -49.07 11.34
N GLY A 118 12.65 -49.04 10.06
CA GLY A 118 12.86 -47.87 9.22
C GLY A 118 12.23 -46.58 9.73
N ALA A 119 12.91 -45.47 9.50
CA ALA A 119 12.44 -44.15 9.93
C ALA A 119 11.17 -43.80 9.17
N ARG A 120 10.20 -43.23 9.87
CA ARG A 120 8.93 -42.86 9.27
C ARG A 120 8.59 -41.45 9.73
N PRO A 121 7.73 -40.75 8.99
CA PRO A 121 7.34 -39.38 9.35
C PRO A 121 6.83 -39.29 10.80
N VAL A 122 6.10 -40.30 11.23
CA VAL A 122 5.57 -40.31 12.60
C VAL A 122 6.63 -40.19 13.70
N ASP A 123 7.77 -40.83 13.48
CA ASP A 123 8.84 -40.85 14.48
C ASP A 123 9.31 -39.49 14.96
N LEU A 124 9.36 -38.51 14.08
CA LEU A 124 9.82 -37.21 14.49
C LEU A 124 8.91 -36.69 15.60
N HIS A 125 7.60 -36.93 15.49
CA HIS A 125 6.68 -36.48 16.54
C HIS A 125 6.99 -37.24 17.81
N ILE A 126 7.23 -38.53 17.67
CA ILE A 126 7.52 -39.37 18.81
C ILE A 126 8.82 -38.95 19.54
N PHE A 127 9.88 -38.71 18.78
CA PHE A 127 11.17 -38.32 19.38
C PHE A 127 11.01 -36.98 20.11
N GLY A 128 10.21 -36.09 19.52
CA GLY A 128 10.00 -34.80 20.13
C GLY A 128 9.33 -34.95 21.48
N LEU A 129 8.34 -35.82 21.61
CA LEU A 129 7.66 -35.96 22.88
C LEU A 129 8.53 -36.71 23.87
N GLU A 130 9.39 -37.58 23.35
CA GLU A 130 10.31 -38.32 24.21
C GLU A 130 11.30 -37.34 24.78
N LYS A 131 11.78 -36.42 23.96
CA LYS A 131 12.73 -35.41 24.45
C LYS A 131 12.06 -34.63 25.59
N LEU A 132 10.74 -34.43 25.47
CA LEU A 132 10.01 -33.69 26.50
C LEU A 132 9.66 -34.52 27.72
N GLY A 133 10.09 -35.79 27.74
CA GLY A 133 9.85 -36.63 28.90
C GLY A 133 8.71 -37.64 28.87
N ALA A 134 8.08 -37.83 27.72
CA ALA A 134 6.99 -38.77 27.65
C ALA A 134 7.50 -40.17 27.34
N GLU A 135 6.77 -41.19 27.77
CA GLU A 135 7.13 -42.55 27.46
C GLU A 135 6.24 -42.94 26.31
N ILE A 136 6.81 -43.49 25.26
CA ILE A 136 6.00 -43.85 24.13
C ILE A 136 6.18 -45.29 23.64
N LYS A 137 5.12 -45.87 23.08
CA LYS A 137 5.21 -47.21 22.54
C LYS A 137 4.14 -47.40 21.51
N LEU A 138 4.35 -48.38 20.65
CA LEU A 138 3.41 -48.78 19.61
C LEU A 138 2.80 -50.11 20.01
N GLU A 139 1.48 -50.18 20.07
CA GLU A 139 0.85 -51.44 20.43
C GLU A 139 -0.62 -51.48 20.05
N GLU A 140 -1.06 -52.68 19.65
CA GLU A 140 -2.44 -52.94 19.20
C GLU A 140 -2.87 -51.85 18.22
N GLY A 141 -1.98 -51.52 17.28
CA GLY A 141 -2.26 -50.52 16.23
C GLY A 141 -2.27 -49.03 16.59
N TYR A 142 -1.86 -48.71 17.82
CA TYR A 142 -1.85 -47.32 18.30
C TYR A 142 -0.46 -46.85 18.71
N VAL A 143 -0.27 -45.54 18.70
CA VAL A 143 0.98 -45.03 19.24
C VAL A 143 0.43 -44.52 20.56
N LYS A 144 1.00 -44.94 21.68
CA LYS A 144 0.50 -44.52 22.99
C LYS A 144 1.54 -43.75 23.78
N ALA A 145 1.16 -42.55 24.23
CA ALA A 145 2.07 -41.71 25.00
C ALA A 145 1.55 -41.44 26.40
N SER A 146 2.48 -41.37 27.34
CA SER A 146 2.11 -41.10 28.72
C SER A 146 3.29 -40.43 29.40
N VAL A 147 2.97 -39.76 30.50
CA VAL A 147 3.97 -39.08 31.30
C VAL A 147 3.38 -38.91 32.68
N ASN A 148 4.16 -39.20 33.70
CA ASN A 148 3.68 -39.04 35.07
C ASN A 148 3.73 -37.54 35.27
N GLY A 149 2.61 -36.91 35.59
CA GLY A 149 2.63 -35.48 35.80
C GLY A 149 2.88 -34.67 34.54
N ARG A 150 3.63 -33.59 34.67
CA ARG A 150 3.91 -32.69 33.57
C ARG A 150 5.12 -33.05 32.68
N LEU A 151 5.11 -32.58 31.43
CA LEU A 151 6.24 -32.81 30.53
C LEU A 151 7.36 -31.91 31.08
N LYS A 152 8.57 -32.06 30.58
CA LYS A 152 9.68 -31.25 31.08
C LYS A 152 10.37 -30.56 29.92
N GLY A 153 10.49 -29.23 30.02
CA GLY A 153 11.13 -28.45 28.96
C GLY A 153 12.55 -28.90 28.65
N ALA A 154 12.91 -28.92 27.37
CA ALA A 154 14.25 -29.36 26.99
C ALA A 154 14.77 -28.56 25.83
N HIS A 155 16.08 -28.66 25.61
CA HIS A 155 16.75 -27.98 24.52
C HIS A 155 16.78 -29.01 23.40
N ILE A 156 16.00 -28.76 22.35
CA ILE A 156 15.89 -29.71 21.25
C ILE A 156 16.58 -29.21 20.00
N VAL A 157 17.36 -30.07 19.38
CA VAL A 157 18.03 -29.69 18.16
C VAL A 157 17.46 -30.57 17.06
N MET A 158 16.76 -29.96 16.10
CA MET A 158 16.17 -30.71 15.00
C MET A 158 17.20 -31.03 13.91
N ASP A 159 17.35 -32.30 13.59
CA ASP A 159 18.28 -32.75 12.57
C ASP A 159 17.88 -32.17 11.21
N LYS A 160 16.59 -32.21 10.91
CA LYS A 160 16.11 -31.69 9.65
C LYS A 160 14.85 -30.92 9.93
N VAL A 161 14.61 -29.89 9.15
CA VAL A 161 13.43 -29.08 9.36
C VAL A 161 12.16 -29.91 9.12
N SER A 162 11.24 -29.82 10.05
CA SER A 162 9.99 -30.56 9.99
C SER A 162 8.87 -29.69 10.53
N VAL A 163 7.92 -29.37 9.65
CA VAL A 163 6.78 -28.56 10.07
C VAL A 163 5.95 -29.35 11.09
N GLY A 164 5.70 -30.60 10.80
CA GLY A 164 4.91 -31.41 11.69
C GLY A 164 5.46 -31.57 13.10
N ALA A 165 6.73 -31.91 13.23
CA ALA A 165 7.32 -32.10 14.56
C ALA A 165 7.49 -30.77 15.30
N THR A 166 7.76 -29.70 14.55
CA THR A 166 7.89 -28.40 15.21
C THR A 166 6.57 -28.08 15.91
N VAL A 167 5.45 -28.32 15.22
CA VAL A 167 4.15 -28.04 15.81
C VAL A 167 3.93 -28.86 17.06
N THR A 168 4.22 -30.15 16.97
CA THR A 168 4.01 -31.06 18.09
C THR A 168 4.81 -30.68 19.30
N ILE A 169 6.09 -30.40 19.09
CA ILE A 169 6.99 -30.03 20.17
C ILE A 169 6.56 -28.66 20.74
N MET A 170 6.37 -27.66 19.89
CA MET A 170 5.95 -26.34 20.38
C MET A 170 4.61 -26.38 21.13
N SER A 171 3.62 -27.07 20.58
CA SER A 171 2.31 -27.16 21.23
C SER A 171 2.46 -27.80 22.59
N ALA A 172 3.02 -29.01 22.62
CA ALA A 172 3.21 -29.73 23.86
C ALA A 172 4.09 -28.95 24.86
N ALA A 173 5.10 -28.25 24.33
CA ALA A 173 6.00 -27.48 25.22
C ALA A 173 5.29 -26.42 26.07
N THR A 174 4.24 -25.79 25.53
CA THR A 174 3.53 -24.74 26.25
C THR A 174 3.02 -25.12 27.64
N LEU A 175 2.86 -26.41 27.90
CA LEU A 175 2.41 -26.85 29.23
C LEU A 175 3.49 -27.62 29.98
N ALA A 176 4.71 -27.57 29.45
CA ALA A 176 5.84 -28.25 30.05
C ALA A 176 6.40 -27.44 31.23
N GLU A 177 7.09 -28.10 32.13
CA GLU A 177 7.67 -27.41 33.27
C GLU A 177 9.04 -26.91 32.84
N GLY A 178 9.20 -25.60 32.78
CA GLY A 178 10.46 -25.01 32.38
C GLY A 178 10.47 -24.53 30.95
N THR A 179 11.65 -24.24 30.46
CA THR A 179 11.82 -23.74 29.11
C THR A 179 12.24 -24.80 28.10
N THR A 180 11.72 -24.67 26.89
CA THR A 180 12.02 -25.58 25.79
C THR A 180 12.60 -24.71 24.68
N ILE A 181 13.62 -25.20 24.02
CA ILE A 181 14.20 -24.45 22.93
C ILE A 181 14.30 -25.39 21.74
N ILE A 182 13.72 -24.97 20.63
CA ILE A 182 13.75 -25.78 19.42
C ILE A 182 14.72 -25.15 18.43
N GLU A 183 15.85 -25.82 18.24
CA GLU A 183 16.87 -25.34 17.31
C GLU A 183 16.53 -25.91 15.93
N ASN A 184 16.85 -25.13 14.88
CA ASN A 184 16.57 -25.54 13.51
C ASN A 184 15.06 -25.82 13.34
N ALA A 185 14.24 -24.99 13.93
CA ALA A 185 12.79 -25.11 13.84
C ALA A 185 12.27 -24.77 12.43
N ALA A 186 11.10 -25.30 12.11
CA ALA A 186 10.43 -25.00 10.84
C ALA A 186 10.08 -23.50 10.96
N ARG A 187 10.19 -22.77 9.85
CA ARG A 187 9.96 -21.33 9.83
C ARG A 187 8.67 -20.87 9.12
N GLU A 188 7.99 -21.82 8.45
CA GLU A 188 6.76 -21.52 7.72
C GLU A 188 5.76 -20.60 8.42
N PRO A 189 5.09 -19.76 7.64
CA PRO A 189 4.10 -18.87 8.26
C PRO A 189 3.07 -19.65 9.10
N GLU A 190 2.80 -20.90 8.71
CA GLU A 190 1.85 -21.74 9.44
C GLU A 190 2.34 -22.00 10.87
N ILE A 191 3.66 -22.08 11.05
CA ILE A 191 4.23 -22.27 12.40
C ILE A 191 4.07 -20.96 13.19
N VAL A 192 4.26 -19.84 12.51
CA VAL A 192 4.13 -18.53 13.14
C VAL A 192 2.70 -18.38 13.64
N ASP A 193 1.75 -18.64 12.75
CA ASP A 193 0.34 -18.54 13.05
C ASP A 193 -0.05 -19.46 14.21
N THR A 194 0.50 -20.68 14.23
CA THR A 194 0.19 -21.61 15.33
C THR A 194 0.82 -21.09 16.62
N ALA A 195 2.04 -20.58 16.54
CA ALA A 195 2.67 -20.02 17.74
C ALA A 195 1.81 -18.87 18.25
N ASN A 196 1.38 -17.99 17.35
CA ASN A 196 0.57 -16.81 17.77
C ASN A 196 -0.75 -17.23 18.39
N PHE A 197 -1.29 -18.35 17.94
CA PHE A 197 -2.53 -18.86 18.49
C PHE A 197 -2.27 -19.32 19.90
N LEU A 198 -1.20 -20.09 20.12
CA LEU A 198 -0.88 -20.58 21.46
C LEU A 198 -0.71 -19.38 22.41
N VAL A 199 0.00 -18.35 21.95
CA VAL A 199 0.21 -17.13 22.74
C VAL A 199 -1.12 -16.44 23.07
N ALA A 200 -2.03 -16.32 22.09
CA ALA A 200 -3.32 -15.69 22.36
C ALA A 200 -4.08 -16.46 23.46
N LEU A 201 -3.70 -17.71 23.69
CA LEU A 201 -4.32 -18.52 24.75
C LEU A 201 -3.58 -18.30 26.07
N GLY A 202 -2.40 -17.68 26.00
CA GLY A 202 -1.64 -17.45 27.22
C GLY A 202 -0.29 -18.15 27.32
N ALA A 203 0.19 -18.68 26.21
CA ALA A 203 1.48 -19.35 26.23
C ALA A 203 2.56 -18.31 26.04
N LYS A 204 3.79 -18.68 26.38
CA LYS A 204 4.96 -17.82 26.27
C LYS A 204 5.93 -18.35 25.23
N ILE A 205 5.83 -17.80 24.03
CA ILE A 205 6.66 -18.23 22.93
C ILE A 205 7.29 -17.04 22.24
N SER A 206 8.54 -17.19 21.83
CA SER A 206 9.26 -16.15 21.11
C SER A 206 10.14 -16.88 20.09
N GLY A 207 10.50 -16.19 19.02
CA GLY A 207 11.34 -16.76 17.98
C GLY A 207 10.59 -17.37 16.80
N GLN A 208 9.27 -17.56 16.91
CA GLN A 208 8.53 -18.17 15.81
C GLN A 208 8.80 -17.42 14.53
N GLY A 209 9.22 -18.15 13.50
CA GLY A 209 9.54 -17.54 12.23
C GLY A 209 11.03 -17.50 11.96
N THR A 210 11.83 -17.76 13.00
CA THR A 210 13.29 -17.79 12.86
C THR A 210 13.63 -19.27 13.04
N ASP A 211 14.91 -19.64 12.92
CA ASP A 211 15.28 -21.04 13.11
C ASP A 211 15.26 -21.52 14.56
N ARG A 212 14.98 -20.62 15.52
CA ARG A 212 14.91 -21.01 16.93
C ARG A 212 13.65 -20.48 17.64
N ILE A 213 12.89 -21.40 18.22
CA ILE A 213 11.67 -21.03 18.92
C ILE A 213 11.87 -21.35 20.39
N THR A 214 11.57 -20.39 21.27
CA THR A 214 11.73 -20.63 22.69
C THR A 214 10.37 -20.59 23.38
N ILE A 215 10.07 -21.63 24.15
CA ILE A 215 8.80 -21.72 24.86
C ILE A 215 9.01 -21.78 26.35
N GLU A 216 8.16 -21.08 27.10
CA GLU A 216 8.24 -21.09 28.54
C GLU A 216 6.95 -21.70 29.07
N GLY A 217 7.04 -22.92 29.59
CA GLY A 217 5.85 -23.57 30.09
C GLY A 217 4.97 -22.75 31.02
N VAL A 218 3.67 -23.02 30.99
CA VAL A 218 2.71 -22.37 31.88
C VAL A 218 1.78 -23.47 32.39
N GLU A 219 1.16 -23.25 33.55
CA GLU A 219 0.27 -24.24 34.17
C GLU A 219 -0.92 -24.69 33.32
N ARG A 220 -1.51 -23.75 32.59
CA ARG A 220 -2.70 -24.01 31.80
C ARG A 220 -2.95 -22.88 30.80
N LEU A 221 -3.75 -23.16 29.78
CA LEU A 221 -4.10 -22.17 28.79
C LEU A 221 -5.60 -21.88 28.90
N GLY A 222 -5.99 -20.65 28.58
CA GLY A 222 -7.38 -20.26 28.65
C GLY A 222 -8.04 -20.36 27.30
N GLY A 223 -8.93 -19.43 26.98
CA GLY A 223 -9.61 -19.45 25.69
C GLY A 223 -9.37 -18.16 24.95
N GLY A 224 -10.21 -17.89 23.95
CA GLY A 224 -10.04 -16.66 23.21
C GLY A 224 -10.51 -16.73 21.78
N VAL A 225 -9.99 -15.81 20.96
CA VAL A 225 -10.37 -15.73 19.58
C VAL A 225 -9.12 -15.48 18.78
N TYR A 226 -8.99 -16.19 17.64
CA TYR A 226 -7.82 -16.04 16.78
C TYR A 226 -8.23 -16.27 15.34
N ARG A 227 -7.65 -15.49 14.44
CA ARG A 227 -7.98 -15.61 13.04
C ARG A 227 -6.83 -16.25 12.27
N VAL A 228 -7.14 -17.38 11.64
CA VAL A 228 -6.16 -18.10 10.86
C VAL A 228 -5.67 -17.20 9.74
N LEU A 229 -4.41 -17.31 9.36
CA LEU A 229 -3.90 -16.45 8.30
C LEU A 229 -4.33 -16.94 6.92
N PRO A 230 -4.27 -16.06 5.92
CA PRO A 230 -4.64 -16.34 4.53
C PRO A 230 -3.77 -17.46 3.93
N ASP A 231 -4.33 -18.20 2.98
CA ASP A 231 -3.60 -19.29 2.33
C ASP A 231 -2.71 -18.69 1.27
N ARG A 232 -1.41 -18.60 1.57
CA ARG A 232 -0.42 -18.05 0.65
C ARG A 232 -0.29 -18.79 -0.67
N ILE A 233 -0.51 -20.10 -0.67
CA ILE A 233 -0.38 -20.84 -1.93
C ILE A 233 -1.58 -20.57 -2.83
N GLU A 234 -2.76 -20.50 -2.25
CA GLU A 234 -3.94 -20.17 -3.04
C GLU A 234 -3.71 -18.78 -3.62
N THR A 235 -3.12 -17.89 -2.81
CA THR A 235 -2.86 -16.54 -3.26
C THR A 235 -1.95 -16.53 -4.47
N GLY A 236 -0.81 -17.21 -4.34
CA GLY A 236 0.13 -17.30 -5.43
C GLY A 236 -0.49 -17.91 -6.65
N THR A 237 -1.38 -18.90 -6.43
CA THR A 237 -2.07 -19.59 -7.51
C THR A 237 -2.95 -18.63 -8.31
N PHE A 238 -3.68 -17.78 -7.62
CA PHE A 238 -4.49 -16.80 -8.33
C PHE A 238 -3.65 -15.71 -8.96
N LEU A 239 -2.56 -15.31 -8.29
CA LEU A 239 -1.69 -14.29 -8.86
C LEU A 239 -1.16 -14.84 -10.20
N VAL A 240 -0.75 -16.10 -10.19
CA VAL A 240 -0.25 -16.73 -11.42
C VAL A 240 -1.36 -16.83 -12.49
N ALA A 241 -2.60 -17.10 -12.07
CA ALA A 241 -3.70 -17.18 -13.02
C ALA A 241 -3.75 -15.89 -13.85
N ALA A 242 -3.69 -14.73 -13.20
CA ALA A 242 -3.72 -13.47 -13.94
C ALA A 242 -2.40 -13.27 -14.70
N ALA A 243 -1.28 -13.52 -14.03
CA ALA A 243 0.03 -13.34 -14.67
C ALA A 243 0.20 -14.06 -16.02
N ILE A 244 -0.42 -15.23 -16.16
CA ILE A 244 -0.30 -16.01 -17.39
C ILE A 244 -1.36 -15.71 -18.45
N SER A 245 -2.42 -14.99 -18.09
CA SER A 245 -3.49 -14.69 -19.05
C SER A 245 -3.59 -13.21 -19.45
N GLY A 246 -2.52 -12.47 -19.16
CA GLY A 246 -2.46 -11.05 -19.47
C GLY A 246 -3.52 -10.31 -18.70
N GLY A 247 -3.88 -10.86 -17.54
CA GLY A 247 -4.93 -10.26 -16.74
C GLY A 247 -4.48 -9.29 -15.68
N LYS A 248 -5.43 -8.92 -14.83
CA LYS A 248 -5.22 -7.99 -13.74
C LYS A 248 -6.13 -8.52 -12.63
N ILE A 249 -5.65 -8.52 -11.38
CA ILE A 249 -6.46 -9.07 -10.32
C ILE A 249 -6.06 -8.49 -8.98
N VAL A 250 -6.99 -8.56 -8.04
CA VAL A 250 -6.73 -8.10 -6.68
C VAL A 250 -7.11 -9.27 -5.78
N CYS A 251 -6.22 -9.65 -4.87
CA CYS A 251 -6.52 -10.73 -3.92
C CYS A 251 -6.83 -10.06 -2.59
N ARG A 252 -8.05 -10.25 -2.12
CA ARG A 252 -8.48 -9.67 -0.86
C ARG A 252 -8.18 -10.67 0.21
N ASN A 253 -8.09 -10.17 1.45
CA ASN A 253 -7.82 -11.01 2.60
C ASN A 253 -6.51 -11.77 2.44
N ALA A 254 -5.50 -11.08 1.94
CA ALA A 254 -4.22 -11.70 1.75
C ALA A 254 -3.25 -11.19 2.80
N GLN A 255 -2.01 -11.66 2.72
CA GLN A 255 -0.96 -11.27 3.66
C GLN A 255 0.33 -11.34 2.87
N PRO A 256 0.70 -10.22 2.24
CA PRO A 256 1.91 -10.06 1.42
C PRO A 256 3.22 -10.57 2.01
N ASP A 257 3.46 -10.29 3.28
CA ASP A 257 4.74 -10.70 3.86
C ASP A 257 4.98 -12.21 3.87
N THR A 258 3.94 -13.02 3.63
CA THR A 258 4.14 -14.47 3.62
C THR A 258 4.57 -14.90 2.21
N LEU A 259 4.61 -13.94 1.28
CA LEU A 259 4.94 -14.21 -0.13
C LEU A 259 6.09 -13.41 -0.76
N ASP A 260 7.04 -12.95 0.05
CA ASP A 260 8.15 -12.16 -0.49
C ASP A 260 8.80 -12.73 -1.74
N ALA A 261 9.32 -13.95 -1.65
CA ALA A 261 10.00 -14.53 -2.81
C ALA A 261 9.08 -14.72 -4.03
N VAL A 262 7.83 -15.06 -3.79
CA VAL A 262 6.86 -15.25 -4.90
C VAL A 262 6.57 -13.92 -5.62
N LEU A 263 6.36 -12.85 -4.85
CA LEU A 263 6.11 -11.53 -5.46
C LEU A 263 7.33 -11.07 -6.23
N ALA A 264 8.50 -11.14 -5.62
CA ALA A 264 9.76 -10.72 -6.28
C ALA A 264 9.91 -11.45 -7.60
N LYS A 265 9.55 -12.73 -7.62
CA LYS A 265 9.66 -13.51 -8.85
C LYS A 265 8.59 -13.11 -9.85
N LEU A 266 7.40 -12.79 -9.38
CA LEU A 266 6.35 -12.35 -10.29
C LEU A 266 6.75 -11.00 -10.93
N ARG A 267 7.45 -10.15 -10.19
CA ARG A 267 7.90 -8.86 -10.72
C ARG A 267 8.95 -9.14 -11.80
N GLU A 268 9.82 -10.12 -11.55
CA GLU A 268 10.83 -10.47 -12.54
C GLU A 268 10.19 -11.00 -13.79
N ALA A 269 8.97 -11.50 -13.67
CA ALA A 269 8.28 -12.03 -14.83
C ALA A 269 7.54 -10.92 -15.58
N GLY A 270 7.62 -9.69 -15.06
CA GLY A 270 7.00 -8.57 -15.73
C GLY A 270 5.70 -8.07 -15.12
N ALA A 271 5.31 -8.60 -13.97
CA ALA A 271 4.06 -8.18 -13.35
C ALA A 271 4.18 -6.87 -12.57
N ASP A 272 3.17 -6.02 -12.73
CA ASP A 272 3.10 -4.74 -12.02
C ASP A 272 2.34 -5.03 -10.72
N ILE A 273 3.08 -5.14 -9.62
CA ILE A 273 2.48 -5.48 -8.33
C ILE A 273 2.47 -4.39 -7.29
N GLU A 274 1.34 -4.29 -6.58
CA GLU A 274 1.20 -3.32 -5.49
C GLU A 274 0.66 -4.13 -4.30
N THR A 275 0.94 -3.70 -3.09
CA THR A 275 0.45 -4.41 -1.93
C THR A 275 0.09 -3.46 -0.82
N GLY A 276 -0.77 -3.95 0.07
CA GLY A 276 -1.19 -3.18 1.22
C GLY A 276 -1.12 -4.11 2.42
N GLU A 277 -1.74 -3.71 3.53
CA GLU A 277 -1.75 -4.54 4.73
C GLU A 277 -2.28 -5.96 4.44
N ASP A 278 -3.46 -6.02 3.82
CA ASP A 278 -4.15 -7.27 3.58
C ASP A 278 -4.65 -7.48 2.17
N TRP A 279 -3.93 -6.99 1.17
CA TRP A 279 -4.36 -7.20 -0.22
C TRP A 279 -3.18 -7.15 -1.16
N ILE A 280 -3.34 -7.73 -2.33
CA ILE A 280 -2.28 -7.73 -3.35
C ILE A 280 -2.90 -7.56 -4.70
N SER A 281 -2.35 -6.67 -5.53
CA SER A 281 -2.87 -6.50 -6.87
C SER A 281 -1.75 -6.81 -7.87
N LEU A 282 -2.15 -7.35 -9.02
CA LEU A 282 -1.17 -7.69 -10.04
C LEU A 282 -1.76 -7.30 -11.38
N ASP A 283 -0.94 -6.70 -12.24
CA ASP A 283 -1.42 -6.29 -13.54
C ASP A 283 -0.37 -6.63 -14.58
N MET A 284 -0.79 -7.36 -15.61
CA MET A 284 0.13 -7.73 -16.67
C MET A 284 0.07 -6.68 -17.78
N HIS A 285 -0.93 -5.79 -17.71
CA HIS A 285 -1.14 -4.76 -18.73
C HIS A 285 -1.24 -5.41 -20.10
N GLY A 286 -1.92 -6.54 -20.15
CA GLY A 286 -2.10 -7.25 -21.40
C GLY A 286 -0.88 -7.94 -22.01
N LYS A 287 0.25 -7.94 -21.32
CA LYS A 287 1.47 -8.55 -21.83
C LYS A 287 1.75 -9.99 -21.38
N ARG A 288 2.40 -10.72 -22.27
CA ARG A 288 2.84 -12.10 -22.06
C ARG A 288 3.89 -12.01 -20.95
N PRO A 289 4.04 -13.07 -20.12
CA PRO A 289 5.06 -12.96 -19.07
C PRO A 289 6.50 -13.25 -19.55
N LYS A 290 7.51 -12.81 -18.80
CA LYS A 290 8.93 -13.06 -19.14
C LYS A 290 9.36 -14.29 -18.35
N ALA A 291 10.05 -15.22 -19.00
CA ALA A 291 10.50 -16.42 -18.29
C ALA A 291 11.43 -16.05 -17.15
N VAL A 292 11.38 -16.82 -16.08
CA VAL A 292 12.24 -16.54 -14.95
C VAL A 292 12.92 -17.83 -14.52
N THR A 293 13.80 -17.71 -13.54
CA THR A 293 14.55 -18.83 -12.99
C THR A 293 14.11 -18.98 -11.56
N VAL A 294 13.81 -20.21 -11.18
CA VAL A 294 13.29 -20.50 -9.85
C VAL A 294 13.98 -21.64 -9.12
N ARG A 295 14.24 -21.45 -7.84
CA ARG A 295 14.87 -22.45 -6.99
C ARG A 295 14.08 -22.59 -5.70
N THR A 296 13.42 -23.73 -5.51
CA THR A 296 12.66 -23.91 -4.28
C THR A 296 13.63 -24.20 -3.15
N ALA A 297 13.29 -23.70 -1.96
CA ALA A 297 14.09 -23.91 -0.77
C ALA A 297 13.16 -23.68 0.42
N PRO A 298 13.62 -23.95 1.65
CA PRO A 298 12.74 -23.75 2.81
C PRO A 298 12.27 -22.31 2.93
N HIS A 299 11.12 -22.12 3.54
CA HIS A 299 10.59 -20.78 3.76
C HIS A 299 11.60 -20.05 4.67
N PRO A 300 11.82 -18.73 4.46
CA PRO A 300 11.24 -17.81 3.48
C PRO A 300 11.69 -17.79 2.02
N ALA A 301 12.39 -18.83 1.55
CA ALA A 301 12.81 -18.86 0.14
C ALA A 301 11.60 -19.27 -0.70
N PHE A 302 11.78 -19.38 -2.01
CA PHE A 302 10.69 -19.75 -2.90
C PHE A 302 10.08 -21.11 -2.47
N PRO A 303 8.73 -21.19 -2.35
CA PRO A 303 8.05 -22.43 -1.93
C PRO A 303 7.81 -23.49 -3.01
N THR A 304 8.11 -24.74 -2.68
CA THR A 304 7.90 -25.84 -3.61
C THR A 304 6.41 -25.91 -3.99
N ASP A 305 5.54 -25.49 -3.09
CA ASP A 305 4.10 -25.48 -3.35
C ASP A 305 3.65 -24.51 -4.45
N MET A 306 4.55 -23.67 -4.95
CA MET A 306 4.24 -22.72 -6.04
C MET A 306 5.00 -23.16 -7.28
N GLN A 307 5.74 -24.25 -7.16
CA GLN A 307 6.57 -24.67 -8.28
C GLN A 307 5.90 -25.10 -9.59
N ALA A 308 4.80 -25.85 -9.51
CA ALA A 308 4.10 -26.28 -10.73
C ALA A 308 3.46 -25.07 -11.42
N GLN A 309 2.91 -24.17 -10.62
CA GLN A 309 2.28 -22.99 -11.18
C GLN A 309 3.34 -22.15 -11.92
N PHE A 310 4.51 -21.98 -11.32
CA PHE A 310 5.55 -21.20 -11.98
C PHE A 310 6.13 -21.94 -13.17
N THR A 311 6.03 -23.27 -13.18
CA THR A 311 6.51 -24.02 -14.34
C THR A 311 5.58 -23.65 -15.46
N LEU A 312 4.28 -23.64 -15.17
CA LEU A 312 3.29 -23.28 -16.18
C LEU A 312 3.56 -21.87 -16.69
N LEU A 313 3.87 -20.94 -15.79
CA LEU A 313 4.13 -19.58 -16.22
C LEU A 313 5.29 -19.53 -17.22
N ASN A 314 6.40 -20.21 -16.91
CA ASN A 314 7.52 -20.21 -17.83
C ASN A 314 7.16 -20.80 -19.17
N LEU A 315 6.27 -21.79 -19.17
CA LEU A 315 5.90 -22.47 -20.42
C LEU A 315 5.06 -21.66 -21.38
N VAL A 316 4.56 -20.52 -20.93
CA VAL A 316 3.80 -19.65 -21.82
C VAL A 316 4.46 -18.27 -21.81
N ALA A 317 5.68 -18.20 -21.28
CA ALA A 317 6.40 -16.94 -21.22
C ALA A 317 7.29 -16.76 -22.44
N GLU A 318 7.88 -15.56 -22.54
CA GLU A 318 8.79 -15.25 -23.63
C GLU A 318 10.14 -15.57 -23.04
N GLY A 319 10.88 -16.43 -23.73
CA GLY A 319 12.21 -16.80 -23.25
C GLY A 319 12.27 -18.20 -22.67
N THR A 320 13.41 -18.49 -22.07
CA THR A 320 13.67 -19.78 -21.47
C THR A 320 13.89 -19.58 -19.99
N GLY A 321 13.40 -20.52 -19.18
CA GLY A 321 13.56 -20.41 -17.75
C GLY A 321 13.94 -21.75 -17.14
N VAL A 322 14.48 -21.74 -15.95
CA VAL A 322 14.87 -22.98 -15.32
C VAL A 322 14.20 -23.11 -13.96
N ILE A 323 13.51 -24.23 -13.75
CA ILE A 323 12.88 -24.45 -12.46
C ILE A 323 13.71 -25.52 -11.75
N THR A 324 14.13 -25.26 -10.52
CA THR A 324 14.92 -26.23 -9.78
C THR A 324 14.28 -26.58 -8.45
N GLU A 325 14.08 -27.86 -8.22
CA GLU A 325 13.49 -28.36 -6.98
C GLU A 325 14.56 -28.87 -6.02
N THR A 326 14.59 -28.34 -4.81
CA THR A 326 15.58 -28.82 -3.86
C THR A 326 14.83 -29.42 -2.66
N ILE A 327 13.51 -29.34 -2.72
CA ILE A 327 12.69 -29.88 -1.63
C ILE A 327 12.16 -31.27 -2.00
N PHE A 328 11.61 -31.41 -3.21
CA PHE A 328 11.07 -32.67 -3.73
C PHE A 328 11.59 -32.74 -5.16
N GLU A 329 12.74 -33.39 -5.36
CA GLU A 329 13.35 -33.43 -6.68
C GLU A 329 12.69 -34.30 -7.76
N ASN A 330 11.46 -34.77 -7.49
CA ASN A 330 10.74 -35.62 -8.45
C ASN A 330 9.31 -35.10 -8.72
N ARG A 331 9.03 -33.91 -8.20
CA ARG A 331 7.71 -33.29 -8.33
C ARG A 331 7.51 -32.57 -9.64
N PHE A 332 7.58 -33.29 -10.76
CA PHE A 332 7.41 -32.68 -12.07
C PHE A 332 6.33 -33.39 -12.91
N MET A 333 5.39 -34.03 -12.24
CA MET A 333 4.30 -34.75 -12.90
C MET A 333 3.53 -33.91 -13.93
N HIS A 334 3.45 -32.61 -13.70
CA HIS A 334 2.73 -31.70 -14.58
C HIS A 334 3.38 -31.47 -15.94
N VAL A 335 4.71 -31.53 -15.99
CA VAL A 335 5.46 -31.27 -17.24
C VAL A 335 5.01 -32.07 -18.44
N PRO A 336 4.99 -33.42 -18.35
CA PRO A 336 4.56 -34.26 -19.46
C PRO A 336 3.15 -33.89 -19.92
N GLU A 337 2.29 -33.52 -18.96
CA GLU A 337 0.91 -33.13 -19.28
C GLU A 337 0.85 -31.77 -20.01
N LEU A 338 1.70 -30.84 -19.60
CA LEU A 338 1.72 -29.51 -20.24
C LEU A 338 2.33 -29.68 -21.64
N ILE A 339 3.25 -30.65 -21.78
CA ILE A 339 3.85 -30.90 -23.09
C ILE A 339 2.78 -31.44 -24.04
N ARG A 340 1.83 -32.22 -23.52
CA ARG A 340 0.75 -32.73 -24.34
C ARG A 340 -0.21 -31.60 -24.68
N MET A 341 0.00 -30.44 -24.08
CA MET A 341 -0.84 -29.27 -24.37
C MET A 341 -0.10 -28.29 -25.30
N GLY A 342 1.07 -28.72 -25.81
CA GLY A 342 1.84 -27.89 -26.72
C GLY A 342 3.10 -27.28 -26.14
N ALA A 343 3.38 -27.52 -24.87
CA ALA A 343 4.60 -26.93 -24.29
C ALA A 343 5.87 -27.58 -24.78
N HIS A 344 7.00 -26.97 -24.41
CA HIS A 344 8.35 -27.46 -24.75
C HIS A 344 9.18 -27.37 -23.48
N ALA A 345 9.62 -28.51 -22.97
CA ALA A 345 10.40 -28.49 -21.75
C ALA A 345 11.20 -29.77 -21.57
N GLU A 346 12.35 -29.65 -20.94
CA GLU A 346 13.17 -30.82 -20.70
C GLU A 346 13.29 -31.00 -19.22
N ILE A 347 13.21 -32.23 -18.76
CA ILE A 347 13.36 -32.48 -17.35
C ILE A 347 14.77 -33.05 -17.21
N GLU A 348 15.59 -32.42 -16.38
CA GLU A 348 16.95 -32.89 -16.18
C GLU A 348 17.20 -33.07 -14.71
N SER A 349 17.00 -34.28 -14.23
CA SER A 349 17.23 -34.52 -12.82
C SER A 349 16.20 -33.76 -11.97
N ASN A 350 16.69 -32.85 -11.12
CA ASN A 350 15.80 -32.10 -10.24
C ASN A 350 15.47 -30.71 -10.79
N THR A 351 15.52 -30.54 -12.11
CA THR A 351 15.23 -29.25 -12.73
C THR A 351 14.42 -29.40 -14.02
N VAL A 352 13.75 -28.33 -14.44
CA VAL A 352 12.99 -28.35 -15.68
C VAL A 352 13.43 -27.15 -16.50
N ILE A 353 13.83 -27.39 -17.73
CA ILE A 353 14.24 -26.31 -18.62
C ILE A 353 12.99 -25.96 -19.44
N CYS A 354 12.50 -24.73 -19.32
CA CYS A 354 11.30 -24.33 -20.05
C CYS A 354 11.57 -23.36 -21.19
N HIS A 355 10.94 -23.60 -22.33
CA HIS A 355 11.09 -22.75 -23.48
C HIS A 355 9.67 -22.29 -23.81
N GLY A 356 9.30 -21.11 -23.29
CA GLY A 356 7.96 -20.60 -23.49
C GLY A 356 7.40 -20.57 -24.90
N VAL A 357 6.17 -21.06 -25.07
CA VAL A 357 5.52 -21.03 -26.38
C VAL A 357 4.40 -20.00 -26.34
N GLU A 358 3.83 -19.71 -27.50
CA GLU A 358 2.79 -18.70 -27.60
C GLU A 358 1.45 -19.10 -27.02
N LYS A 359 0.90 -20.22 -27.49
CA LYS A 359 -0.39 -20.68 -26.99
C LYS A 359 -0.41 -22.19 -26.79
N LEU A 360 -1.13 -22.63 -25.75
CA LEU A 360 -1.26 -24.06 -25.45
C LEU A 360 -2.51 -24.52 -26.16
N SER A 361 -2.67 -25.84 -26.30
CA SER A 361 -3.84 -26.43 -26.95
C SER A 361 -4.54 -27.32 -25.93
N GLY A 362 -5.87 -27.37 -25.97
CA GLY A 362 -6.61 -28.20 -25.04
C GLY A 362 -6.30 -29.67 -25.17
N ALA A 363 -6.36 -30.39 -24.05
CA ALA A 363 -6.11 -31.82 -24.05
C ALA A 363 -6.73 -32.37 -22.78
N GLN A 364 -6.74 -33.70 -22.68
CA GLN A 364 -7.25 -34.39 -21.51
C GLN A 364 -6.03 -34.60 -20.65
N VAL A 365 -6.04 -34.09 -19.42
CA VAL A 365 -4.86 -34.25 -18.59
C VAL A 365 -5.22 -34.58 -17.16
N MET A 366 -4.20 -34.88 -16.36
CA MET A 366 -4.43 -35.22 -14.99
C MET A 366 -3.13 -35.30 -14.19
N ALA A 367 -3.20 -34.97 -12.91
CA ALA A 367 -2.07 -35.04 -12.00
C ALA A 367 -2.68 -35.37 -10.65
N THR A 368 -1.96 -36.11 -9.82
CA THR A 368 -2.46 -36.49 -8.50
C THR A 368 -2.00 -35.55 -7.37
N ASP A 369 -1.14 -34.62 -7.71
CA ASP A 369 -0.67 -33.64 -6.74
C ASP A 369 -1.57 -32.40 -6.89
N LEU A 370 -2.06 -31.92 -5.76
CA LEU A 370 -2.94 -30.76 -5.66
C LEU A 370 -2.53 -29.52 -6.48
N ARG A 371 -1.27 -29.12 -6.35
CA ARG A 371 -0.74 -27.93 -7.02
C ARG A 371 -0.60 -28.16 -8.52
N ALA A 372 -0.11 -29.32 -8.90
CA ALA A 372 0.03 -29.63 -10.30
C ALA A 372 -1.36 -29.68 -10.92
N SER A 373 -2.34 -30.16 -10.17
CA SER A 373 -3.70 -30.27 -10.71
C SER A 373 -4.29 -28.87 -10.93
N ALA A 374 -4.09 -28.00 -9.96
CA ALA A 374 -4.58 -26.63 -10.07
C ALA A 374 -3.89 -25.97 -11.28
N SER A 375 -2.60 -26.28 -11.47
CA SER A 375 -1.87 -25.71 -12.61
C SER A 375 -2.46 -26.14 -13.96
N LEU A 376 -2.92 -27.38 -14.03
CA LEU A 376 -3.51 -27.88 -15.26
C LEU A 376 -4.85 -27.18 -15.48
N VAL A 377 -5.54 -26.83 -14.41
CA VAL A 377 -6.80 -26.12 -14.63
C VAL A 377 -6.51 -24.73 -15.21
N LEU A 378 -5.51 -24.05 -14.63
CA LEU A 378 -5.11 -22.74 -15.12
C LEU A 378 -4.69 -22.82 -16.57
N ALA A 379 -3.94 -23.86 -16.93
CA ALA A 379 -3.49 -24.03 -18.32
C ALA A 379 -4.69 -24.18 -19.23
N GLY A 380 -5.71 -24.88 -18.77
CA GLY A 380 -6.90 -25.05 -19.57
C GLY A 380 -7.56 -23.71 -19.78
N CYS A 381 -7.47 -22.83 -18.79
CA CYS A 381 -8.11 -21.53 -18.92
C CYS A 381 -7.55 -20.70 -20.06
N ILE A 382 -6.24 -20.84 -20.30
CA ILE A 382 -5.55 -20.10 -21.34
C ILE A 382 -5.25 -20.88 -22.63
N ALA A 383 -5.51 -22.19 -22.62
CA ALA A 383 -5.25 -23.00 -23.82
C ALA A 383 -6.37 -22.87 -24.87
N GLU A 384 -6.01 -23.07 -26.13
CA GLU A 384 -6.97 -22.99 -27.23
C GLU A 384 -7.85 -24.24 -27.20
N GLY A 385 -9.17 -24.03 -27.18
CA GLY A 385 -10.09 -25.16 -27.17
C GLY A 385 -10.56 -25.65 -25.81
N THR A 386 -10.84 -26.95 -25.75
CA THR A 386 -11.34 -27.59 -24.54
C THR A 386 -10.31 -28.48 -23.85
N THR A 387 -10.25 -28.37 -22.52
CA THR A 387 -9.33 -29.15 -21.74
C THR A 387 -10.17 -29.90 -20.71
N VAL A 388 -9.79 -31.12 -20.38
CA VAL A 388 -10.52 -31.87 -19.39
C VAL A 388 -9.49 -32.29 -18.36
N VAL A 389 -9.62 -31.74 -17.17
CA VAL A 389 -8.72 -32.07 -16.09
C VAL A 389 -9.49 -33.06 -15.25
N ASP A 390 -8.94 -34.27 -15.16
CA ASP A 390 -9.52 -35.38 -14.43
C ASP A 390 -9.03 -35.47 -12.99
N ARG A 391 -9.82 -36.14 -12.13
CA ARG A 391 -9.47 -36.36 -10.75
C ARG A 391 -9.27 -35.06 -9.98
N ILE A 392 -10.20 -34.15 -10.14
CA ILE A 392 -10.13 -32.85 -9.49
C ILE A 392 -10.41 -32.90 -8.01
N TYR A 393 -10.73 -34.08 -7.47
CA TYR A 393 -10.99 -34.17 -6.03
C TYR A 393 -9.74 -33.79 -5.22
N HIS A 394 -8.56 -33.84 -5.83
CA HIS A 394 -7.34 -33.47 -5.10
C HIS A 394 -7.44 -31.97 -4.85
N ILE A 395 -7.92 -31.24 -5.86
CA ILE A 395 -8.13 -29.82 -5.77
C ILE A 395 -9.23 -29.50 -4.77
N ASP A 396 -10.34 -30.25 -4.82
CA ASP A 396 -11.44 -30.02 -3.88
C ASP A 396 -10.95 -30.11 -2.44
N ARG A 397 -9.99 -30.98 -2.17
CA ARG A 397 -9.49 -31.11 -0.80
C ARG A 397 -8.59 -30.00 -0.32
N GLY A 398 -7.98 -29.25 -1.23
CA GLY A 398 -7.10 -28.18 -0.79
C GLY A 398 -7.43 -26.76 -1.18
N TYR A 399 -8.41 -26.57 -2.05
CA TYR A 399 -8.80 -25.24 -2.50
C TYR A 399 -10.28 -25.13 -2.20
N GLU A 400 -10.68 -24.03 -1.60
CA GLU A 400 -12.07 -23.81 -1.28
C GLU A 400 -12.75 -23.20 -2.51
N ARG A 401 -13.82 -23.83 -2.98
CA ARG A 401 -14.57 -23.30 -4.12
C ARG A 401 -13.70 -22.72 -5.22
N ILE A 402 -12.72 -23.48 -5.65
CA ILE A 402 -11.88 -22.95 -6.71
C ILE A 402 -12.72 -22.70 -7.97
N GLU A 403 -13.77 -23.49 -8.18
CA GLU A 403 -14.62 -23.36 -9.36
C GLU A 403 -15.33 -22.02 -9.42
N ASP A 404 -15.91 -21.61 -8.31
CA ASP A 404 -16.57 -20.32 -8.26
C ASP A 404 -15.58 -19.19 -8.43
N LYS A 405 -14.45 -19.28 -7.73
CA LYS A 405 -13.44 -18.22 -7.79
C LYS A 405 -12.94 -17.96 -9.19
N LEU A 406 -12.74 -19.02 -9.97
CA LEU A 406 -12.26 -18.88 -11.34
C LEU A 406 -13.36 -18.36 -12.27
N ARG A 407 -14.58 -18.83 -12.06
CA ARG A 407 -15.68 -18.39 -12.87
C ARG A 407 -15.83 -16.87 -12.70
N ALA A 408 -15.69 -16.37 -11.46
CA ALA A 408 -15.78 -14.93 -11.22
C ALA A 408 -14.61 -14.17 -11.88
N LEU A 409 -13.54 -14.87 -12.25
CA LEU A 409 -12.41 -14.17 -12.88
C LEU A 409 -12.57 -14.23 -14.38
N GLY A 410 -13.64 -14.88 -14.83
CA GLY A 410 -13.89 -14.98 -16.25
C GLY A 410 -13.61 -16.36 -16.81
N ALA A 411 -13.40 -17.35 -15.96
CA ALA A 411 -13.12 -18.67 -16.51
C ALA A 411 -14.38 -19.34 -17.09
N ASN A 412 -14.16 -20.13 -18.13
CA ASN A 412 -15.24 -20.90 -18.74
C ASN A 412 -14.97 -22.33 -18.28
N ILE A 413 -15.60 -22.68 -17.16
CA ILE A 413 -15.36 -23.95 -16.53
C ILE A 413 -16.61 -24.67 -16.05
N GLU A 414 -16.56 -26.00 -16.03
CA GLU A 414 -17.70 -26.77 -15.61
C GLU A 414 -17.26 -28.06 -14.95
N ARG A 415 -17.93 -28.43 -13.85
CA ARG A 415 -17.63 -29.70 -13.21
C ARG A 415 -18.48 -30.78 -13.88
N VAL A 416 -17.85 -31.91 -14.19
CA VAL A 416 -18.53 -33.02 -14.83
C VAL A 416 -18.46 -34.20 -13.88
N LYS A 417 -19.63 -34.65 -13.40
CA LYS A 417 -19.80 -35.76 -12.47
C LYS A 417 -19.92 -37.10 -13.15
N GLY A 418 -20.31 -38.10 -12.36
CA GLY A 418 -20.55 -39.45 -12.87
C GLY A 418 -19.39 -40.38 -13.13
N GLU A 419 -19.15 -40.64 -14.41
CA GLU A 419 -18.08 -41.54 -14.86
C GLU A 419 -16.72 -40.85 -14.84
N MET B 1 -6.17 -40.97 -27.04
CA MET B 1 -5.33 -41.60 -25.97
C MET B 1 -5.86 -43.00 -25.67
N ASP B 2 -5.21 -44.02 -26.24
CA ASP B 2 -5.62 -45.41 -26.05
C ASP B 2 -5.59 -45.85 -24.59
N LYS B 3 -6.41 -46.83 -24.27
CA LYS B 3 -6.51 -47.37 -22.93
C LYS B 3 -6.84 -48.84 -23.12
N PHE B 4 -6.68 -49.62 -22.07
CA PHE B 4 -7.06 -51.02 -22.15
C PHE B 4 -8.23 -51.20 -21.21
N ARG B 5 -9.30 -51.82 -21.66
CA ARG B 5 -10.41 -52.12 -20.76
C ARG B 5 -10.18 -53.60 -20.48
N VAL B 6 -9.96 -53.93 -19.20
CA VAL B 6 -9.71 -55.32 -18.81
C VAL B 6 -10.84 -55.81 -17.93
N GLN B 7 -11.13 -57.11 -17.97
CA GLN B 7 -12.20 -57.69 -17.15
C GLN B 7 -11.68 -58.89 -16.41
N GLY B 8 -11.96 -58.95 -15.11
CA GLY B 8 -11.50 -60.06 -14.32
C GLY B 8 -12.57 -60.55 -13.38
N PRO B 9 -12.26 -61.56 -12.56
CA PRO B 9 -10.94 -62.18 -12.53
C PRO B 9 -10.73 -63.31 -13.55
N THR B 10 -9.53 -63.36 -14.12
CA THR B 10 -9.20 -64.43 -15.06
C THR B 10 -7.88 -65.06 -14.67
N ARG B 11 -7.78 -66.37 -14.85
CA ARG B 11 -6.55 -67.08 -14.55
C ARG B 11 -5.71 -66.95 -15.81
N LEU B 12 -4.45 -66.58 -15.65
CA LEU B 12 -3.60 -66.42 -16.82
C LEU B 12 -2.74 -67.64 -16.96
N GLN B 13 -2.93 -68.40 -18.03
CA GLN B 13 -2.12 -69.60 -18.19
C GLN B 13 -1.86 -69.98 -19.62
N GLY B 14 -0.90 -70.87 -19.82
CA GLY B 14 -0.58 -71.29 -21.16
C GLY B 14 0.87 -71.03 -21.48
N GLU B 15 1.12 -70.52 -22.67
CA GLU B 15 2.48 -70.24 -23.12
C GLU B 15 2.62 -68.86 -23.72
N VAL B 16 3.83 -68.31 -23.64
CA VAL B 16 4.08 -67.01 -24.24
C VAL B 16 5.49 -67.11 -24.84
N THR B 17 5.71 -66.46 -25.97
CA THR B 17 7.04 -66.49 -26.58
C THR B 17 7.65 -65.13 -26.29
N ILE B 18 8.78 -65.13 -25.60
CA ILE B 18 9.46 -63.91 -25.21
C ILE B 18 10.15 -63.19 -26.35
N SER B 19 9.96 -61.87 -26.41
CA SER B 19 10.59 -61.03 -27.44
C SER B 19 12.05 -60.74 -27.09
N GLY B 20 12.77 -60.24 -28.08
CA GLY B 20 14.15 -59.88 -27.87
C GLY B 20 14.14 -58.60 -27.07
N ALA B 21 15.21 -58.36 -26.31
CA ALA B 21 15.31 -57.18 -25.45
C ALA B 21 15.65 -55.90 -26.20
N LYS B 22 14.76 -54.92 -26.12
CA LYS B 22 15.00 -53.64 -26.78
C LYS B 22 16.27 -53.01 -26.18
N ASN B 23 16.50 -53.23 -24.89
CA ASN B 23 17.67 -52.65 -24.22
C ASN B 23 18.98 -53.28 -24.59
N ALA B 24 18.93 -54.41 -25.29
CA ALA B 24 20.15 -55.07 -25.77
C ALA B 24 20.20 -54.77 -27.27
N ALA B 25 19.04 -54.77 -27.92
CA ALA B 25 19.03 -54.47 -29.35
C ALA B 25 19.50 -53.06 -29.68
N LEU B 26 19.07 -52.05 -28.92
CA LEU B 26 19.48 -50.68 -29.24
C LEU B 26 21.01 -50.52 -29.24
N PRO B 27 21.68 -50.85 -28.12
CA PRO B 27 23.13 -50.70 -28.12
C PRO B 27 23.82 -51.56 -29.18
N ILE B 28 23.27 -52.75 -29.49
CA ILE B 28 23.86 -53.60 -30.52
C ILE B 28 23.68 -52.93 -31.91
N LEU B 29 22.53 -52.32 -32.14
CA LEU B 29 22.31 -51.62 -33.41
C LEU B 29 23.32 -50.47 -33.58
N PHE B 30 23.57 -49.70 -32.54
CA PHE B 30 24.55 -48.63 -32.71
C PHE B 30 25.95 -49.22 -32.79
N ALA B 31 26.18 -50.31 -32.07
CA ALA B 31 27.51 -50.91 -32.16
C ALA B 31 27.72 -51.36 -33.62
N ALA B 32 26.65 -51.69 -34.35
CA ALA B 32 26.82 -52.11 -35.74
C ALA B 32 27.46 -51.05 -36.62
N LEU B 33 27.51 -49.80 -36.15
CA LEU B 33 28.18 -48.74 -36.93
C LEU B 33 29.68 -49.01 -37.06
N LEU B 34 30.21 -49.86 -36.17
CA LEU B 34 31.62 -50.23 -36.21
C LEU B 34 31.88 -51.35 -37.24
N ALA B 35 30.83 -52.04 -37.67
CA ALA B 35 31.01 -53.18 -38.56
C ALA B 35 31.32 -52.82 -40.02
N GLU B 36 32.37 -53.43 -40.58
CA GLU B 36 32.73 -53.14 -41.95
C GLU B 36 32.10 -54.07 -42.99
N GLU B 37 31.52 -55.16 -42.52
CA GLU B 37 30.88 -56.09 -43.42
C GLU B 37 29.43 -56.25 -42.99
N PRO B 38 28.56 -56.78 -43.86
CA PRO B 38 27.16 -56.93 -43.47
C PRO B 38 26.95 -57.71 -42.18
N VAL B 39 26.02 -57.22 -41.40
CA VAL B 39 25.71 -57.82 -40.12
C VAL B 39 24.21 -58.14 -40.08
N GLU B 40 23.84 -59.27 -39.50
CA GLU B 40 22.42 -59.61 -39.37
C GLU B 40 22.16 -59.71 -37.89
N ILE B 41 21.16 -58.99 -37.40
CA ILE B 41 20.84 -59.02 -35.97
C ILE B 41 19.47 -59.66 -35.87
N GLN B 42 19.42 -60.82 -35.22
CA GLN B 42 18.20 -61.56 -35.08
C GLN B 42 17.47 -61.30 -33.77
N ASN B 43 16.19 -61.66 -33.78
CA ASN B 43 15.34 -61.54 -32.60
C ASN B 43 15.21 -60.06 -32.12
N VAL B 44 15.06 -59.14 -33.06
CA VAL B 44 14.94 -57.72 -32.75
C VAL B 44 13.46 -57.37 -32.70
N PRO B 45 13.02 -56.88 -31.53
CA PRO B 45 11.61 -56.51 -31.34
C PRO B 45 11.17 -55.41 -32.28
N LYS B 46 9.87 -55.34 -32.53
CA LYS B 46 9.29 -54.31 -33.38
C LYS B 46 8.70 -53.27 -32.43
N LEU B 47 9.51 -52.25 -32.14
CA LEU B 47 9.11 -51.17 -31.26
C LEU B 47 9.56 -49.87 -31.88
N LYS B 48 8.95 -48.79 -31.41
CA LYS B 48 9.25 -47.47 -31.88
C LYS B 48 10.74 -47.11 -31.89
N ASP B 49 11.45 -47.35 -30.80
CA ASP B 49 12.87 -46.99 -30.79
C ASP B 49 13.71 -47.77 -31.81
N ILE B 50 13.30 -49.00 -32.14
CA ILE B 50 14.05 -49.75 -33.15
C ILE B 50 13.88 -49.01 -34.49
N ASP B 51 12.63 -48.63 -34.78
CA ASP B 51 12.32 -47.91 -36.00
C ASP B 51 13.08 -46.61 -36.07
N THR B 52 13.09 -45.89 -34.97
CA THR B 52 13.80 -44.62 -34.91
C THR B 52 15.31 -44.84 -35.11
N THR B 53 15.81 -45.93 -34.55
CA THR B 53 17.22 -46.20 -34.70
C THR B 53 17.57 -46.51 -36.17
N MET B 54 16.73 -47.27 -36.85
CA MET B 54 16.99 -47.60 -38.25
C MET B 54 17.06 -46.35 -39.12
N LYS B 55 16.16 -45.42 -38.81
CA LYS B 55 16.09 -44.16 -39.56
C LYS B 55 17.35 -43.38 -39.31
N LEU B 56 17.79 -43.37 -38.07
CA LEU B 56 18.99 -42.67 -37.70
C LEU B 56 20.17 -43.28 -38.44
N LEU B 57 20.31 -44.62 -38.38
CA LEU B 57 21.39 -45.29 -39.07
C LEU B 57 21.40 -44.99 -40.57
N THR B 58 20.22 -45.06 -41.19
CA THR B 58 20.10 -44.82 -42.63
C THR B 58 20.66 -43.45 -42.96
N GLN B 59 20.28 -42.46 -42.16
CA GLN B 59 20.75 -41.08 -42.32
C GLN B 59 22.29 -40.93 -42.25
N LEU B 60 22.98 -41.87 -41.61
CA LEU B 60 24.43 -41.77 -41.55
C LEU B 60 25.06 -42.43 -42.79
N GLY B 61 24.24 -43.13 -43.59
CA GLY B 61 24.72 -43.79 -44.80
C GLY B 61 24.78 -45.31 -44.67
N THR B 62 24.09 -45.85 -43.67
CA THR B 62 24.04 -47.28 -43.42
C THR B 62 22.92 -47.83 -44.30
N LYS B 63 23.08 -49.04 -44.84
CA LYS B 63 21.98 -49.65 -45.61
C LYS B 63 21.30 -50.47 -44.53
N VAL B 64 20.02 -50.21 -44.29
CA VAL B 64 19.29 -50.88 -43.22
C VAL B 64 17.94 -51.45 -43.66
N GLU B 65 17.66 -52.69 -43.28
CA GLU B 65 16.37 -53.31 -43.57
C GLU B 65 16.03 -54.31 -42.49
N ARG B 66 14.73 -54.52 -42.26
CA ARG B 66 14.28 -55.48 -41.24
C ARG B 66 13.05 -56.27 -41.68
N IAS B 67 12.67 -57.24 -40.86
CA IAS B 67 11.48 -58.05 -41.12
C IAS B 67 10.18 -57.42 -40.58
O IAS B 67 9.19 -58.18 -40.42
CB IAS B 67 11.68 -59.48 -40.63
CG IAS B 67 11.90 -59.53 -39.14
OD1 IAS B 67 11.83 -58.48 -38.47
OXT IAS B 67 10.16 -56.19 -40.32
N GLY B 68 12.15 -60.72 -38.59
CA GLY B 68 12.42 -60.86 -37.17
C GLY B 68 13.83 -60.33 -36.89
N SER B 69 14.61 -60.18 -37.96
CA SER B 69 15.99 -59.67 -37.88
C SER B 69 16.06 -58.26 -38.49
N VAL B 70 17.20 -57.61 -38.26
CA VAL B 70 17.51 -56.32 -38.85
C VAL B 70 18.82 -56.55 -39.61
N TRP B 71 18.86 -56.28 -40.91
CA TRP B 71 20.10 -56.48 -41.68
C TRP B 71 20.75 -55.14 -41.86
N ILE B 72 21.99 -55.05 -41.40
CA ILE B 72 22.74 -53.81 -41.46
C ILE B 72 24.02 -53.90 -42.32
N ASP B 73 24.24 -52.90 -43.16
CA ASP B 73 25.47 -52.82 -43.95
C ASP B 73 25.96 -51.39 -43.78
N ALA B 74 26.98 -51.23 -42.92
CA ALA B 74 27.54 -49.92 -42.64
C ALA B 74 28.92 -49.76 -43.27
N SER B 75 29.19 -50.54 -44.31
CA SER B 75 30.49 -50.44 -44.95
C SER B 75 30.66 -49.05 -45.56
N ASN B 76 29.56 -48.37 -45.85
CA ASN B 76 29.66 -47.05 -46.46
C ASN B 76 29.19 -45.82 -45.71
N VAL B 77 29.14 -45.90 -44.38
CA VAL B 77 28.72 -44.77 -43.55
C VAL B 77 29.56 -43.57 -43.98
N ASN B 78 28.92 -42.46 -44.29
CA ASN B 78 29.66 -41.30 -44.76
C ASN B 78 29.12 -39.97 -44.27
N ASN B 79 28.20 -40.01 -43.32
CA ASN B 79 27.67 -38.77 -42.76
C ASN B 79 27.77 -39.05 -41.27
N PHE B 80 28.29 -38.10 -40.49
CA PHE B 80 28.52 -38.37 -39.09
C PHE B 80 27.73 -37.50 -38.13
N SER B 81 26.56 -37.06 -38.57
CA SER B 81 25.73 -36.20 -37.79
C SER B 81 24.33 -36.77 -37.61
N ALA B 82 23.90 -36.89 -36.36
CA ALA B 82 22.55 -37.36 -36.06
C ALA B 82 21.78 -36.06 -35.77
N PRO B 83 20.92 -35.64 -36.72
CA PRO B 83 20.13 -34.41 -36.55
C PRO B 83 18.98 -34.50 -35.55
N TYR B 84 18.59 -33.32 -35.04
CA TYR B 84 17.52 -33.14 -34.06
C TYR B 84 16.23 -33.85 -34.43
N ASP B 85 15.81 -33.67 -35.68
CA ASP B 85 14.59 -34.27 -36.17
C ASP B 85 14.56 -35.80 -35.98
N LEU B 86 15.73 -36.43 -36.05
CA LEU B 86 15.78 -37.88 -35.88
C LEU B 86 16.11 -38.36 -34.47
N VAL B 87 16.62 -37.51 -33.59
CA VAL B 87 16.95 -37.96 -32.24
C VAL B 87 16.05 -37.42 -31.15
N LYS B 88 15.18 -36.46 -31.47
CA LYS B 88 14.33 -35.83 -30.45
C LYS B 88 13.49 -36.78 -29.59
N THR B 89 13.05 -37.90 -30.15
CA THR B 89 12.24 -38.83 -29.36
C THR B 89 13.04 -39.94 -28.68
N MET B 90 14.36 -39.94 -28.82
CA MET B 90 15.14 -41.03 -28.26
C MET B 90 16.52 -40.61 -27.79
N ARG B 91 16.71 -40.59 -26.47
CA ARG B 91 17.99 -40.20 -25.93
C ARG B 91 19.09 -41.23 -26.20
N ALA B 92 18.73 -42.49 -26.34
CA ALA B 92 19.71 -43.53 -26.63
C ALA B 92 20.49 -43.18 -27.92
N SER B 93 20.02 -42.20 -28.68
CA SER B 93 20.71 -41.79 -29.89
C SER B 93 22.18 -41.36 -29.60
N ILE B 94 22.50 -41.03 -28.34
CA ILE B 94 23.86 -40.65 -28.00
C ILE B 94 24.84 -41.83 -28.23
N TRP B 95 24.33 -43.06 -28.29
CA TRP B 95 25.16 -44.22 -28.55
C TRP B 95 25.78 -44.23 -29.93
N ALA B 96 25.41 -43.28 -30.78
CA ALA B 96 25.98 -43.22 -32.12
C ALA B 96 27.32 -42.49 -32.08
N LEU B 97 27.52 -41.69 -31.03
CA LEU B 97 28.75 -40.89 -30.93
C LEU B 97 30.05 -41.71 -30.82
N GLY B 98 30.12 -42.61 -29.86
CA GLY B 98 31.33 -43.41 -29.70
C GLY B 98 31.77 -44.16 -30.95
N PRO B 99 30.87 -44.90 -31.60
CA PRO B 99 31.19 -45.65 -32.83
C PRO B 99 31.72 -44.78 -33.96
N LEU B 100 31.08 -43.64 -34.21
CA LEU B 100 31.56 -42.75 -35.25
C LEU B 100 32.94 -42.22 -34.94
N VAL B 101 33.16 -41.86 -33.66
CA VAL B 101 34.45 -41.33 -33.29
C VAL B 101 35.51 -42.42 -33.37
N ALA B 102 35.19 -43.61 -32.85
CA ALA B 102 36.18 -44.68 -32.85
C ALA B 102 36.57 -45.16 -34.27
N ARG B 103 35.62 -45.16 -35.20
CA ARG B 103 35.87 -45.64 -36.56
C ARG B 103 36.27 -44.59 -37.58
N PHE B 104 35.66 -43.42 -37.49
CA PHE B 104 35.96 -42.38 -38.46
C PHE B 104 36.72 -41.19 -37.94
N GLY B 105 36.81 -41.07 -36.62
CA GLY B 105 37.55 -39.95 -36.05
C GLY B 105 36.69 -38.81 -35.57
N GLN B 106 35.42 -38.79 -35.96
CA GLN B 106 34.53 -37.72 -35.51
C GLN B 106 33.07 -38.09 -35.66
N GLY B 107 32.23 -37.34 -34.96
CA GLY B 107 30.80 -37.56 -35.00
C GLY B 107 30.11 -36.50 -34.18
N GLN B 108 28.81 -36.35 -34.42
CA GLN B 108 28.04 -35.38 -33.68
C GLN B 108 26.57 -35.80 -33.59
N VAL B 109 26.00 -35.65 -32.41
CA VAL B 109 24.63 -36.05 -32.14
C VAL B 109 23.89 -34.84 -31.62
N SER B 110 22.76 -34.51 -32.24
CA SER B 110 21.94 -33.40 -31.78
C SER B 110 21.61 -33.66 -30.30
N LEU B 111 21.69 -32.61 -29.51
CA LEU B 111 21.42 -32.75 -28.09
C LEU B 111 20.43 -31.68 -27.62
N PRO B 112 19.20 -32.10 -27.27
CA PRO B 112 18.22 -31.11 -26.81
C PRO B 112 18.57 -30.73 -25.37
N GLY B 113 18.58 -29.43 -25.10
CA GLY B 113 18.91 -29.00 -23.76
C GLY B 113 20.19 -28.21 -23.75
N GLY B 114 20.89 -28.23 -24.87
CA GLY B 114 22.12 -27.48 -25.02
C GLY B 114 23.16 -27.58 -23.92
N CYS B 115 23.82 -26.45 -23.69
CA CYS B 115 24.87 -26.35 -22.70
C CYS B 115 24.43 -26.25 -21.24
N ALA B 116 25.04 -27.03 -20.36
CA ALA B 116 24.65 -27.00 -18.97
C ALA B 116 25.82 -27.20 -18.02
N ILE B 117 25.79 -26.46 -16.92
CA ILE B 117 26.85 -26.56 -15.93
C ILE B 117 26.58 -27.79 -15.05
N GLY B 118 25.30 -28.01 -14.74
CA GLY B 118 24.94 -29.15 -13.92
C GLY B 118 25.16 -30.50 -14.58
N ALA B 119 25.32 -31.53 -13.76
CA ALA B 119 25.54 -32.89 -14.27
C ALA B 119 24.29 -33.41 -14.98
N ARG B 120 24.53 -34.15 -16.06
CA ARG B 120 23.47 -34.73 -16.89
C ARG B 120 23.91 -36.11 -17.36
N PRO B 121 22.93 -36.92 -17.82
CA PRO B 121 23.13 -38.29 -18.33
C PRO B 121 24.19 -38.36 -19.41
N VAL B 122 24.11 -37.41 -20.33
CA VAL B 122 25.04 -37.31 -21.44
C VAL B 122 26.51 -37.21 -21.03
N ASP B 123 26.77 -36.57 -19.90
CA ASP B 123 28.13 -36.36 -19.44
C ASP B 123 28.96 -37.62 -19.24
N LEU B 124 28.33 -38.71 -18.82
CA LEU B 124 29.11 -39.91 -18.62
C LEU B 124 29.64 -40.45 -19.92
N HIS B 125 28.88 -40.26 -21.00
CA HIS B 125 29.28 -40.72 -22.32
C HIS B 125 30.44 -39.86 -22.75
N ILE B 126 30.29 -38.56 -22.53
CA ILE B 126 31.32 -37.62 -22.89
C ILE B 126 32.60 -37.88 -22.10
N PHE B 127 32.49 -38.10 -20.79
CA PHE B 127 33.67 -38.29 -19.94
C PHE B 127 34.45 -39.56 -20.36
N GLY B 128 33.71 -40.60 -20.72
CA GLY B 128 34.36 -41.82 -21.14
C GLY B 128 35.11 -41.63 -22.46
N LEU B 129 34.56 -40.84 -23.37
CA LEU B 129 35.22 -40.62 -24.64
C LEU B 129 36.46 -39.73 -24.47
N GLU B 130 36.46 -38.88 -23.44
CA GLU B 130 37.59 -38.01 -23.16
C GLU B 130 38.72 -38.83 -22.57
N LYS B 131 38.35 -39.76 -21.71
CA LYS B 131 39.30 -40.66 -21.07
C LYS B 131 40.02 -41.45 -22.17
N LEU B 132 39.29 -41.73 -23.26
CA LEU B 132 39.83 -42.48 -24.39
C LEU B 132 40.61 -41.58 -25.37
N GLY B 133 40.77 -40.31 -25.01
CA GLY B 133 41.53 -39.39 -25.84
C GLY B 133 40.73 -38.51 -26.80
N ALA B 134 39.42 -38.43 -26.64
CA ALA B 134 38.68 -37.57 -27.56
C ALA B 134 38.57 -36.12 -27.04
N GLU B 135 38.29 -35.21 -27.98
CA GLU B 135 38.05 -33.81 -27.69
C GLU B 135 36.55 -33.62 -27.86
N ILE B 136 35.87 -33.12 -26.85
CA ILE B 136 34.43 -32.93 -26.99
C ILE B 136 33.96 -31.53 -26.62
N LYS B 137 32.95 -31.04 -27.33
CA LYS B 137 32.36 -29.72 -27.09
C LYS B 137 30.90 -29.69 -27.52
N LEU B 138 30.13 -28.76 -26.98
CA LEU B 138 28.73 -28.62 -27.35
C LEU B 138 28.59 -27.33 -28.12
N GLU B 139 28.02 -27.38 -29.32
CA GLU B 139 27.80 -26.18 -30.09
C GLU B 139 26.76 -26.41 -31.16
N GLU B 140 25.94 -25.40 -31.39
CA GLU B 140 24.91 -25.48 -32.42
C GLU B 140 23.89 -26.56 -32.12
N GLY B 141 23.77 -26.90 -30.84
CA GLY B 141 22.82 -27.91 -30.44
C GLY B 141 23.36 -29.33 -30.54
N TYR B 142 24.62 -29.46 -30.95
CA TYR B 142 25.21 -30.78 -31.07
C TYR B 142 26.33 -31.04 -30.08
N VAL B 143 26.45 -32.27 -29.65
CA VAL B 143 27.60 -32.63 -28.87
C VAL B 143 28.51 -33.10 -30.04
N LYS B 144 29.68 -32.48 -30.18
CA LYS B 144 30.60 -32.81 -31.26
C LYS B 144 31.85 -33.43 -30.70
N ALA B 145 32.17 -34.63 -31.17
CA ALA B 145 33.35 -35.33 -30.70
C ALA B 145 34.36 -35.62 -31.82
N SER B 146 35.64 -35.66 -31.46
CA SER B 146 36.67 -35.95 -32.44
C SER B 146 37.92 -36.41 -31.75
N VAL B 147 38.79 -37.06 -32.50
CA VAL B 147 40.07 -37.52 -32.00
C VAL B 147 41.08 -37.54 -33.16
N ASN B 148 42.29 -37.08 -32.86
CA ASN B 148 43.38 -37.06 -33.81
C ASN B 148 43.97 -38.46 -33.77
N GLY B 149 43.82 -39.18 -34.87
CA GLY B 149 44.33 -40.54 -34.92
C GLY B 149 43.26 -41.45 -34.35
N ARG B 150 43.69 -42.54 -33.76
CA ARG B 150 42.80 -43.50 -33.19
C ARG B 150 42.56 -43.14 -31.70
N LEU B 151 41.49 -43.66 -31.09
CA LEU B 151 41.28 -43.43 -29.67
C LEU B 151 42.42 -44.23 -29.00
N LYS B 152 42.72 -43.94 -27.73
CA LYS B 152 43.75 -44.67 -27.02
C LYS B 152 43.20 -45.35 -25.79
N GLY B 153 43.53 -46.62 -25.60
CA GLY B 153 43.06 -47.36 -24.44
C GLY B 153 43.44 -46.70 -23.12
N ALA B 154 42.61 -46.84 -22.10
CA ALA B 154 42.92 -46.23 -20.82
C ALA B 154 42.28 -47.04 -19.71
N HIS B 155 42.70 -46.76 -18.49
CA HIS B 155 42.18 -47.43 -17.31
C HIS B 155 41.12 -46.44 -16.81
N ILE B 156 39.86 -46.84 -16.88
CA ILE B 156 38.74 -45.99 -16.53
C ILE B 156 38.01 -46.45 -15.29
N VAL B 157 37.84 -45.55 -14.34
CA VAL B 157 37.15 -45.90 -13.10
C VAL B 157 35.81 -45.17 -13.05
N MET B 158 34.75 -45.95 -13.09
CA MET B 158 33.40 -45.43 -13.05
C MET B 158 32.93 -45.18 -11.63
N ASP B 159 32.58 -43.94 -11.33
CA ASP B 159 32.11 -43.54 -10.01
C ASP B 159 30.75 -44.16 -9.73
N LYS B 160 29.86 -44.10 -10.72
CA LYS B 160 28.53 -44.69 -10.62
C LYS B 160 28.29 -45.62 -11.80
N VAL B 161 27.64 -46.74 -11.50
CA VAL B 161 27.31 -47.75 -12.46
C VAL B 161 26.39 -47.13 -13.51
N SER B 162 26.79 -47.22 -14.77
CA SER B 162 26.01 -46.65 -15.88
C SER B 162 26.03 -47.56 -17.11
N VAL B 163 24.88 -48.14 -17.42
CA VAL B 163 24.71 -49.03 -18.58
C VAL B 163 25.02 -48.19 -19.81
N GLY B 164 24.49 -46.98 -19.84
CA GLY B 164 24.72 -46.12 -20.97
C GLY B 164 26.20 -45.86 -21.27
N ALA B 165 26.92 -45.32 -20.29
CA ALA B 165 28.32 -44.98 -20.48
C ALA B 165 29.17 -46.23 -20.66
N THR B 166 28.81 -47.33 -20.02
CA THR B 166 29.58 -48.55 -20.17
C THR B 166 29.56 -49.03 -21.63
N VAL B 167 28.41 -48.88 -22.30
CA VAL B 167 28.26 -49.29 -23.70
C VAL B 167 29.08 -48.37 -24.58
N THR B 168 28.98 -47.07 -24.31
CA THR B 168 29.72 -46.11 -25.10
C THR B 168 31.22 -46.37 -25.03
N ILE B 169 31.72 -46.58 -23.82
CA ILE B 169 33.14 -46.79 -23.60
C ILE B 169 33.61 -48.13 -24.17
N MET B 170 32.92 -49.21 -23.80
CA MET B 170 33.27 -50.54 -24.29
C MET B 170 33.26 -50.61 -25.82
N SER B 171 32.21 -50.06 -26.44
CA SER B 171 32.09 -50.05 -27.89
C SER B 171 33.20 -49.28 -28.61
N ALA B 172 33.43 -48.04 -28.19
CA ALA B 172 34.47 -47.21 -28.76
C ALA B 172 35.87 -47.79 -28.50
N ALA B 173 36.05 -48.46 -27.35
CA ALA B 173 37.34 -49.03 -27.00
C ALA B 173 37.81 -50.17 -27.90
N THR B 174 36.88 -50.92 -28.47
CA THR B 174 37.22 -52.04 -29.35
C THR B 174 38.12 -51.65 -30.54
N LEU B 175 38.13 -50.37 -30.90
CA LEU B 175 38.97 -49.85 -32.01
C LEU B 175 40.06 -48.89 -31.55
N ALA B 176 40.28 -48.77 -30.24
CA ALA B 176 41.32 -47.88 -29.72
C ALA B 176 42.68 -48.58 -29.74
N GLU B 177 43.75 -47.81 -29.56
CA GLU B 177 45.10 -48.39 -29.51
C GLU B 177 45.34 -48.87 -28.08
N GLY B 178 45.62 -50.16 -27.91
CA GLY B 178 45.91 -50.69 -26.58
C GLY B 178 44.73 -51.24 -25.79
N THR B 179 45.00 -51.46 -24.52
CA THR B 179 44.02 -52.02 -23.61
C THR B 179 43.20 -50.99 -22.85
N THR B 180 41.91 -51.27 -22.72
CA THR B 180 41.04 -50.40 -21.95
C THR B 180 40.48 -51.26 -20.85
N ILE B 181 40.46 -50.72 -19.63
CA ILE B 181 39.89 -51.44 -18.52
C ILE B 181 38.82 -50.53 -17.93
N ILE B 182 37.61 -51.04 -17.83
CA ILE B 182 36.49 -50.30 -17.26
C ILE B 182 36.22 -50.88 -15.87
N GLU B 183 36.55 -50.14 -14.83
CA GLU B 183 36.32 -50.58 -13.46
C GLU B 183 34.93 -50.11 -13.03
N ASN B 184 34.24 -50.94 -12.24
CA ASN B 184 32.88 -50.63 -11.77
C ASN B 184 31.93 -50.51 -12.98
N ALA B 185 32.10 -51.42 -13.94
CA ALA B 185 31.27 -51.48 -15.15
C ALA B 185 29.84 -51.94 -14.85
N ALA B 186 28.88 -51.54 -15.68
CA ALA B 186 27.50 -51.99 -15.51
C ALA B 186 27.60 -53.50 -15.82
N ARG B 187 26.86 -54.33 -15.07
CA ARG B 187 26.91 -55.80 -15.24
C ARG B 187 25.69 -56.42 -15.89
N GLU B 188 24.75 -55.58 -16.31
CA GLU B 188 23.51 -56.02 -16.93
C GLU B 188 23.66 -56.97 -18.09
N PRO B 189 22.70 -57.90 -18.23
CA PRO B 189 22.68 -58.89 -19.32
C PRO B 189 22.77 -58.15 -20.67
N GLU B 190 22.25 -56.94 -20.77
CA GLU B 190 22.33 -56.22 -22.04
C GLU B 190 23.78 -55.79 -22.34
N ILE B 191 24.59 -55.62 -21.30
CA ILE B 191 26.01 -55.25 -21.45
C ILE B 191 26.75 -56.47 -22.02
N VAL B 192 26.51 -57.61 -21.40
CA VAL B 192 27.10 -58.89 -21.79
C VAL B 192 26.73 -59.20 -23.25
N ASP B 193 25.47 -58.95 -23.61
CA ASP B 193 25.02 -59.24 -24.99
C ASP B 193 25.71 -58.31 -25.98
N THR B 194 25.91 -57.05 -25.59
CA THR B 194 26.56 -56.09 -26.47
C THR B 194 28.04 -56.44 -26.61
N ALA B 195 28.63 -56.92 -25.52
CA ALA B 195 30.05 -57.27 -25.56
C ALA B 195 30.20 -58.49 -26.47
N ASN B 196 29.32 -59.47 -26.35
CA ASN B 196 29.40 -60.68 -27.17
C ASN B 196 29.18 -60.39 -28.65
N PHE B 197 28.33 -59.40 -28.93
CA PHE B 197 28.08 -59.04 -30.30
C PHE B 197 29.38 -58.47 -30.87
N LEU B 198 30.02 -57.61 -30.09
CA LEU B 198 31.27 -57.01 -30.55
C LEU B 198 32.31 -58.09 -30.77
N VAL B 199 32.35 -59.06 -29.87
CA VAL B 199 33.31 -60.15 -29.99
C VAL B 199 33.00 -60.96 -31.24
N ALA B 200 31.72 -61.13 -31.55
CA ALA B 200 31.32 -61.86 -32.74
C ALA B 200 31.81 -61.12 -34.00
N LEU B 201 32.00 -59.79 -33.92
CA LEU B 201 32.53 -59.01 -35.05
C LEU B 201 34.07 -58.97 -35.04
N GLY B 202 34.68 -59.65 -34.08
CA GLY B 202 36.13 -59.65 -34.03
C GLY B 202 36.76 -58.81 -32.92
N ALA B 203 35.97 -58.31 -31.99
CA ALA B 203 36.56 -57.51 -30.90
C ALA B 203 37.21 -58.42 -29.83
N LYS B 204 38.05 -57.86 -28.97
CA LYS B 204 38.67 -58.67 -27.91
C LYS B 204 38.26 -58.07 -26.56
N ILE B 205 37.30 -58.74 -25.92
CA ILE B 205 36.75 -58.29 -24.65
C ILE B 205 36.55 -59.46 -23.70
N SER B 206 36.86 -59.24 -22.43
CA SER B 206 36.65 -60.27 -21.41
C SER B 206 36.12 -59.58 -20.15
N GLY B 207 35.54 -60.35 -19.26
CA GLY B 207 35.05 -59.77 -18.03
C GLY B 207 33.65 -59.20 -18.11
N GLN B 208 33.03 -59.18 -19.28
CA GLN B 208 31.67 -58.62 -19.35
C GLN B 208 30.78 -59.42 -18.38
N GLY B 209 29.95 -58.73 -17.61
CA GLY B 209 29.11 -59.43 -16.66
C GLY B 209 29.67 -59.31 -15.26
N THR B 210 30.97 -59.03 -15.17
CA THR B 210 31.62 -58.83 -13.87
C THR B 210 31.77 -57.30 -13.78
N ASP B 211 32.30 -56.79 -12.68
CA ASP B 211 32.44 -55.34 -12.55
C ASP B 211 33.66 -54.74 -13.24
N ARG B 212 34.47 -55.59 -13.86
CA ARG B 212 35.62 -55.09 -14.61
C ARG B 212 35.64 -55.68 -16.03
N ILE B 213 35.52 -54.81 -17.02
CA ILE B 213 35.53 -55.21 -18.42
C ILE B 213 36.86 -54.81 -19.06
N THR B 214 37.52 -55.75 -19.75
CA THR B 214 38.80 -55.46 -20.36
C THR B 214 38.72 -55.62 -21.85
N ILE B 215 39.07 -54.56 -22.56
CA ILE B 215 39.03 -54.54 -24.02
C ILE B 215 40.44 -54.37 -24.59
N GLU B 216 40.73 -55.07 -25.67
CA GLU B 216 42.01 -54.89 -26.30
C GLU B 216 41.68 -54.47 -27.73
N GLY B 217 42.03 -53.25 -28.07
CA GLY B 217 41.69 -52.74 -29.38
C GLY B 217 42.26 -53.48 -30.57
N VAL B 218 41.46 -53.62 -31.61
CA VAL B 218 41.90 -54.28 -32.84
C VAL B 218 41.75 -53.21 -33.91
N GLU B 219 42.24 -53.48 -35.12
CA GLU B 219 42.19 -52.51 -36.22
C GLU B 219 40.83 -52.33 -36.85
N ARG B 220 40.00 -53.36 -36.83
CA ARG B 220 38.69 -53.25 -37.47
C ARG B 220 37.76 -54.38 -37.06
N LEU B 221 36.47 -54.14 -37.20
CA LEU B 221 35.47 -55.13 -36.85
C LEU B 221 34.81 -55.59 -38.15
N GLY B 222 34.50 -56.89 -38.22
CA GLY B 222 33.91 -57.46 -39.41
C GLY B 222 32.40 -57.47 -39.45
N GLY B 223 31.82 -58.58 -39.86
CA GLY B 223 30.38 -58.67 -39.94
C GLY B 223 29.92 -59.98 -39.35
N GLY B 224 28.71 -60.39 -39.71
CA GLY B 224 28.24 -61.65 -39.17
C GLY B 224 26.81 -61.68 -38.73
N VAL B 225 26.46 -62.67 -37.92
CA VAL B 225 25.10 -62.85 -37.46
C VAL B 225 25.09 -63.01 -35.97
N TYR B 226 24.15 -62.35 -35.32
CA TYR B 226 24.05 -62.41 -33.87
C TYR B 226 22.60 -62.33 -33.47
N ARG B 227 22.25 -63.04 -32.41
CA ARG B 227 20.89 -63.07 -31.95
C ARG B 227 20.78 -62.31 -30.64
N VAL B 228 19.91 -61.31 -30.60
CA VAL B 228 19.70 -60.51 -29.39
C VAL B 228 19.06 -61.37 -28.34
N LEU B 229 19.52 -61.22 -27.09
CA LEU B 229 19.00 -62.04 -26.01
C LEU B 229 17.54 -61.68 -25.68
N PRO B 230 16.83 -62.58 -24.99
CA PRO B 230 15.42 -62.42 -24.59
C PRO B 230 15.25 -61.27 -23.61
N ASP B 231 14.07 -60.66 -23.60
CA ASP B 231 13.77 -59.55 -22.71
C ASP B 231 13.48 -60.13 -21.34
N ARG B 232 14.44 -60.03 -20.43
CA ARG B 232 14.29 -60.56 -19.10
C ARG B 232 13.15 -59.95 -18.27
N ILE B 233 12.87 -58.66 -18.44
CA ILE B 233 11.76 -58.03 -17.70
C ILE B 233 10.39 -58.48 -18.24
N GLU B 234 10.25 -58.56 -19.56
CA GLU B 234 8.99 -59.07 -20.13
C GLU B 234 8.78 -60.47 -19.56
N THR B 235 9.87 -61.22 -19.49
CA THR B 235 9.84 -62.57 -18.98
C THR B 235 9.33 -62.55 -17.56
N GLY B 236 9.91 -61.68 -16.73
CA GLY B 236 9.49 -61.58 -15.35
C GLY B 236 8.05 -61.16 -15.21
N THR B 237 7.63 -60.27 -16.09
CA THR B 237 6.27 -59.77 -16.07
C THR B 237 5.25 -60.89 -16.32
N PHE B 238 5.51 -61.73 -17.32
CA PHE B 238 4.59 -62.83 -17.61
C PHE B 238 4.66 -63.90 -16.51
N LEU B 239 5.82 -64.07 -15.89
CA LEU B 239 5.93 -65.03 -14.81
C LEU B 239 5.06 -64.56 -13.65
N VAL B 240 5.07 -63.26 -13.40
CA VAL B 240 4.28 -62.71 -12.31
C VAL B 240 2.80 -62.82 -12.66
N ALA B 241 2.46 -62.64 -13.94
CA ALA B 241 1.06 -62.73 -14.36
C ALA B 241 0.53 -64.10 -13.96
N ALA B 242 1.33 -65.16 -14.15
CA ALA B 242 0.88 -66.48 -13.76
C ALA B 242 0.90 -66.62 -12.25
N ALA B 243 1.96 -66.12 -11.61
CA ALA B 243 2.11 -66.20 -10.14
C ALA B 243 1.05 -65.51 -9.30
N ILE B 244 0.41 -64.48 -9.83
CA ILE B 244 -0.61 -63.78 -9.05
C ILE B 244 -2.03 -64.27 -9.37
N SER B 245 -2.18 -65.15 -10.35
CA SER B 245 -3.51 -65.61 -10.75
C SER B 245 -3.74 -67.12 -10.62
N GLY B 246 -2.90 -67.79 -9.84
CA GLY B 246 -3.01 -69.22 -9.65
C GLY B 246 -2.76 -70.00 -10.94
N GLY B 247 -2.23 -69.31 -11.94
CA GLY B 247 -1.96 -69.89 -13.23
C GLY B 247 -0.75 -70.77 -13.37
N LYS B 248 -0.45 -71.13 -14.62
CA LYS B 248 0.66 -72.01 -14.98
C LYS B 248 1.12 -71.44 -16.31
N ILE B 249 2.42 -71.36 -16.53
CA ILE B 249 2.86 -70.78 -17.79
C ILE B 249 4.20 -71.31 -18.21
N VAL B 250 4.49 -71.20 -19.50
CA VAL B 250 5.80 -71.60 -19.99
C VAL B 250 6.19 -70.44 -20.89
N CYS B 251 7.37 -69.87 -20.65
CA CYS B 251 7.91 -68.80 -21.47
C CYS B 251 8.93 -69.41 -22.44
N ARG B 252 8.69 -69.27 -23.74
CA ARG B 252 9.61 -69.78 -24.75
C ARG B 252 10.57 -68.66 -25.19
N ASN B 253 11.73 -69.05 -25.69
CA ASN B 253 12.78 -68.12 -26.13
C ASN B 253 13.19 -67.25 -24.94
N ALA B 254 13.34 -67.87 -23.79
CA ALA B 254 13.75 -67.16 -22.58
C ALA B 254 15.18 -67.52 -22.25
N GLN B 255 15.76 -66.84 -21.29
CA GLN B 255 17.12 -67.15 -20.88
C GLN B 255 17.21 -67.04 -19.37
N PRO B 256 16.94 -68.15 -18.67
CA PRO B 256 16.95 -68.29 -17.21
C PRO B 256 18.05 -67.59 -16.43
N ASP B 257 19.28 -67.71 -16.90
CA ASP B 257 20.40 -67.12 -16.14
C ASP B 257 20.46 -65.60 -16.07
N THR B 258 19.53 -64.91 -16.72
CA THR B 258 19.53 -63.44 -16.66
C THR B 258 18.52 -63.02 -15.58
N LEU B 259 17.91 -64.03 -14.96
CA LEU B 259 16.86 -63.84 -13.95
C LEU B 259 17.01 -64.60 -12.64
N ASP B 260 18.21 -65.00 -12.23
CA ASP B 260 18.36 -65.74 -10.97
C ASP B 260 17.63 -65.11 -9.79
N ALA B 261 17.91 -63.83 -9.51
CA ALA B 261 17.28 -63.16 -8.39
C ALA B 261 15.76 -63.22 -8.46
N VAL B 262 15.21 -62.96 -9.64
CA VAL B 262 13.76 -62.98 -9.81
C VAL B 262 13.14 -64.37 -9.56
N LEU B 263 13.74 -65.41 -10.13
CA LEU B 263 13.23 -66.77 -9.94
C LEU B 263 13.30 -67.16 -8.48
N ALA B 264 14.42 -66.88 -7.84
CA ALA B 264 14.58 -67.24 -6.43
C ALA B 264 13.47 -66.60 -5.59
N LYS B 265 13.07 -65.36 -5.93
CA LYS B 265 12.02 -64.65 -5.20
C LYS B 265 10.64 -65.23 -5.53
N LEU B 266 10.46 -65.69 -6.76
CA LEU B 266 9.20 -66.30 -7.12
C LEU B 266 9.01 -67.63 -6.37
N ARG B 267 10.10 -68.37 -6.14
CA ARG B 267 10.01 -69.64 -5.41
C ARG B 267 9.66 -69.33 -3.97
N GLU B 268 10.16 -68.23 -3.42
CA GLU B 268 9.82 -67.89 -2.04
C GLU B 268 8.34 -67.51 -1.99
N ALA B 269 7.78 -67.06 -3.11
CA ALA B 269 6.37 -66.70 -3.16
C ALA B 269 5.54 -67.97 -3.26
N GLY B 270 6.23 -69.10 -3.44
CA GLY B 270 5.56 -70.38 -3.51
C GLY B 270 5.39 -70.94 -4.91
N ALA B 271 6.07 -70.39 -5.89
CA ALA B 271 5.92 -70.90 -7.24
C ALA B 271 6.80 -72.11 -7.47
N ASP B 272 6.27 -73.01 -8.29
CA ASP B 272 6.95 -74.25 -8.70
C ASP B 272 7.60 -73.86 -10.03
N ILE B 273 8.91 -73.69 -10.04
CA ILE B 273 9.57 -73.27 -11.26
C ILE B 273 10.57 -74.24 -11.85
N GLU B 274 10.51 -74.39 -13.17
CA GLU B 274 11.41 -75.27 -13.90
C GLU B 274 12.03 -74.47 -15.06
N THR B 275 13.28 -74.76 -15.37
CA THR B 275 14.00 -74.09 -16.46
C THR B 275 14.75 -75.07 -17.36
N GLY B 276 14.85 -74.70 -18.64
CA GLY B 276 15.58 -75.48 -19.60
C GLY B 276 16.67 -74.52 -20.01
N GLU B 277 17.23 -74.68 -21.19
CA GLU B 277 18.27 -73.76 -21.66
C GLU B 277 17.63 -72.48 -22.18
N ASP B 278 16.49 -72.61 -22.82
CA ASP B 278 15.78 -71.48 -23.41
C ASP B 278 14.31 -71.36 -23.02
N TRP B 279 13.92 -71.91 -21.87
CA TRP B 279 12.54 -71.73 -21.46
C TRP B 279 12.43 -71.75 -19.94
N ILE B 280 11.29 -71.27 -19.46
CA ILE B 280 11.01 -71.21 -18.04
C ILE B 280 9.56 -71.56 -17.83
N SER B 281 9.32 -72.41 -16.85
CA SER B 281 7.97 -72.82 -16.56
C SER B 281 7.65 -72.40 -15.12
N LEU B 282 6.43 -71.97 -14.89
CA LEU B 282 6.02 -71.57 -13.56
C LEU B 282 4.59 -72.11 -13.31
N ASP B 283 4.39 -72.76 -12.17
CA ASP B 283 3.08 -73.31 -11.81
C ASP B 283 2.76 -72.94 -10.35
N MET B 284 1.61 -72.32 -10.11
CA MET B 284 1.21 -71.98 -8.75
C MET B 284 0.39 -73.12 -8.13
N HIS B 285 0.04 -74.11 -8.95
CA HIS B 285 -0.77 -75.26 -8.52
C HIS B 285 -2.04 -74.73 -7.88
N GLY B 286 -2.62 -73.72 -8.51
CA GLY B 286 -3.85 -73.12 -8.03
C GLY B 286 -3.77 -72.37 -6.72
N LYS B 287 -2.57 -72.14 -6.19
CA LYS B 287 -2.49 -71.43 -4.91
C LYS B 287 -2.14 -69.94 -4.98
N ARG B 288 -2.61 -69.18 -4.00
CA ARG B 288 -2.28 -67.77 -3.93
C ARG B 288 -0.78 -67.68 -3.63
N PRO B 289 -0.15 -66.58 -3.99
CA PRO B 289 1.28 -66.42 -3.71
C PRO B 289 1.52 -66.05 -2.26
N LYS B 290 2.74 -66.27 -1.75
CA LYS B 290 3.05 -65.90 -0.37
C LYS B 290 3.81 -64.57 -0.43
N ALA B 291 3.55 -63.67 0.52
CA ALA B 291 4.24 -62.39 0.53
C ALA B 291 5.73 -62.62 0.67
N VAL B 292 6.51 -61.79 -0.01
CA VAL B 292 7.94 -61.91 0.03
C VAL B 292 8.56 -60.55 0.32
N THR B 293 9.84 -60.57 0.63
CA THR B 293 10.59 -59.36 0.90
C THR B 293 11.49 -59.16 -0.32
N VAL B 294 11.47 -57.95 -0.84
CA VAL B 294 12.21 -57.59 -2.04
C VAL B 294 13.12 -56.38 -1.80
N ARG B 295 14.34 -56.43 -2.31
CA ARG B 295 15.26 -55.30 -2.18
C ARG B 295 15.92 -55.08 -3.55
N THR B 296 15.59 -54.01 -4.25
CA THR B 296 16.21 -53.79 -5.54
C THR B 296 17.68 -53.37 -5.34
N ALA B 297 18.52 -53.76 -6.29
CA ALA B 297 19.94 -53.41 -6.21
C ALA B 297 20.52 -53.73 -7.60
N PRO B 298 21.77 -53.30 -7.87
CA PRO B 298 22.41 -53.55 -9.17
C PRO B 298 22.44 -55.03 -9.56
N HIS B 299 22.33 -55.29 -10.86
CA HIS B 299 22.38 -56.67 -11.36
C HIS B 299 23.74 -57.23 -10.94
N PRO B 300 23.82 -58.54 -10.65
CA PRO B 300 22.79 -59.58 -10.67
C PRO B 300 21.72 -59.62 -9.56
N ALA B 301 21.68 -58.59 -8.71
CA ALA B 301 20.68 -58.57 -7.64
C ALA B 301 19.28 -58.28 -8.25
N PHE B 302 18.26 -58.30 -7.42
CA PHE B 302 16.87 -58.08 -7.86
C PHE B 302 16.74 -56.72 -8.55
N PRO B 303 16.21 -56.69 -9.77
CA PRO B 303 16.01 -55.50 -10.60
C PRO B 303 14.83 -54.56 -10.32
N THR B 304 15.09 -53.24 -10.40
CA THR B 304 14.06 -52.22 -10.23
C THR B 304 12.91 -52.46 -11.20
N ASP B 305 13.30 -52.83 -12.42
CA ASP B 305 12.33 -53.07 -13.47
C ASP B 305 11.28 -54.12 -13.16
N MET B 306 11.49 -54.94 -12.11
CA MET B 306 10.48 -55.91 -11.70
C MET B 306 9.82 -55.47 -10.39
N GLN B 307 10.22 -54.31 -9.88
CA GLN B 307 9.71 -53.88 -8.59
C GLN B 307 8.21 -53.69 -8.50
N ALA B 308 7.62 -52.98 -9.46
CA ALA B 308 6.18 -52.75 -9.49
C ALA B 308 5.41 -54.05 -9.58
N GLN B 309 5.87 -54.97 -10.43
CA GLN B 309 5.21 -56.25 -10.62
C GLN B 309 5.20 -57.04 -9.30
N PHE B 310 6.32 -57.04 -8.56
CA PHE B 310 6.33 -57.77 -7.31
C PHE B 310 5.56 -57.06 -6.21
N THR B 311 5.41 -55.74 -6.33
CA THR B 311 4.63 -55.01 -5.34
C THR B 311 3.21 -55.52 -5.49
N LEU B 312 2.77 -55.66 -6.74
CA LEU B 312 1.42 -56.15 -7.03
C LEU B 312 1.28 -57.58 -6.50
N LEU B 313 2.29 -58.41 -6.72
CA LEU B 313 2.21 -59.77 -6.22
C LEU B 313 2.01 -59.74 -4.70
N ASN B 314 2.77 -58.89 -4.01
CA ASN B 314 2.64 -58.80 -2.56
C ASN B 314 1.25 -58.39 -2.15
N LEU B 315 0.68 -57.40 -2.84
CA LEU B 315 -0.64 -56.87 -2.52
C LEU B 315 -1.80 -57.83 -2.70
N VAL B 316 -1.57 -58.95 -3.39
CA VAL B 316 -2.64 -59.92 -3.53
C VAL B 316 -2.13 -61.26 -3.03
N ALA B 317 -1.13 -61.20 -2.16
CA ALA B 317 -0.53 -62.39 -1.59
C ALA B 317 -0.96 -62.64 -0.14
N GLU B 318 -0.59 -63.80 0.38
CA GLU B 318 -0.92 -64.15 1.75
C GLU B 318 0.14 -63.58 2.64
N GLY B 319 -0.25 -62.66 3.54
CA GLY B 319 0.72 -62.10 4.46
C GLY B 319 1.22 -60.69 4.17
N THR B 320 2.26 -60.32 4.90
CA THR B 320 2.88 -59.02 4.78
C THR B 320 4.28 -59.13 4.20
N GLY B 321 4.56 -58.29 3.21
CA GLY B 321 5.86 -58.31 2.58
C GLY B 321 6.32 -56.88 2.43
N VAL B 322 7.62 -56.69 2.29
CA VAL B 322 8.16 -55.36 2.18
C VAL B 322 8.94 -55.17 0.88
N ILE B 323 8.70 -54.07 0.16
CA ILE B 323 9.44 -53.81 -1.08
C ILE B 323 10.34 -52.63 -0.79
N THR B 324 11.62 -52.79 -1.08
CA THR B 324 12.58 -51.72 -0.87
C THR B 324 13.31 -51.37 -2.16
N GLU B 325 13.28 -50.09 -2.52
CA GLU B 325 13.97 -49.56 -3.70
C GLU B 325 15.27 -48.91 -3.25
N THR B 326 16.40 -49.29 -3.87
CA THR B 326 17.67 -48.66 -3.51
C THR B 326 18.23 -47.97 -4.76
N ILE B 327 17.51 -48.09 -5.88
CA ILE B 327 17.95 -47.53 -7.15
C ILE B 327 17.28 -46.19 -7.45
N PHE B 328 15.94 -46.17 -7.38
CA PHE B 328 15.10 -44.99 -7.60
C PHE B 328 14.10 -45.00 -6.44
N GLU B 329 14.38 -44.25 -5.37
CA GLU B 329 13.51 -44.25 -4.19
C GLU B 329 12.21 -43.41 -4.30
N ASN B 330 11.80 -43.12 -5.54
CA ASN B 330 10.59 -42.36 -5.84
C ASN B 330 9.67 -43.11 -6.85
N ARG B 331 9.89 -44.41 -7.02
CA ARG B 331 9.16 -45.23 -7.98
C ARG B 331 7.98 -46.03 -7.41
N PHE B 332 6.98 -45.36 -6.86
CA PHE B 332 5.86 -46.06 -6.27
C PHE B 332 4.51 -45.51 -6.70
N MET B 333 4.47 -44.89 -7.87
CA MET B 333 3.22 -44.31 -8.34
C MET B 333 2.13 -45.35 -8.52
N HIS B 334 2.50 -46.60 -8.77
CA HIS B 334 1.51 -47.64 -8.93
C HIS B 334 0.77 -47.97 -7.63
N VAL B 335 1.38 -47.65 -6.48
CA VAL B 335 0.74 -48.02 -5.21
C VAL B 335 -0.60 -47.33 -4.93
N PRO B 336 -0.69 -45.97 -5.03
CA PRO B 336 -1.96 -45.26 -4.78
C PRO B 336 -3.05 -45.80 -5.71
N GLU B 337 -2.68 -46.11 -6.94
CA GLU B 337 -3.59 -46.68 -7.93
C GLU B 337 -4.10 -48.03 -7.48
N LEU B 338 -3.18 -48.88 -7.00
CA LEU B 338 -3.58 -50.21 -6.54
C LEU B 338 -4.41 -50.10 -5.26
N ILE B 339 -4.16 -49.05 -4.47
CA ILE B 339 -4.93 -48.85 -3.23
C ILE B 339 -6.37 -48.52 -3.62
N ARG B 340 -6.53 -47.80 -4.73
CA ARG B 340 -7.87 -47.47 -5.20
C ARG B 340 -8.55 -48.71 -5.77
N MET B 341 -7.77 -49.78 -5.99
CA MET B 341 -8.34 -51.03 -6.48
C MET B 341 -8.60 -51.93 -5.27
N GLY B 342 -8.38 -51.39 -4.07
CA GLY B 342 -8.63 -52.17 -2.87
C GLY B 342 -7.40 -52.73 -2.17
N ALA B 343 -6.22 -52.33 -2.62
CA ALA B 343 -5.01 -52.85 -1.99
C ALA B 343 -4.78 -52.19 -0.65
N HIS B 344 -3.97 -52.83 0.19
CA HIS B 344 -3.69 -52.34 1.52
C HIS B 344 -2.17 -52.16 1.63
N ALA B 345 -1.71 -50.91 1.70
CA ALA B 345 -0.28 -50.66 1.78
C ALA B 345 0.08 -49.31 2.36
N GLU B 346 1.36 -49.16 2.70
CA GLU B 346 1.92 -47.92 3.23
C GLU B 346 3.24 -47.61 2.57
N ILE B 347 3.36 -46.41 2.01
CA ILE B 347 4.63 -46.01 1.43
C ILE B 347 5.34 -45.34 2.59
N GLU B 348 6.54 -45.81 2.93
CA GLU B 348 7.28 -45.21 4.02
C GLU B 348 8.71 -45.05 3.59
N SER B 349 9.03 -43.81 3.20
CA SER B 349 10.36 -43.48 2.73
C SER B 349 10.53 -44.19 1.39
N ASN B 350 11.57 -45.00 1.25
CA ASN B 350 11.82 -45.70 -0.02
C ASN B 350 11.36 -47.14 -0.02
N THR B 351 10.37 -47.44 0.79
CA THR B 351 9.84 -48.79 0.90
C THR B 351 8.31 -48.79 0.83
N VAL B 352 7.75 -49.94 0.49
CA VAL B 352 6.30 -50.10 0.46
C VAL B 352 5.98 -51.29 1.35
N ILE B 353 5.19 -51.07 2.40
CA ILE B 353 4.79 -52.16 3.30
C ILE B 353 3.48 -52.71 2.72
N CYS B 354 3.48 -53.96 2.29
CA CYS B 354 2.30 -54.58 1.68
C CYS B 354 1.55 -55.56 2.59
N HIS B 355 0.23 -55.52 2.55
CA HIS B 355 -0.59 -56.46 3.33
C HIS B 355 -1.56 -57.09 2.33
N GLY B 356 -1.24 -58.30 1.88
CA GLY B 356 -2.09 -58.95 0.89
C GLY B 356 -3.58 -59.07 1.18
N VAL B 357 -4.39 -58.81 0.16
CA VAL B 357 -5.84 -58.97 0.30
C VAL B 357 -6.28 -60.09 -0.62
N GLU B 358 -7.44 -60.64 -0.36
CA GLU B 358 -8.00 -61.74 -1.16
C GLU B 358 -8.22 -61.34 -2.62
N LYS B 359 -8.89 -60.21 -2.83
CA LYS B 359 -9.20 -59.76 -4.18
C LYS B 359 -9.24 -58.25 -4.41
N LEU B 360 -8.85 -57.83 -5.60
CA LEU B 360 -8.84 -56.42 -5.97
C LEU B 360 -10.14 -56.09 -6.71
N SER B 361 -10.47 -54.80 -6.81
CA SER B 361 -11.68 -54.39 -7.52
C SER B 361 -11.30 -53.44 -8.68
N GLY B 362 -12.00 -53.58 -9.79
CA GLY B 362 -11.72 -52.77 -10.95
C GLY B 362 -11.84 -51.28 -10.72
N ALA B 363 -11.08 -50.50 -11.47
CA ALA B 363 -11.12 -49.06 -11.31
C ALA B 363 -10.45 -48.41 -12.50
N GLN B 364 -10.49 -47.08 -12.51
CA GLN B 364 -9.85 -46.31 -13.57
C GLN B 364 -8.46 -46.01 -13.05
N VAL B 365 -7.43 -46.50 -13.74
CA VAL B 365 -6.06 -46.33 -13.28
C VAL B 365 -5.13 -45.86 -14.35
N MET B 366 -4.00 -45.34 -13.90
CA MET B 366 -3.00 -44.81 -14.80
C MET B 366 -1.62 -44.73 -14.16
N ALA B 367 -0.59 -44.97 -14.96
CA ALA B 367 0.79 -44.85 -14.53
C ALA B 367 1.60 -44.50 -15.78
N THR B 368 2.53 -43.56 -15.64
CA THR B 368 3.37 -43.14 -16.75
C THR B 368 4.62 -44.00 -16.85
N ASP B 369 4.91 -44.77 -15.81
CA ASP B 369 6.09 -45.65 -15.87
C ASP B 369 5.68 -46.96 -16.54
N LEU B 370 6.44 -47.35 -17.56
CA LEU B 370 6.21 -48.58 -18.32
C LEU B 370 5.91 -49.84 -17.50
N ARG B 371 6.71 -50.08 -16.47
CA ARG B 371 6.56 -51.27 -15.63
C ARG B 371 5.37 -51.19 -14.69
N ALA B 372 5.12 -50.01 -14.14
CA ALA B 372 3.99 -49.81 -13.25
C ALA B 372 2.71 -49.96 -14.10
N SER B 373 2.75 -49.43 -15.32
CA SER B 373 1.59 -49.53 -16.20
C SER B 373 1.28 -51.01 -16.50
N ALA B 374 2.30 -51.78 -16.82
CA ALA B 374 2.08 -53.19 -17.11
C ALA B 374 1.52 -53.86 -15.85
N SER B 375 2.01 -53.46 -14.67
CA SER B 375 1.50 -54.02 -13.41
C SER B 375 0.00 -53.73 -13.21
N LEU B 376 -0.46 -52.55 -13.63
CA LEU B 376 -1.87 -52.19 -13.50
C LEU B 376 -2.72 -53.07 -14.43
N VAL B 377 -2.22 -53.35 -15.65
CA VAL B 377 -2.94 -54.23 -16.57
C VAL B 377 -3.08 -55.63 -15.92
N LEU B 378 -1.98 -56.14 -15.35
CA LEU B 378 -2.03 -57.45 -14.70
C LEU B 378 -3.04 -57.40 -13.55
N ALA B 379 -3.02 -56.29 -12.79
CA ALA B 379 -3.96 -56.11 -11.69
C ALA B 379 -5.38 -56.20 -12.24
N GLY B 380 -5.61 -55.55 -13.38
CA GLY B 380 -6.93 -55.57 -13.99
C GLY B 380 -7.36 -57.01 -14.31
N CYS B 381 -6.41 -57.81 -14.76
CA CYS B 381 -6.69 -59.20 -15.12
C CYS B 381 -7.20 -60.01 -13.96
N ILE B 382 -6.69 -59.71 -12.77
CA ILE B 382 -7.15 -60.43 -11.59
C ILE B 382 -8.21 -59.72 -10.72
N ALA B 383 -8.55 -58.47 -11.03
CA ALA B 383 -9.54 -57.74 -10.22
C ALA B 383 -10.96 -58.13 -10.56
N GLU B 384 -11.87 -57.85 -9.63
CA GLU B 384 -13.29 -58.15 -9.78
C GLU B 384 -13.92 -57.04 -10.60
N GLY B 385 -14.53 -57.39 -11.73
CA GLY B 385 -15.15 -56.36 -12.56
C GLY B 385 -14.29 -55.79 -13.67
N THR B 386 -14.55 -54.54 -14.02
CA THR B 386 -13.82 -53.89 -15.11
C THR B 386 -12.81 -52.85 -14.62
N THR B 387 -11.64 -52.85 -15.25
CA THR B 387 -10.55 -51.92 -14.95
C THR B 387 -10.20 -51.18 -16.24
N VAL B 388 -9.97 -49.89 -16.16
CA VAL B 388 -9.57 -49.17 -17.37
C VAL B 388 -8.18 -48.59 -17.13
N VAL B 389 -7.19 -49.08 -17.85
CA VAL B 389 -5.84 -48.56 -17.69
C VAL B 389 -5.57 -47.56 -18.78
N ASP B 390 -5.39 -46.30 -18.39
CA ASP B 390 -5.13 -45.22 -19.34
C ASP B 390 -3.64 -45.01 -19.72
N ARG B 391 -3.40 -44.31 -20.84
CA ARG B 391 -2.04 -44.00 -21.31
C ARG B 391 -1.22 -45.29 -21.50
N ILE B 392 -1.79 -46.29 -22.14
CA ILE B 392 -1.06 -47.52 -22.33
C ILE B 392 0.02 -47.40 -23.44
N TYR B 393 0.16 -46.24 -24.07
CA TYR B 393 1.21 -46.11 -25.08
C TYR B 393 2.58 -46.30 -24.42
N HIS B 394 2.64 -46.20 -23.09
CA HIS B 394 3.91 -46.41 -22.38
C HIS B 394 4.28 -47.87 -22.55
N ILE B 395 3.28 -48.73 -22.35
CA ILE B 395 3.47 -50.15 -22.51
C ILE B 395 3.84 -50.46 -23.96
N ASP B 396 3.12 -49.87 -24.91
CA ASP B 396 3.36 -50.07 -26.33
C ASP B 396 4.82 -49.83 -26.72
N ARG B 397 5.47 -48.89 -26.05
CA ARG B 397 6.85 -48.58 -26.37
C ARG B 397 7.90 -49.53 -25.83
N GLY B 398 7.55 -50.32 -24.81
CA GLY B 398 8.49 -51.27 -24.23
C GLY B 398 8.11 -52.74 -24.23
N TYR B 399 6.88 -53.06 -24.64
CA TYR B 399 6.39 -54.45 -24.70
C TYR B 399 5.86 -54.65 -26.12
N GLU B 400 6.09 -55.82 -26.68
CA GLU B 400 5.61 -56.12 -28.03
C GLU B 400 4.22 -56.74 -27.92
N ARG B 401 3.22 -56.01 -28.41
CA ARG B 401 1.83 -56.46 -28.39
C ARG B 401 1.49 -57.27 -27.15
N ILE B 402 1.57 -56.62 -25.99
CA ILE B 402 1.31 -57.28 -24.72
C ILE B 402 -0.13 -57.79 -24.63
N GLU B 403 -1.09 -57.06 -25.16
CA GLU B 403 -2.46 -57.54 -25.03
C GLU B 403 -2.71 -58.81 -25.83
N ASP B 404 -2.05 -58.96 -26.97
CA ASP B 404 -2.20 -60.17 -27.76
C ASP B 404 -1.67 -61.34 -26.94
N LYS B 405 -0.53 -61.14 -26.29
CA LYS B 405 0.08 -62.22 -25.50
C LYS B 405 -0.73 -62.53 -24.25
N LEU B 406 -1.30 -61.51 -23.62
CA LEU B 406 -2.11 -61.73 -22.43
C LEU B 406 -3.40 -62.47 -22.81
N ARG B 407 -4.00 -62.08 -23.92
CA ARG B 407 -5.25 -62.68 -24.40
C ARG B 407 -5.06 -64.19 -24.64
N ALA B 408 -3.88 -64.56 -25.09
CA ALA B 408 -3.59 -65.96 -25.34
C ALA B 408 -3.44 -66.70 -24.02
N LEU B 409 -3.21 -65.94 -22.93
CA LEU B 409 -3.06 -66.54 -21.61
C LEU B 409 -4.40 -66.61 -20.90
N GLY B 410 -5.43 -66.11 -21.56
CA GLY B 410 -6.76 -66.12 -21.02
C GLY B 410 -7.35 -64.78 -20.60
N ALA B 411 -6.62 -63.69 -20.82
CA ALA B 411 -7.09 -62.37 -20.40
C ALA B 411 -8.21 -61.78 -21.23
N ASN B 412 -9.16 -61.16 -20.53
CA ASN B 412 -10.26 -60.48 -21.22
C ASN B 412 -9.78 -59.03 -21.30
N ILE B 413 -9.21 -58.66 -22.43
CA ILE B 413 -8.69 -57.32 -22.60
C ILE B 413 -8.97 -56.75 -23.96
N GLU B 414 -9.33 -55.48 -24.02
CA GLU B 414 -9.61 -54.86 -25.31
C GLU B 414 -9.03 -53.46 -25.29
N ARG B 415 -8.63 -52.96 -26.47
CA ARG B 415 -8.10 -51.62 -26.56
C ARG B 415 -9.18 -50.64 -26.99
N VAL B 416 -9.18 -49.48 -26.36
CA VAL B 416 -10.14 -48.42 -26.63
C VAL B 416 -9.39 -47.19 -27.13
N LYS B 417 -9.69 -46.80 -28.37
CA LYS B 417 -9.05 -45.69 -29.05
C LYS B 417 -9.53 -44.26 -28.78
N GLY B 418 -8.84 -43.35 -29.48
CA GLY B 418 -9.11 -41.92 -29.47
C GLY B 418 -9.67 -41.23 -28.24
N GLU B 419 -10.53 -40.24 -28.48
CA GLU B 419 -11.17 -39.43 -27.43
C GLU B 419 -11.74 -40.24 -26.25
N MET C 1 -20.26 37.58 -8.07
CA MET C 1 -19.22 36.67 -7.53
C MET C 1 -19.79 35.28 -7.33
N ASP C 2 -19.13 34.28 -7.92
CA ASP C 2 -19.53 32.87 -7.82
C ASP C 2 -19.43 32.31 -6.39
N LYS C 3 -20.39 31.46 -6.02
CA LYS C 3 -20.40 30.85 -4.71
C LYS C 3 -20.61 29.34 -4.85
N PHE C 4 -20.38 28.60 -3.78
CA PHE C 4 -20.63 27.17 -3.78
C PHE C 4 -21.70 26.98 -2.75
N ARG C 5 -22.79 26.33 -3.14
CA ARG C 5 -23.86 26.02 -2.20
C ARG C 5 -23.66 24.55 -1.87
N VAL C 6 -23.36 24.26 -0.62
CA VAL C 6 -23.14 22.89 -0.21
C VAL C 6 -24.24 22.42 0.70
N GLN C 7 -24.62 21.16 0.55
CA GLN C 7 -25.65 20.58 1.41
C GLN C 7 -25.08 19.39 2.11
N GLY C 8 -25.17 19.41 3.44
CA GLY C 8 -24.62 18.33 4.22
C GLY C 8 -25.62 17.74 5.20
N PRO C 9 -25.24 16.74 5.98
CA PRO C 9 -23.88 16.19 5.96
C PRO C 9 -23.72 15.00 4.99
N THR C 10 -22.50 14.83 4.48
CA THR C 10 -22.23 13.74 3.56
C THR C 10 -20.88 13.13 3.88
N ARG C 11 -20.74 11.85 3.59
CA ARG C 11 -19.49 11.16 3.79
C ARG C 11 -18.84 11.19 2.41
N LEU C 12 -17.61 11.65 2.37
CA LEU C 12 -16.86 11.75 1.12
C LEU C 12 -16.02 10.50 0.96
N GLN C 13 -16.22 9.77 -0.12
CA GLN C 13 -15.43 8.57 -0.33
C GLN C 13 -15.40 8.26 -1.81
N GLY C 14 -14.39 7.49 -2.19
CA GLY C 14 -14.25 7.11 -3.58
C GLY C 14 -12.84 7.37 -4.06
N GLU C 15 -12.71 8.03 -5.20
CA GLU C 15 -11.41 8.25 -5.79
C GLU C 15 -11.24 9.64 -6.34
N VAL C 16 -10.01 10.13 -6.30
CA VAL C 16 -9.72 11.42 -6.87
C VAL C 16 -8.38 11.28 -7.60
N THR C 17 -8.22 11.97 -8.71
CA THR C 17 -6.94 11.93 -9.38
C THR C 17 -6.33 13.31 -9.13
N ILE C 18 -5.14 13.32 -8.55
CA ILE C 18 -4.43 14.55 -8.19
C ILE C 18 -3.83 15.25 -9.40
N SER C 19 -4.10 16.55 -9.51
CA SER C 19 -3.57 17.40 -10.58
C SER C 19 -2.10 17.75 -10.32
N GLY C 20 -1.42 18.27 -11.33
CA GLY C 20 -0.04 18.68 -11.18
C GLY C 20 -0.04 20.00 -10.40
N ALA C 21 1.01 20.22 -9.62
CA ALA C 21 1.12 21.43 -8.82
C ALA C 21 1.37 22.66 -9.67
N LYS C 22 0.50 23.65 -9.51
CA LYS C 22 0.60 24.92 -10.19
C LYS C 22 1.95 25.57 -9.76
N ASN C 23 2.29 25.44 -8.48
CA ASN C 23 3.52 26.04 -7.97
C ASN C 23 4.80 25.43 -8.49
N ALA C 24 4.71 24.34 -9.24
CA ALA C 24 5.89 23.75 -9.84
C ALA C 24 5.76 23.97 -11.35
N ALA C 25 4.53 24.02 -11.83
CA ALA C 25 4.31 24.23 -13.26
C ALA C 25 4.75 25.64 -13.69
N LEU C 26 4.41 26.65 -12.90
CA LEU C 26 4.77 28.03 -13.25
C LEU C 26 6.28 28.25 -13.33
N PRO C 27 7.03 27.92 -12.27
CA PRO C 27 8.48 28.15 -12.39
C PRO C 27 9.05 27.35 -13.55
N ILE C 28 8.52 26.15 -13.76
CA ILE C 28 9.00 25.30 -14.83
C ILE C 28 8.68 25.90 -16.21
N LEU C 29 7.47 26.43 -16.40
CA LEU C 29 7.12 27.05 -17.67
C LEU C 29 8.06 28.23 -17.99
N PHE C 30 8.47 28.98 -16.98
CA PHE C 30 9.37 30.08 -17.26
C PHE C 30 10.78 29.56 -17.48
N ALA C 31 11.18 28.52 -16.73
CA ALA C 31 12.53 27.96 -16.93
C ALA C 31 12.66 27.50 -18.37
N ALA C 32 11.53 27.16 -18.97
CA ALA C 32 11.46 26.69 -20.37
C ALA C 32 12.03 27.67 -21.39
N LEU C 33 12.00 28.96 -21.06
CA LEU C 33 12.55 30.01 -21.92
C LEU C 33 14.03 29.77 -22.17
N LEU C 34 14.66 29.00 -21.28
CA LEU C 34 16.08 28.69 -21.40
C LEU C 34 16.34 27.65 -22.47
N ALA C 35 15.31 26.84 -22.76
CA ALA C 35 15.39 25.73 -23.72
C ALA C 35 15.49 26.11 -25.18
N GLU C 36 16.50 25.56 -25.86
CA GLU C 36 16.71 25.88 -27.27
C GLU C 36 16.08 24.86 -28.22
N GLU C 37 15.49 23.82 -27.66
CA GLU C 37 14.82 22.78 -28.44
C GLU C 37 13.44 22.53 -27.86
N PRO C 38 12.54 21.95 -28.66
CA PRO C 38 11.18 21.66 -28.21
C PRO C 38 11.13 20.94 -26.87
N VAL C 39 10.21 21.39 -26.01
CA VAL C 39 10.03 20.78 -24.70
C VAL C 39 8.57 20.43 -24.47
N GLU C 40 8.32 19.30 -23.83
CA GLU C 40 6.97 18.88 -23.51
C GLU C 40 6.86 18.73 -22.00
N ILE C 41 5.98 19.53 -21.40
CA ILE C 41 5.76 19.55 -19.96
C ILE C 41 4.41 18.86 -19.69
N GLN C 42 4.45 17.71 -19.05
CA GLN C 42 3.25 16.91 -18.77
C GLN C 42 2.63 17.17 -17.41
N ASN C 43 1.34 16.88 -17.30
CA ASN C 43 0.63 17.01 -16.04
C ASN C 43 0.61 18.44 -15.54
N VAL C 44 0.34 19.37 -16.45
CA VAL C 44 0.22 20.77 -16.14
C VAL C 44 -1.24 21.04 -15.89
N PRO C 45 -1.60 21.63 -14.74
CA PRO C 45 -3.04 21.87 -14.52
C PRO C 45 -3.56 22.96 -15.45
N LYS C 46 -4.88 23.03 -15.55
CA LYS C 46 -5.55 24.03 -16.38
C LYS C 46 -6.14 25.09 -15.46
N LEU C 47 -5.30 26.02 -15.05
CA LEU C 47 -5.68 27.10 -14.16
C LEU C 47 -5.37 28.42 -14.86
N LYS C 48 -5.99 29.49 -14.38
CA LYS C 48 -5.82 30.81 -14.95
C LYS C 48 -4.34 31.20 -15.11
N ASP C 49 -3.54 31.04 -14.07
CA ASP C 49 -2.12 31.39 -14.13
C ASP C 49 -1.37 30.65 -15.23
N ILE C 50 -1.75 29.42 -15.54
CA ILE C 50 -1.10 28.71 -16.62
C ILE C 50 -1.53 29.38 -17.94
N ASP C 51 -2.83 29.68 -18.09
CA ASP C 51 -3.31 30.33 -19.30
C ASP C 51 -2.52 31.62 -19.53
N THR C 52 -2.36 32.39 -18.46
CA THR C 52 -1.66 33.67 -18.51
C THR C 52 -0.19 33.51 -18.91
N THR C 53 0.45 32.50 -18.34
CA THR C 53 1.85 32.23 -18.62
C THR C 53 2.06 31.87 -20.09
N MET C 54 1.12 31.13 -20.66
CA MET C 54 1.24 30.74 -22.08
C MET C 54 1.15 31.95 -22.97
N LYS C 55 0.19 32.82 -22.70
CA LYS C 55 0.05 34.03 -23.49
C LYS C 55 1.34 34.84 -23.38
N LEU C 56 1.87 34.96 -22.16
CA LEU C 56 3.10 35.70 -21.94
C LEU C 56 4.27 35.09 -22.69
N LEU C 57 4.42 33.77 -22.64
CA LEU C 57 5.51 33.11 -23.36
C LEU C 57 5.38 33.31 -24.87
N THR C 58 4.14 33.29 -25.35
CA THR C 58 3.85 33.49 -26.77
C THR C 58 4.35 34.84 -27.25
N GLN C 59 4.01 35.89 -26.50
CA GLN C 59 4.44 37.24 -26.82
C GLN C 59 5.98 37.43 -26.87
N LEU C 60 6.75 36.51 -26.29
CA LEU C 60 8.20 36.63 -26.33
C LEU C 60 8.78 35.95 -27.57
N GLY C 61 7.91 35.29 -28.34
CA GLY C 61 8.36 34.60 -29.54
C GLY C 61 8.35 33.09 -29.35
N THR C 62 7.80 32.64 -28.23
CA THR C 62 7.73 31.22 -27.94
C THR C 62 6.54 30.61 -28.68
N LYS C 63 6.72 29.41 -29.22
CA LYS C 63 5.63 28.68 -29.89
C LYS C 63 5.05 27.83 -28.76
N VAL C 64 3.78 28.06 -28.43
CA VAL C 64 3.13 27.37 -27.32
C VAL C 64 1.74 26.79 -27.64
N GLU C 65 1.49 25.58 -27.16
CA GLU C 65 0.19 24.94 -27.36
C GLU C 65 0.03 23.90 -26.26
N ARG C 66 -1.21 23.64 -25.86
CA ARG C 66 -1.46 22.65 -24.83
C ARG C 66 -2.70 21.82 -25.15
N IAS C 67 -3.04 20.94 -24.20
CA IAS C 67 -4.22 20.07 -24.29
C IAS C 67 -5.50 20.68 -23.75
O IAS C 67 -6.47 19.91 -23.51
CB IAS C 67 -3.90 18.68 -23.72
CG IAS C 67 -3.48 18.72 -22.26
OD1 IAS C 67 -3.55 19.78 -21.62
OXT IAS C 67 -5.55 21.91 -23.56
N GLY C 68 -3.09 17.57 -21.69
CA GLY C 68 -2.66 17.56 -20.31
C GLY C 68 -1.23 18.10 -20.30
N SER C 69 -0.62 18.11 -21.48
CA SER C 69 0.75 18.60 -21.67
C SER C 69 0.76 19.99 -22.31
N VAL C 70 1.80 20.73 -22.02
CA VAL C 70 2.02 22.03 -22.65
C VAL C 70 3.27 21.76 -23.48
N TRP C 71 3.23 22.12 -24.76
CA TRP C 71 4.38 21.93 -25.65
C TRP C 71 5.00 23.30 -25.82
N ILE C 72 6.30 23.41 -25.55
CA ILE C 72 6.96 24.70 -25.71
C ILE C 72 8.12 24.59 -26.65
N ASP C 73 8.27 25.58 -27.52
CA ASP C 73 9.40 25.65 -28.43
C ASP C 73 9.84 27.11 -28.37
N ALA C 74 10.85 27.38 -27.56
CA ALA C 74 11.39 28.72 -27.36
C ALA C 74 12.68 28.93 -28.17
N SER C 75 12.89 28.06 -29.14
CA SER C 75 14.08 28.16 -29.97
C SER C 75 14.17 29.53 -30.65
N ASN C 76 13.02 30.15 -30.92
CA ASN C 76 13.03 31.43 -31.61
C ASN C 76 12.60 32.64 -30.82
N VAL C 77 12.70 32.57 -29.49
CA VAL C 77 12.34 33.71 -28.65
C VAL C 77 13.17 34.90 -29.15
N ASN C 78 12.49 35.99 -29.47
CA ASN C 78 13.16 37.16 -30.03
C ASN C 78 12.66 38.49 -29.48
N ASN C 79 11.74 38.44 -28.53
CA ASN C 79 11.21 39.66 -27.92
C ASN C 79 11.47 39.50 -26.43
N PHE C 80 12.18 40.44 -25.84
CA PHE C 80 12.58 40.31 -24.44
C PHE C 80 11.86 41.20 -23.45
N SER C 81 10.63 41.57 -23.75
CA SER C 81 9.84 42.42 -22.89
C SER C 81 8.46 41.81 -22.58
N ALA C 82 8.05 41.85 -21.31
CA ALA C 82 6.75 41.34 -20.90
C ALA C 82 5.91 42.58 -20.55
N PRO C 83 4.98 42.97 -21.44
CA PRO C 83 4.11 44.15 -21.24
C PRO C 83 3.09 44.00 -20.14
N TYR C 84 2.68 45.15 -19.61
CA TYR C 84 1.73 45.28 -18.53
C TYR C 84 0.42 44.49 -18.74
N ASP C 85 -0.21 44.63 -19.91
CA ASP C 85 -1.46 43.93 -20.21
C ASP C 85 -1.33 42.39 -20.11
N LEU C 86 -0.12 41.87 -20.16
CA LEU C 86 0.07 40.43 -20.05
C LEU C 86 0.51 39.97 -18.68
N VAL C 87 1.03 40.88 -17.87
CA VAL C 87 1.52 40.50 -16.54
C VAL C 87 0.68 41.02 -15.39
N LYS C 88 -0.19 41.97 -15.66
CA LYS C 88 -0.99 42.59 -14.62
C LYS C 88 -1.72 41.72 -13.59
N THR C 89 -2.14 40.51 -13.98
CA THR C 89 -2.85 39.63 -13.04
C THR C 89 -1.98 38.55 -12.39
N MET C 90 -0.68 38.56 -12.69
CA MET C 90 0.20 37.53 -12.16
C MET C 90 1.60 38.01 -11.80
N ARG C 91 1.86 38.19 -10.51
CA ARG C 91 3.18 38.66 -10.08
C ARG C 91 4.30 37.67 -10.45
N ALA C 92 3.92 36.40 -10.58
CA ALA C 92 4.87 35.36 -10.92
C ALA C 92 5.53 35.61 -12.27
N SER C 93 5.04 36.61 -13.01
CA SER C 93 5.62 36.89 -14.32
C SER C 93 7.07 37.39 -14.14
N ILE C 94 7.46 37.71 -12.91
CA ILE C 94 8.83 38.15 -12.66
C ILE C 94 9.82 37.03 -13.00
N TRP C 95 9.36 35.78 -12.97
CA TRP C 95 10.23 34.63 -13.27
C TRP C 95 10.71 34.55 -14.71
N ALA C 96 10.29 35.50 -15.53
CA ALA C 96 10.68 35.54 -16.91
C ALA C 96 11.98 36.34 -17.06
N LEU C 97 12.25 37.22 -16.09
CA LEU C 97 13.42 38.06 -16.13
C LEU C 97 14.74 37.29 -16.13
N GLY C 98 14.93 36.40 -15.16
CA GLY C 98 16.16 35.62 -15.09
C GLY C 98 16.49 34.83 -16.36
N PRO C 99 15.53 34.05 -16.88
CA PRO C 99 15.81 33.28 -18.09
C PRO C 99 16.18 34.17 -19.27
N LEU C 100 15.54 35.32 -19.44
CA LEU C 100 15.87 36.17 -20.58
C LEU C 100 17.31 36.73 -20.48
N VAL C 101 17.66 37.27 -19.32
CA VAL C 101 19.00 37.83 -19.15
C VAL C 101 20.05 36.69 -19.18
N ALA C 102 19.69 35.55 -18.63
CA ALA C 102 20.63 34.44 -18.58
C ALA C 102 20.94 33.95 -19.99
N ARG C 103 19.93 33.84 -20.83
CA ARG C 103 20.13 33.34 -22.19
C ARG C 103 20.43 34.35 -23.28
N PHE C 104 19.83 35.54 -23.17
CA PHE C 104 20.01 36.59 -24.17
C PHE C 104 20.79 37.83 -23.73
N GLY C 105 21.01 37.99 -22.44
CA GLY C 105 21.77 39.14 -21.98
C GLY C 105 20.92 40.34 -21.61
N GLN C 106 19.60 40.22 -21.75
CA GLN C 106 18.71 41.31 -21.37
C GLN C 106 17.26 40.86 -21.30
N GLY C 107 16.44 41.67 -20.64
CA GLY C 107 15.04 41.39 -20.51
C GLY C 107 14.36 42.43 -19.64
N GLN C 108 13.05 42.53 -19.75
CA GLN C 108 12.33 43.47 -18.89
C GLN C 108 10.92 42.94 -18.68
N VAL C 109 10.41 43.13 -17.47
CA VAL C 109 9.06 42.71 -17.13
C VAL C 109 8.31 43.91 -16.56
N SER C 110 7.16 44.23 -17.16
CA SER C 110 6.34 45.33 -16.65
C SER C 110 6.10 44.98 -15.19
N LEU C 111 6.27 45.96 -14.31
CA LEU C 111 6.07 45.70 -12.89
C LEU C 111 5.25 46.79 -12.23
N PRO C 112 3.92 46.63 -12.21
CA PRO C 112 3.11 47.67 -11.57
C PRO C 112 3.39 47.72 -10.05
N GLY C 113 3.70 48.91 -9.54
CA GLY C 113 3.97 49.08 -8.12
C GLY C 113 5.26 48.51 -7.57
N GLY C 114 6.20 48.15 -8.46
CA GLY C 114 7.47 47.60 -8.03
C GLY C 114 8.41 48.59 -7.35
N CYS C 115 8.24 49.86 -7.69
CA CYS C 115 9.05 50.93 -7.10
C CYS C 115 8.50 51.58 -5.84
N ALA C 116 9.21 51.38 -4.74
CA ALA C 116 8.81 51.93 -3.45
C ALA C 116 9.99 51.84 -2.51
N ILE C 117 10.00 52.68 -1.47
CA ILE C 117 11.08 52.67 -0.49
C ILE C 117 11.09 51.32 0.19
N GLY C 118 9.98 51.00 0.84
CA GLY C 118 9.84 49.74 1.53
C GLY C 118 10.13 48.57 0.64
N ALA C 119 10.52 47.47 1.25
CA ALA C 119 10.86 46.27 0.52
C ALA C 119 9.66 45.62 -0.18
N ARG C 120 9.86 45.28 -1.45
CA ARG C 120 8.86 44.60 -2.27
C ARG C 120 9.42 43.24 -2.61
N PRO C 121 8.56 42.27 -2.94
CA PRO C 121 9.05 40.93 -3.28
C PRO C 121 9.99 40.99 -4.49
N VAL C 122 9.81 42.00 -5.34
CA VAL C 122 10.69 42.12 -6.50
C VAL C 122 12.16 42.27 -6.07
N ASP C 123 12.41 42.88 -4.92
CA ASP C 123 13.80 43.04 -4.45
C ASP C 123 14.54 41.72 -4.31
N LEU C 124 13.83 40.68 -3.88
CA LEU C 124 14.46 39.38 -3.72
C LEU C 124 15.02 38.89 -5.05
N HIS C 125 14.26 39.10 -6.12
CA HIS C 125 14.70 38.69 -7.45
C HIS C 125 15.83 39.58 -7.94
N ILE C 126 15.76 40.86 -7.60
CA ILE C 126 16.79 41.82 -8.00
C ILE C 126 18.14 41.43 -7.35
N PHE C 127 18.08 41.10 -6.07
CA PHE C 127 19.26 40.68 -5.33
C PHE C 127 19.90 39.47 -5.99
N GLY C 128 19.07 38.49 -6.34
CA GLY C 128 19.59 37.29 -6.96
C GLY C 128 20.28 37.52 -8.28
N LEU C 129 19.71 38.35 -9.14
CA LEU C 129 20.32 38.58 -10.42
C LEU C 129 21.55 39.50 -10.32
N GLU C 130 21.56 40.46 -9.39
CA GLU C 130 22.71 41.33 -9.25
C GLU C 130 23.89 40.44 -8.85
N LYS C 131 23.64 39.54 -7.90
CA LYS C 131 24.67 38.60 -7.41
C LYS C 131 25.27 37.80 -8.54
N LEU C 132 24.46 37.46 -9.52
CA LEU C 132 24.95 36.71 -10.67
C LEU C 132 25.65 37.61 -11.69
N GLY C 133 25.70 38.92 -11.42
CA GLY C 133 26.37 39.84 -12.33
C GLY C 133 25.55 40.75 -13.23
N ALA C 134 24.23 40.71 -13.10
CA ALA C 134 23.37 41.54 -13.95
C ALA C 134 23.14 42.92 -13.36
N GLU C 135 22.89 43.89 -14.23
CA GLU C 135 22.62 45.25 -13.78
C GLU C 135 21.11 45.34 -13.84
N ILE C 136 20.48 45.76 -12.76
CA ILE C 136 19.03 45.86 -12.72
C ILE C 136 18.59 47.31 -12.53
N LYS C 137 17.59 47.73 -13.30
CA LYS C 137 17.06 49.07 -13.19
C LYS C 137 15.53 49.08 -13.16
N LEU C 138 14.96 49.91 -12.30
CA LEU C 138 13.52 50.06 -12.20
C LEU C 138 13.21 51.35 -12.93
N GLU C 139 12.64 51.27 -14.12
CA GLU C 139 12.35 52.49 -14.85
C GLU C 139 11.23 52.33 -15.86
N GLU C 140 10.50 53.42 -16.08
CA GLU C 140 9.40 53.44 -17.02
C GLU C 140 8.38 52.36 -16.66
N GLY C 141 8.34 52.01 -15.36
CA GLY C 141 7.41 51.00 -14.86
C GLY C 141 7.78 49.56 -15.18
N TYR C 142 9.05 49.32 -15.47
CA TYR C 142 9.54 47.98 -15.79
C TYR C 142 10.72 47.61 -14.93
N VAL C 143 10.88 46.33 -14.66
CA VAL C 143 12.09 45.97 -14.00
C VAL C 143 12.88 45.48 -15.24
N LYS C 144 14.03 46.09 -15.46
CA LYS C 144 14.91 45.80 -16.60
C LYS C 144 16.22 45.17 -16.15
N ALA C 145 16.71 44.22 -16.94
CA ALA C 145 17.96 43.57 -16.59
C ALA C 145 18.84 43.37 -17.83
N SER C 146 20.16 43.31 -17.61
CA SER C 146 21.09 43.07 -18.69
C SER C 146 22.38 42.65 -18.05
N VAL C 147 23.21 41.95 -18.81
CA VAL C 147 24.51 41.56 -18.29
C VAL C 147 25.45 41.63 -19.48
N ASN C 148 26.66 42.07 -19.23
CA ASN C 148 27.68 42.17 -20.26
C ASN C 148 28.26 40.76 -20.41
N GLY C 149 28.03 40.10 -21.53
CA GLY C 149 28.51 38.74 -21.67
C GLY C 149 27.48 37.79 -21.06
N ARG C 150 27.92 36.89 -20.19
CA ARG C 150 27.02 35.95 -19.54
C ARG C 150 27.03 36.18 -18.04
N LEU C 151 26.02 35.67 -17.34
CA LEU C 151 26.00 35.79 -15.90
C LEU C 151 27.23 35.04 -15.42
N LYS C 152 27.64 35.31 -14.19
CA LYS C 152 28.82 34.68 -13.64
C LYS C 152 28.46 34.04 -12.30
N GLY C 153 28.87 32.78 -12.11
CA GLY C 153 28.57 32.08 -10.89
C GLY C 153 29.03 32.80 -9.64
N ALA C 154 28.29 32.65 -8.54
CA ALA C 154 28.68 33.30 -7.29
C ALA C 154 28.21 32.50 -6.10
N HIS C 155 28.79 32.82 -4.94
CA HIS C 155 28.40 32.18 -3.69
C HIS C 155 27.35 33.15 -3.20
N ILE C 156 26.13 32.68 -3.06
CA ILE C 156 25.04 33.53 -2.65
C ILE C 156 24.39 33.06 -1.37
N VAL C 157 24.25 33.98 -0.42
CA VAL C 157 23.66 33.68 0.86
C VAL C 157 22.31 34.38 1.01
N MET C 158 21.26 33.59 1.25
CA MET C 158 19.95 34.16 1.43
C MET C 158 19.68 34.23 2.94
N ASP C 159 19.57 35.46 3.43
CA ASP C 159 19.33 35.77 4.84
C ASP C 159 18.02 35.20 5.31
N LYS C 160 17.08 35.13 4.38
CA LYS C 160 15.76 34.61 4.67
C LYS C 160 15.42 33.65 3.53
N VAL C 161 14.65 32.61 3.82
CA VAL C 161 14.29 31.68 2.78
C VAL C 161 13.26 32.24 1.83
N SER C 162 13.53 32.12 0.54
CA SER C 162 12.60 32.59 -0.47
C SER C 162 12.49 31.60 -1.61
N VAL C 163 11.28 31.06 -1.77
CA VAL C 163 11.02 30.14 -2.85
C VAL C 163 11.19 30.94 -4.17
N GLY C 164 10.60 32.12 -4.22
CA GLY C 164 10.67 32.92 -5.45
C GLY C 164 12.08 33.21 -5.91
N ALA C 165 12.89 33.75 -5.00
CA ALA C 165 14.28 34.08 -5.33
C ALA C 165 15.12 32.84 -5.62
N THR C 166 14.83 31.75 -4.93
CA THR C 166 15.59 30.51 -5.17
C THR C 166 15.41 30.05 -6.61
N VAL C 167 14.18 30.14 -7.12
CA VAL C 167 13.89 29.74 -8.50
C VAL C 167 14.62 30.64 -9.49
N THR C 168 14.48 31.95 -9.28
CA THR C 168 15.14 32.91 -10.14
C THR C 168 16.62 32.69 -10.18
N ILE C 169 17.24 32.59 -9.01
CA ILE C 169 18.70 32.41 -8.92
C ILE C 169 19.15 31.08 -9.50
N MET C 170 18.47 30.01 -9.13
CA MET C 170 18.84 28.69 -9.60
C MET C 170 18.64 28.53 -11.11
N SER C 171 17.52 29.00 -11.62
CA SER C 171 17.26 28.89 -13.08
C SER C 171 18.26 29.69 -13.89
N ALA C 172 18.49 30.93 -13.49
CA ALA C 172 19.43 31.76 -14.24
C ALA C 172 20.86 31.23 -14.11
N ALA C 173 21.21 30.68 -12.95
CA ALA C 173 22.58 30.20 -12.76
C ALA C 173 22.95 29.08 -13.67
N THR C 174 21.95 28.34 -14.17
CA THR C 174 22.22 27.21 -15.04
C THR C 174 22.95 27.62 -16.31
N LEU C 175 22.88 28.89 -16.67
CA LEU C 175 23.61 29.33 -17.89
C LEU C 175 24.75 30.31 -17.57
N ALA C 176 25.00 30.53 -16.28
CA ALA C 176 26.07 31.42 -15.85
C ALA C 176 27.43 30.76 -16.10
N GLU C 177 28.49 31.54 -16.00
CA GLU C 177 29.82 31.00 -16.22
C GLU C 177 30.38 30.67 -14.84
N GLY C 178 30.69 29.41 -14.62
CA GLY C 178 31.24 29.02 -13.35
C GLY C 178 30.21 28.33 -12.49
N THR C 179 30.52 28.25 -11.20
CA THR C 179 29.67 27.58 -10.26
C THR C 179 28.96 28.51 -9.31
N THR C 180 27.68 28.25 -9.08
CA THR C 180 26.92 29.06 -8.16
C THR C 180 26.53 28.20 -6.99
N ILE C 181 26.56 28.78 -5.80
CA ILE C 181 26.15 28.08 -4.60
C ILE C 181 25.13 28.94 -3.89
N ILE C 182 23.95 28.38 -3.71
CA ILE C 182 22.88 29.08 -3.02
C ILE C 182 22.82 28.53 -1.59
N GLU C 183 23.07 29.38 -0.59
CA GLU C 183 23.04 29.00 0.82
C GLU C 183 21.70 29.39 1.38
N ASN C 184 21.14 28.53 2.22
CA ASN C 184 19.84 28.76 2.85
C ASN C 184 18.73 28.78 1.79
N ALA C 185 18.87 27.96 0.76
CA ALA C 185 17.90 27.86 -0.32
C ALA C 185 16.56 27.24 0.12
N ALA C 186 15.48 27.63 -0.54
CA ALA C 186 14.15 27.08 -0.24
C ALA C 186 14.25 25.57 -0.55
N ARG C 187 13.58 24.74 0.26
CA ARG C 187 13.65 23.28 0.10
C ARG C 187 12.38 22.62 -0.46
N GLU C 188 11.32 23.41 -0.65
CA GLU C 188 10.05 22.89 -1.19
C GLU C 188 10.16 21.93 -2.37
N PRO C 189 9.24 20.95 -2.46
CA PRO C 189 9.21 19.96 -3.55
C PRO C 189 9.14 20.67 -4.91
N GLU C 190 8.50 21.83 -4.94
CA GLU C 190 8.42 22.56 -6.21
C GLU C 190 9.82 23.00 -6.64
N ILE C 191 10.66 23.33 -5.66
CA ILE C 191 12.04 23.73 -5.95
C ILE C 191 12.77 22.53 -6.53
N VAL C 192 12.56 21.36 -5.93
CA VAL C 192 13.22 20.15 -6.39
C VAL C 192 12.78 19.80 -7.80
N ASP C 193 11.49 19.96 -8.08
CA ASP C 193 10.95 19.63 -9.40
C ASP C 193 11.49 20.60 -10.47
N THR C 194 11.64 21.86 -10.09
CA THR C 194 12.15 22.86 -11.02
C THR C 194 13.60 22.48 -11.35
N ALA C 195 14.35 22.16 -10.30
CA ALA C 195 15.76 21.75 -10.45
C ALA C 195 15.86 20.51 -11.32
N ASN C 196 15.02 19.52 -11.03
CA ASN C 196 15.09 18.30 -11.84
C ASN C 196 14.74 18.59 -13.30
N PHE C 197 13.81 19.52 -13.52
CA PHE C 197 13.41 19.89 -14.88
C PHE C 197 14.61 20.49 -15.59
N LEU C 198 15.32 21.38 -14.90
CA LEU C 198 16.50 22.01 -15.48
C LEU C 198 17.54 20.93 -15.81
N VAL C 199 17.72 19.97 -14.91
CA VAL C 199 18.65 18.87 -15.16
C VAL C 199 18.22 18.13 -16.42
N ALA C 200 16.93 17.87 -16.59
CA ALA C 200 16.47 17.18 -17.80
C ALA C 200 16.85 17.94 -19.06
N LEU C 201 16.96 19.27 -18.97
CA LEU C 201 17.33 20.08 -20.12
C LEU C 201 18.82 20.13 -20.31
N GLY C 202 19.58 19.58 -19.36
CA GLY C 202 21.03 19.57 -19.46
C GLY C 202 21.74 20.40 -18.38
N ALA C 203 21.01 20.99 -17.46
CA ALA C 203 21.65 21.79 -16.43
C ALA C 203 22.39 20.87 -15.46
N LYS C 204 23.32 21.46 -14.71
CA LYS C 204 24.07 20.72 -13.71
C LYS C 204 23.75 21.31 -12.34
N ILE C 205 22.88 20.64 -11.61
CA ILE C 205 22.46 21.08 -10.27
C ILE C 205 22.56 19.92 -9.28
N SER C 206 22.86 20.23 -8.02
CA SER C 206 22.89 19.21 -7.00
C SER C 206 22.52 19.89 -5.70
N GLY C 207 21.99 19.12 -4.77
CA GLY C 207 21.63 19.69 -3.49
C GLY C 207 20.21 20.20 -3.48
N GLN C 208 19.47 20.11 -4.60
CA GLN C 208 18.07 20.57 -4.57
C GLN C 208 17.36 19.71 -3.53
N GLY C 209 16.63 20.35 -2.65
CA GLY C 209 15.95 19.64 -1.59
C GLY C 209 16.65 19.92 -0.26
N THR C 210 17.93 20.34 -0.31
CA THR C 210 18.64 20.68 0.93
C THR C 210 18.75 22.21 1.02
N ASP C 211 19.32 22.69 2.11
CA ASP C 211 19.47 24.12 2.32
C ASP C 211 20.58 24.74 1.45
N ARG C 212 21.35 23.92 0.73
CA ARG C 212 22.43 24.40 -0.12
C ARG C 212 22.37 23.81 -1.54
N ILE C 213 22.25 24.66 -2.54
CA ILE C 213 22.17 24.18 -3.93
C ILE C 213 23.40 24.58 -4.71
N THR C 214 23.94 23.64 -5.47
CA THR C 214 25.12 23.93 -6.26
C THR C 214 24.81 23.76 -7.73
N ILE C 215 25.02 24.83 -8.49
CA ILE C 215 24.76 24.87 -9.93
C ILE C 215 26.07 25.15 -10.66
N GLU C 216 26.36 24.34 -11.66
CA GLU C 216 27.53 24.53 -12.47
C GLU C 216 27.00 24.93 -13.84
N GLY C 217 27.24 26.18 -14.23
CA GLY C 217 26.75 26.67 -15.50
C GLY C 217 27.22 25.92 -16.73
N VAL C 218 26.37 25.88 -17.76
CA VAL C 218 26.71 25.22 -19.02
C VAL C 218 26.43 26.24 -20.11
N GLU C 219 26.81 25.94 -21.35
CA GLU C 219 26.59 26.88 -22.44
C GLU C 219 25.13 27.10 -22.82
N ARG C 220 24.37 26.01 -22.88
CA ARG C 220 22.97 26.11 -23.25
C ARG C 220 22.17 24.92 -22.78
N LEU C 221 20.86 25.07 -22.80
CA LEU C 221 19.97 24.01 -22.39
C LEU C 221 19.27 23.55 -23.65
N GLY C 222 18.97 22.26 -23.74
CA GLY C 222 18.29 21.72 -24.90
C GLY C 222 16.80 21.61 -24.69
N GLY C 223 16.24 20.43 -24.97
CA GLY C 223 14.80 20.22 -24.80
C GLY C 223 14.54 18.87 -24.15
N GLY C 224 13.33 18.35 -24.35
CA GLY C 224 12.98 17.05 -23.77
C GLY C 224 11.53 16.94 -23.32
N VAL C 225 11.29 16.01 -22.40
CA VAL C 225 9.98 15.76 -21.85
C VAL C 225 10.09 15.75 -20.34
N TYR C 226 9.15 16.39 -19.66
CA TYR C 226 9.18 16.39 -18.20
C TYR C 226 7.77 16.43 -17.70
N ARG C 227 7.53 15.70 -16.63
CA ARG C 227 6.22 15.65 -16.04
C ARG C 227 6.22 16.36 -14.68
N VAL C 228 5.38 17.38 -14.55
CA VAL C 228 5.27 18.15 -13.31
C VAL C 228 4.72 17.27 -12.20
N LEU C 229 5.28 17.42 -10.99
CA LEU C 229 4.88 16.64 -9.83
C LEU C 229 3.44 16.92 -9.37
N PRO C 230 2.83 15.94 -8.68
CA PRO C 230 1.46 16.06 -8.17
C PRO C 230 1.37 17.22 -7.19
N ASP C 231 0.19 17.84 -7.10
CA ASP C 231 -0.01 18.92 -6.15
C ASP C 231 -0.20 18.33 -4.74
N ARG C 232 0.84 18.40 -3.90
CA ARG C 232 0.79 17.88 -2.53
C ARG C 232 -0.26 18.52 -1.61
N ILE C 233 -0.58 19.80 -1.80
CA ILE C 233 -1.58 20.43 -0.93
C ILE C 233 -2.99 20.01 -1.33
N GLU C 234 -3.22 19.84 -2.62
CA GLU C 234 -4.54 19.37 -3.07
C GLU C 234 -4.66 17.92 -2.55
N THR C 235 -3.58 17.18 -2.62
CA THR C 235 -3.62 15.82 -2.10
C THR C 235 -3.99 15.83 -0.60
N GLY C 236 -3.30 16.67 0.17
CA GLY C 236 -3.59 16.75 1.60
C GLY C 236 -5.01 17.19 1.84
N THR C 237 -5.53 18.04 0.96
CA THR C 237 -6.90 18.51 1.10
C THR C 237 -7.93 17.39 0.92
N PHE C 238 -7.75 16.56 -0.11
CA PHE C 238 -8.70 15.47 -0.33
C PHE C 238 -8.57 14.38 0.75
N LEU C 239 -7.37 14.21 1.28
CA LEU C 239 -7.18 13.26 2.36
C LEU C 239 -7.96 13.73 3.58
N VAL C 240 -7.89 15.04 3.86
CA VAL C 240 -8.61 15.59 5.01
C VAL C 240 -10.09 15.45 4.83
N ALA C 241 -10.55 15.68 3.60
CA ALA C 241 -11.97 15.59 3.27
C ALA C 241 -12.53 14.21 3.67
N ALA C 242 -11.76 13.16 3.49
CA ALA C 242 -12.27 11.84 3.88
C ALA C 242 -12.06 11.66 5.39
N ALA C 243 -10.95 12.17 5.88
CA ALA C 243 -10.63 12.02 7.30
C ALA C 243 -11.61 12.72 8.24
N ILE C 244 -12.36 13.70 7.75
CA ILE C 244 -13.29 14.41 8.61
C ILE C 244 -14.71 13.95 8.44
N SER C 245 -14.93 13.10 7.43
CA SER C 245 -16.29 12.68 7.13
C SER C 245 -16.57 11.19 7.27
N GLY C 246 -15.69 10.48 7.98
CA GLY C 246 -15.82 9.04 8.19
C GLY C 246 -15.64 8.33 6.87
N GLY C 247 -14.93 9.00 5.96
CA GLY C 247 -14.75 8.48 4.63
C GLY C 247 -13.59 7.57 4.34
N LYS C 248 -13.48 7.24 3.06
CA LYS C 248 -12.46 6.35 2.53
C LYS C 248 -12.16 6.85 1.12
N ILE C 249 -10.88 7.05 0.85
CA ILE C 249 -10.53 7.56 -0.46
C ILE C 249 -9.20 7.04 -0.95
N VAL C 250 -9.02 7.06 -2.27
CA VAL C 250 -7.74 6.72 -2.85
C VAL C 250 -7.36 7.92 -3.74
N CYS C 251 -6.11 8.39 -3.61
CA CYS C 251 -5.61 9.51 -4.41
C CYS C 251 -4.66 8.98 -5.48
N ARG C 252 -5.05 9.13 -6.74
CA ARG C 252 -4.23 8.66 -7.84
C ARG C 252 -3.31 9.77 -8.31
N ASN C 253 -2.21 9.37 -8.93
CA ASN C 253 -1.23 10.32 -9.43
C ASN C 253 -0.74 11.19 -8.29
N ALA C 254 -0.43 10.56 -7.17
CA ALA C 254 0.05 11.26 -6.01
C ALA C 254 1.52 10.94 -5.85
N GLN C 255 2.15 11.61 -4.88
CA GLN C 255 3.58 11.40 -4.58
C GLN C 255 3.71 11.58 -3.08
N PRO C 256 3.51 10.49 -2.33
CA PRO C 256 3.57 10.41 -0.86
C PRO C 256 4.83 10.94 -0.18
N ASP C 257 5.99 10.82 -0.82
CA ASP C 257 7.21 11.30 -0.18
C ASP C 257 7.28 12.82 0.00
N THR C 258 6.29 13.55 -0.50
CA THR C 258 6.26 15.00 -0.36
C THR C 258 5.28 15.32 0.76
N LEU C 259 4.69 14.28 1.32
CA LEU C 259 3.68 14.44 2.36
C LEU C 259 3.93 13.77 3.71
N ASP C 260 5.16 13.36 3.99
CA ASP C 260 5.47 12.68 5.26
C ASP C 260 4.82 13.27 6.48
N ALA C 261 4.99 14.58 6.69
CA ALA C 261 4.45 15.23 7.88
C ALA C 261 2.93 15.17 7.93
N VAL C 262 2.29 15.42 6.79
CA VAL C 262 0.85 15.36 6.76
C VAL C 262 0.36 13.91 7.02
N LEU C 263 0.96 12.92 6.35
CA LEU C 263 0.50 11.53 6.56
C LEU C 263 0.69 11.09 8.01
N ALA C 264 1.84 11.41 8.60
CA ALA C 264 2.10 11.05 10.01
C ALA C 264 1.01 11.70 10.84
N LYS C 265 0.76 12.95 10.56
CA LYS C 265 -0.27 13.64 11.31
C LYS C 265 -1.65 13.02 11.11
N LEU C 266 -1.95 12.56 9.88
CA LEU C 266 -3.27 11.95 9.63
C LEU C 266 -3.35 10.62 10.38
N ARG C 267 -2.24 9.89 10.45
CA ARG C 267 -2.23 8.64 11.18
C ARG C 267 -2.53 8.86 12.67
N GLU C 268 -2.01 9.96 13.22
CA GLU C 268 -2.22 10.32 14.62
C GLU C 268 -3.67 10.66 14.85
N ALA C 269 -4.34 11.12 13.79
CA ALA C 269 -5.75 11.46 13.92
C ALA C 269 -6.64 10.22 13.80
N GLY C 270 -6.00 9.04 13.65
CA GLY C 270 -6.76 7.81 13.55
C GLY C 270 -6.98 7.26 12.15
N ALA C 271 -6.32 7.84 11.16
CA ALA C 271 -6.49 7.36 9.79
C ALA C 271 -5.64 6.11 9.46
N ASP C 272 -6.25 5.20 8.71
CA ASP C 272 -5.60 3.98 8.25
C ASP C 272 -5.12 4.34 6.85
N ILE C 273 -3.81 4.54 6.72
CA ILE C 273 -3.22 4.96 5.46
C ILE C 273 -2.23 3.99 4.84
N GLU C 274 -2.30 3.87 3.52
CA GLU C 274 -1.39 3.02 2.77
C GLU C 274 -0.92 3.88 1.63
N THR C 275 0.30 3.64 1.18
CA THR C 275 0.89 4.39 0.09
C THR C 275 1.63 3.46 -0.84
N GLY C 276 1.72 3.87 -2.09
CA GLY C 276 2.46 3.15 -3.12
C GLY C 276 3.36 4.21 -3.74
N GLU C 277 4.04 3.90 -4.83
CA GLU C 277 4.94 4.85 -5.46
C GLU C 277 4.16 6.08 -5.97
N ASP C 278 2.93 5.87 -6.44
CA ASP C 278 2.13 6.97 -6.96
C ASP C 278 0.69 7.04 -6.45
N TRP C 279 0.42 6.49 -5.28
CA TRP C 279 -0.95 6.57 -4.78
C TRP C 279 -0.99 6.60 -3.27
N ILE C 280 -2.10 7.05 -2.73
CA ILE C 280 -2.28 7.09 -1.28
C ILE C 280 -3.73 6.71 -1.00
N SER C 281 -3.99 5.93 0.04
CA SER C 281 -5.35 5.56 0.37
C SER C 281 -5.53 5.90 1.84
N LEU C 282 -6.74 6.32 2.20
CA LEU C 282 -7.04 6.68 3.57
C LEU C 282 -8.42 6.15 3.89
N ASP C 283 -8.54 5.56 5.07
CA ASP C 283 -9.80 4.98 5.48
C ASP C 283 -10.00 5.33 6.95
N MET C 284 -11.15 5.88 7.29
CA MET C 284 -11.47 6.21 8.68
C MET C 284 -12.33 5.08 9.30
N HIS C 285 -12.67 4.07 8.51
CA HIS C 285 -13.49 2.96 8.99
C HIS C 285 -14.77 3.47 9.71
N GLY C 286 -15.35 4.55 9.16
CA GLY C 286 -16.56 5.11 9.73
C GLY C 286 -16.39 5.80 11.06
N LYS C 287 -15.16 6.13 11.40
CA LYS C 287 -14.84 6.78 12.69
C LYS C 287 -14.45 8.26 12.59
N ARG C 288 -14.88 9.04 13.58
CA ARG C 288 -14.55 10.45 13.66
C ARG C 288 -13.07 10.51 13.87
N PRO C 289 -12.43 11.60 13.41
CA PRO C 289 -11.00 11.73 13.58
C PRO C 289 -10.68 12.03 15.04
N LYS C 290 -9.41 11.88 15.42
CA LYS C 290 -8.94 12.17 16.77
C LYS C 290 -8.12 13.46 16.72
N ALA C 291 -8.47 14.45 17.53
CA ALA C 291 -7.74 15.71 17.56
C ALA C 291 -6.24 15.48 17.72
N VAL C 292 -5.44 16.30 17.01
CA VAL C 292 -3.98 16.20 17.08
C VAL C 292 -3.40 17.61 17.29
N THR C 293 -2.10 17.66 17.55
CA THR C 293 -1.45 18.92 17.78
C THR C 293 -0.51 19.15 16.62
N VAL C 294 -0.59 20.35 16.08
CA VAL C 294 0.16 20.71 14.89
C VAL C 294 0.91 22.03 14.98
N ARG C 295 2.11 22.01 14.46
CA ARG C 295 2.96 23.18 14.49
C ARG C 295 3.53 23.30 13.09
N THR C 296 3.17 24.37 12.37
CA THR C 296 3.71 24.53 11.01
C THR C 296 5.16 24.91 11.09
N ALA C 297 5.86 24.66 10.01
CA ALA C 297 7.27 24.94 9.98
C ALA C 297 7.69 24.65 8.55
N PRO C 298 8.89 25.08 8.19
CA PRO C 298 9.44 24.88 6.84
C PRO C 298 9.36 23.43 6.41
N HIS C 299 9.42 23.18 5.10
CA HIS C 299 9.38 21.82 4.58
C HIS C 299 10.73 21.29 5.03
N PRO C 300 10.84 19.98 5.34
CA PRO C 300 9.79 18.96 5.31
C PRO C 300 8.87 18.81 6.52
N ALA C 301 8.79 19.84 7.35
CA ALA C 301 7.92 19.82 8.52
C ALA C 301 6.50 20.08 8.01
N PHE C 302 5.52 20.10 8.91
CA PHE C 302 4.12 20.30 8.54
C PHE C 302 3.89 21.66 7.85
N PRO C 303 3.47 21.65 6.56
CA PRO C 303 3.19 22.82 5.71
C PRO C 303 2.13 23.80 6.18
N THR C 304 2.44 25.09 6.08
CA THR C 304 1.46 26.09 6.50
C THR C 304 0.22 26.01 5.61
N ASP C 305 0.41 25.60 4.36
CA ASP C 305 -0.70 25.47 3.41
C ASP C 305 -1.75 24.40 3.74
N MET C 306 -1.50 23.60 4.78
CA MET C 306 -2.42 22.54 5.22
C MET C 306 -2.98 22.87 6.58
N GLN C 307 -2.58 24.02 7.12
CA GLN C 307 -3.01 24.40 8.46
C GLN C 307 -4.49 24.62 8.65
N ALA C 308 -5.13 25.34 7.73
CA ALA C 308 -6.56 25.59 7.86
C ALA C 308 -7.37 24.28 7.78
N GLN C 309 -6.96 23.37 6.90
CA GLN C 309 -7.68 22.10 6.75
C GLN C 309 -7.51 21.25 8.01
N PHE C 310 -6.38 21.37 8.68
CA PHE C 310 -6.22 20.59 9.91
C PHE C 310 -6.90 21.25 11.11
N THR C 311 -7.17 22.55 11.00
CA THR C 311 -7.84 23.23 12.08
C THR C 311 -9.23 22.73 12.04
N LEU C 312 -9.74 22.63 10.83
CA LEU C 312 -11.08 22.12 10.62
C LEU C 312 -11.17 20.68 11.15
N LEU C 313 -10.15 19.88 10.91
CA LEU C 313 -10.19 18.50 11.37
C LEU C 313 -10.28 18.38 12.91
N ASN C 314 -9.51 19.18 13.64
CA ASN C 314 -9.56 19.15 15.11
C ASN C 314 -10.88 19.62 15.60
N LEU C 315 -11.45 20.60 14.91
CA LEU C 315 -12.73 21.15 15.32
C LEU C 315 -13.91 20.23 15.14
N VAL C 316 -13.71 19.08 14.51
CA VAL C 316 -14.81 18.13 14.33
C VAL C 316 -14.32 16.78 14.80
N ALA C 317 -13.19 16.81 15.47
CA ALA C 317 -12.58 15.59 15.97
C ALA C 317 -12.99 15.30 17.41
N GLU C 318 -12.41 14.24 17.95
CA GLU C 318 -12.65 13.82 19.31
C GLU C 318 -11.49 14.35 20.08
N GLY C 319 -11.74 15.16 21.11
CA GLY C 319 -10.63 15.68 21.87
C GLY C 319 -10.30 17.10 21.56
N THR C 320 -9.08 17.51 21.96
CA THR C 320 -8.59 18.85 21.79
C THR C 320 -7.20 18.82 21.19
N GLY C 321 -6.93 19.77 20.29
CA GLY C 321 -5.64 19.85 19.64
C GLY C 321 -5.21 21.30 19.51
N VAL C 322 -3.91 21.51 19.43
CA VAL C 322 -3.38 22.84 19.32
C VAL C 322 -2.64 23.14 18.03
N ILE C 323 -3.23 24.01 17.21
CA ILE C 323 -2.62 24.38 15.95
C ILE C 323 -1.71 25.61 16.16
N THR C 324 -0.45 25.46 15.81
CA THR C 324 0.54 26.52 15.97
C THR C 324 1.21 26.96 14.68
N GLU C 325 0.97 28.21 14.27
CA GLU C 325 1.58 28.78 13.05
C GLU C 325 2.91 29.45 13.36
N THR C 326 3.97 29.07 12.64
CA THR C 326 5.26 29.67 12.85
C THR C 326 5.76 30.22 11.52
N ILE C 327 4.88 30.25 10.52
CA ILE C 327 5.24 30.73 9.19
C ILE C 327 4.51 32.04 8.88
N PHE C 328 3.24 32.12 9.28
CA PHE C 328 2.41 33.30 9.09
C PHE C 328 1.53 33.41 10.33
N GLU C 329 1.91 34.26 11.28
CA GLU C 329 1.11 34.44 12.49
C GLU C 329 0.02 35.47 12.12
N ASN C 330 -1.19 35.00 11.78
CA ASN C 330 -2.28 35.90 11.34
C ASN C 330 -3.22 35.12 10.43
N ARG C 331 -2.77 33.92 10.04
CA ARG C 331 -3.48 33.05 9.11
C ARG C 331 -4.57 32.22 9.79
N PHE C 332 -5.53 32.89 10.42
CA PHE C 332 -6.59 32.20 11.11
C PHE C 332 -7.96 32.78 10.81
N MET C 333 -8.09 33.41 9.64
CA MET C 333 -9.37 34.01 9.26
C MET C 333 -10.51 33.00 9.20
N HIS C 334 -10.18 31.72 8.96
CA HIS C 334 -11.22 30.68 8.89
C HIS C 334 -11.83 30.35 10.25
N VAL C 335 -11.06 30.52 11.33
CA VAL C 335 -11.52 30.20 12.67
C VAL C 335 -12.84 30.85 13.05
N PRO C 336 -12.98 32.16 12.82
CA PRO C 336 -14.22 32.87 13.14
C PRO C 336 -15.39 32.38 12.31
N GLU C 337 -15.13 32.01 11.06
CA GLU C 337 -16.19 31.50 10.16
C GLU C 337 -16.62 30.10 10.63
N LEU C 338 -15.63 29.28 11.00
CA LEU C 338 -15.94 27.95 11.49
C LEU C 338 -16.71 28.06 12.82
N ILE C 339 -16.37 29.07 13.64
CA ILE C 339 -17.10 29.26 14.90
C ILE C 339 -18.55 29.63 14.58
N ARG C 340 -18.75 30.37 13.50
CA ARG C 340 -20.13 30.71 13.13
C ARG C 340 -20.85 29.44 12.66
N MET C 341 -20.09 28.40 12.35
CA MET C 341 -20.69 27.14 11.92
C MET C 341 -20.96 26.21 13.12
N GLY C 342 -20.65 26.69 14.33
CA GLY C 342 -20.91 25.92 15.54
C GLY C 342 -19.69 25.29 16.16
N ALA C 343 -18.52 25.75 15.75
CA ALA C 343 -17.28 25.21 16.26
C ALA C 343 -16.83 25.85 17.56
N HIS C 344 -15.86 25.22 18.22
CA HIS C 344 -15.34 25.73 19.47
C HIS C 344 -13.83 25.82 19.42
N ALA C 345 -13.36 27.05 19.28
CA ALA C 345 -11.94 27.31 19.20
C ALA C 345 -11.56 28.65 19.84
N GLU C 346 -10.29 28.78 20.22
CA GLU C 346 -9.77 30.00 20.82
C GLU C 346 -8.45 30.31 20.18
N ILE C 347 -8.31 31.54 19.74
CA ILE C 347 -7.08 31.98 19.13
C ILE C 347 -6.30 32.69 20.21
N GLU C 348 -4.99 32.44 20.26
CA GLU C 348 -4.14 33.05 21.27
C GLU C 348 -2.73 33.14 20.71
N SER C 349 -2.29 34.36 20.41
CA SER C 349 -0.96 34.51 19.86
C SER C 349 -0.99 33.74 18.52
N ASN C 350 0.11 33.08 18.15
CA ASN C 350 0.17 32.35 16.88
C ASN C 350 -0.34 30.91 16.99
N THR C 351 -1.45 30.70 17.71
CA THR C 351 -1.96 29.36 17.90
C THR C 351 -3.47 29.34 18.08
N VAL C 352 -4.08 28.23 17.70
CA VAL C 352 -5.51 28.07 17.87
C VAL C 352 -5.76 26.82 18.71
N ILE C 353 -6.62 26.96 19.70
CA ILE C 353 -6.93 25.84 20.58
C ILE C 353 -8.25 25.29 20.09
N CYS C 354 -8.28 24.03 19.68
CA CYS C 354 -9.51 23.44 19.14
C CYS C 354 -10.19 22.37 19.98
N HIS C 355 -11.47 22.56 20.27
CA HIS C 355 -12.26 21.61 21.04
C HIS C 355 -13.29 21.05 20.06
N GLY C 356 -13.07 19.81 19.62
CA GLY C 356 -13.99 19.23 18.67
C GLY C 356 -15.41 19.09 19.11
N VAL C 357 -16.34 19.31 18.17
CA VAL C 357 -17.76 19.14 18.42
C VAL C 357 -18.26 17.99 17.54
N GLU C 358 -19.46 17.50 17.82
CA GLU C 358 -20.04 16.39 17.07
C GLU C 358 -20.46 16.72 15.64
N LYS C 359 -21.15 17.84 15.44
CA LYS C 359 -21.60 18.22 14.11
C LYS C 359 -21.65 19.73 13.93
N LEU C 360 -21.28 20.18 12.73
CA LEU C 360 -21.31 21.61 12.41
C LEU C 360 -22.65 21.94 11.78
N SER C 361 -22.97 23.23 11.67
CA SER C 361 -24.23 23.67 11.08
C SER C 361 -23.98 24.60 9.91
N GLY C 362 -24.84 24.51 8.90
CA GLY C 362 -24.67 25.36 7.72
C GLY C 362 -24.73 26.85 8.01
N ALA C 363 -24.07 27.63 7.18
CA ALA C 363 -24.09 29.10 7.32
C ALA C 363 -23.42 29.72 6.10
N GLN C 364 -23.56 31.03 5.93
CA GLN C 364 -22.93 31.74 4.82
C GLN C 364 -21.52 32.01 5.28
N VAL C 365 -20.53 31.56 4.54
CA VAL C 365 -19.17 31.78 4.99
C VAL C 365 -18.31 32.29 3.87
N MET C 366 -17.11 32.72 4.21
CA MET C 366 -16.23 33.26 3.22
C MET C 366 -14.83 33.40 3.75
N ALA C 367 -13.86 33.21 2.89
CA ALA C 367 -12.46 33.38 3.27
C ALA C 367 -11.75 33.84 2.03
N THR C 368 -10.74 34.68 2.19
CA THR C 368 -10.01 35.21 1.06
C THR C 368 -8.73 34.43 0.77
N ASP C 369 -8.38 33.50 1.66
CA ASP C 369 -7.20 32.69 1.41
C ASP C 369 -7.65 31.37 0.79
N LEU C 370 -6.99 30.97 -0.29
CA LEU C 370 -7.27 29.73 -1.01
C LEU C 370 -7.52 28.49 -0.13
N ARG C 371 -6.61 28.17 0.78
CA ARG C 371 -6.77 26.97 1.62
C ARG C 371 -7.88 27.16 2.64
N ALA C 372 -8.01 28.37 3.17
CA ALA C 372 -9.07 28.57 4.13
C ALA C 372 -10.41 28.42 3.41
N SER C 373 -10.47 28.86 2.15
CA SER C 373 -11.69 28.79 1.39
C SER C 373 -12.06 27.32 1.14
N ALA C 374 -11.07 26.52 0.78
CA ALA C 374 -11.30 25.11 0.55
C ALA C 374 -11.78 24.44 1.84
N SER C 375 -11.24 24.86 2.98
CA SER C 375 -11.64 24.23 4.25
C SER C 375 -13.09 24.48 4.51
N LEU C 376 -13.56 25.70 4.19
CA LEU C 376 -14.97 26.01 4.41
C LEU C 376 -15.86 25.19 3.47
N VAL C 377 -15.34 24.85 2.29
CA VAL C 377 -16.14 24.01 1.37
C VAL C 377 -16.22 22.61 2.01
N LEU C 378 -15.11 22.12 2.54
CA LEU C 378 -15.13 20.79 3.18
C LEU C 378 -16.04 20.83 4.41
N ALA C 379 -15.97 21.93 5.17
CA ALA C 379 -16.80 22.07 6.35
C ALA C 379 -18.28 22.04 5.94
N GLY C 380 -18.57 22.63 4.79
CA GLY C 380 -19.94 22.61 4.34
C GLY C 380 -20.44 21.21 3.99
N CYS C 381 -19.53 20.37 3.53
CA CYS C 381 -19.91 19.00 3.16
C CYS C 381 -20.35 18.18 4.37
N ILE C 382 -19.70 18.39 5.51
CA ILE C 382 -20.04 17.64 6.71
C ILE C 382 -21.01 18.34 7.65
N ALA C 383 -21.26 19.63 7.42
CA ALA C 383 -22.18 20.34 8.29
C ALA C 383 -23.64 20.01 8.00
N GLU C 384 -24.45 20.16 9.05
CA GLU C 384 -25.89 19.92 9.00
C GLU C 384 -26.56 21.06 8.23
N GLY C 385 -27.33 20.72 7.21
CA GLY C 385 -28.00 21.74 6.43
C GLY C 385 -27.21 22.29 5.26
N THR C 386 -27.60 23.51 4.88
CA THR C 386 -27.02 24.20 3.74
C THR C 386 -26.00 25.25 4.11
N THR C 387 -24.86 25.20 3.45
CA THR C 387 -23.77 26.13 3.65
C THR C 387 -23.51 26.80 2.29
N VAL C 388 -23.16 28.09 2.31
CA VAL C 388 -22.85 28.82 1.10
C VAL C 388 -21.49 29.43 1.24
N VAL C 389 -20.55 28.98 0.44
CA VAL C 389 -19.20 29.54 0.50
C VAL C 389 -19.05 30.57 -0.63
N ASP C 390 -18.88 31.84 -0.24
CA ASP C 390 -18.73 32.94 -1.18
C ASP C 390 -17.28 33.11 -1.67
N ARG C 391 -17.14 33.85 -2.76
CA ARG C 391 -15.83 34.13 -3.36
C ARG C 391 -14.97 32.91 -3.57
N ILE C 392 -15.51 31.89 -4.24
CA ILE C 392 -14.76 30.68 -4.51
C ILE C 392 -13.78 30.86 -5.65
N TYR C 393 -13.71 32.05 -6.23
CA TYR C 393 -12.76 32.27 -7.32
C TYR C 393 -11.32 32.06 -6.80
N HIS C 394 -11.10 32.26 -5.49
CA HIS C 394 -9.78 32.05 -4.87
C HIS C 394 -9.50 30.57 -5.05
N ILE C 395 -10.51 29.75 -4.74
CA ILE C 395 -10.35 28.30 -4.90
C ILE C 395 -10.09 27.98 -6.37
N ASP C 396 -10.93 28.49 -7.27
CA ASP C 396 -10.80 28.23 -8.72
C ASP C 396 -9.41 28.46 -9.24
N ARG C 397 -8.71 29.44 -8.68
CA ARG C 397 -7.38 29.75 -9.14
C ARG C 397 -6.29 28.75 -8.72
N GLY C 398 -6.50 28.03 -7.63
CA GLY C 398 -5.47 27.07 -7.19
C GLY C 398 -5.83 25.59 -7.24
N TYR C 399 -7.12 25.28 -7.38
CA TYR C 399 -7.59 23.90 -7.45
C TYR C 399 -8.26 23.64 -8.79
N GLU C 400 -7.88 22.53 -9.43
CA GLU C 400 -8.45 22.18 -10.71
C GLU C 400 -9.77 21.45 -10.47
N ARG C 401 -10.85 22.06 -10.94
CA ARG C 401 -12.21 21.54 -10.83
C ARG C 401 -12.54 20.81 -9.53
N ILE C 402 -12.34 21.51 -8.43
CA ILE C 402 -12.58 20.93 -7.13
C ILE C 402 -14.05 20.49 -6.98
N GLU C 403 -14.95 21.24 -7.62
CA GLU C 403 -16.37 20.93 -7.59
C GLU C 403 -16.66 19.54 -8.16
N ASP C 404 -16.13 19.25 -9.35
CA ASP C 404 -16.32 17.94 -9.97
C ASP C 404 -15.69 16.83 -9.13
N LYS C 405 -14.50 17.10 -8.58
CA LYS C 405 -13.82 16.09 -7.78
C LYS C 405 -14.58 15.81 -6.48
N LEU C 406 -15.12 16.84 -5.85
CA LEU C 406 -15.86 16.62 -4.62
C LEU C 406 -17.15 15.88 -4.92
N ARG C 407 -17.78 16.24 -6.05
CA ARG C 407 -19.03 15.60 -6.44
C ARG C 407 -18.82 14.10 -6.69
N ALA C 408 -17.68 13.72 -7.26
CA ALA C 408 -17.40 12.32 -7.50
C ALA C 408 -17.19 11.55 -6.19
N LEU C 409 -17.03 12.27 -5.07
CA LEU C 409 -16.84 11.65 -3.76
C LEU C 409 -18.15 11.68 -2.96
N GLY C 410 -19.21 12.13 -3.60
CA GLY C 410 -20.49 12.18 -2.92
C GLY C 410 -20.95 13.55 -2.44
N ALA C 411 -20.14 14.58 -2.64
CA ALA C 411 -20.56 15.90 -2.16
C ALA C 411 -21.79 16.42 -2.89
N ASN C 412 -22.66 17.10 -2.14
CA ASN C 412 -23.87 17.71 -2.67
C ASN C 412 -23.49 19.20 -2.77
N ILE C 413 -22.93 19.57 -3.91
CA ILE C 413 -22.42 20.91 -4.12
C ILE C 413 -22.85 21.48 -5.48
N GLU C 414 -23.01 22.80 -5.53
CA GLU C 414 -23.38 23.42 -6.78
C GLU C 414 -22.84 24.83 -6.83
N ARG C 415 -22.42 25.24 -8.02
CA ARG C 415 -21.90 26.58 -8.23
C ARG C 415 -23.06 27.54 -8.53
N VAL C 416 -23.04 28.69 -7.87
CA VAL C 416 -24.06 29.72 -8.10
C VAL C 416 -23.31 30.92 -8.69
N LYS C 417 -23.68 31.30 -9.91
CA LYS C 417 -23.04 32.42 -10.60
C LYS C 417 -23.65 33.74 -10.20
N GLY C 418 -22.98 34.81 -10.61
CA GLY C 418 -23.43 36.18 -10.37
C GLY C 418 -24.10 36.49 -9.04
N GLU C 419 -24.57 37.74 -8.92
CA GLU C 419 -25.24 38.26 -7.72
C GLU C 419 -24.59 37.79 -6.41
N MET D 1 -28.92 37.38 6.52
CA MET D 1 -27.77 38.28 6.79
C MET D 1 -28.02 39.65 6.14
N ASP D 2 -28.43 40.62 6.95
CA ASP D 2 -28.70 41.97 6.47
C ASP D 2 -27.50 42.66 5.82
N LYS D 3 -27.75 43.35 4.72
CA LYS D 3 -26.68 44.04 4.01
C LYS D 3 -27.12 45.45 3.65
N PHE D 4 -26.18 46.27 3.20
CA PHE D 4 -26.54 47.62 2.79
C PHE D 4 -26.28 47.74 1.29
N ARG D 5 -27.28 48.18 0.53
CA ARG D 5 -27.09 48.40 -0.91
C ARG D 5 -26.93 49.90 -1.04
N VAL D 6 -25.75 50.33 -1.47
CA VAL D 6 -25.48 51.75 -1.60
C VAL D 6 -25.23 52.09 -3.04
N GLN D 7 -25.76 53.24 -3.44
CA GLN D 7 -25.57 53.72 -4.79
C GLN D 7 -24.90 55.07 -4.72
N GLY D 8 -23.75 55.19 -5.39
CA GLY D 8 -23.02 56.44 -5.42
C GLY D 8 -22.72 56.85 -6.85
N PRO D 9 -21.97 57.95 -7.08
CA PRO D 9 -21.40 58.82 -6.04
C PRO D 9 -22.42 59.84 -5.51
N THR D 10 -22.38 60.06 -4.20
CA THR D 10 -23.25 61.04 -3.59
C THR D 10 -22.41 61.89 -2.67
N ARG D 11 -22.81 63.15 -2.52
CA ARG D 11 -22.12 64.06 -1.63
C ARG D 11 -22.89 63.98 -0.31
N LEU D 12 -22.17 63.91 0.79
CA LEU D 12 -22.79 63.82 2.10
C LEU D 12 -22.72 65.14 2.84
N GLN D 13 -23.87 65.76 3.03
CA GLN D 13 -23.89 67.02 3.76
C GLN D 13 -25.20 67.27 4.46
N GLY D 14 -25.14 68.13 5.47
CA GLY D 14 -26.32 68.44 6.23
C GLY D 14 -25.90 68.35 7.67
N GLU D 15 -26.74 67.76 8.50
CA GLU D 15 -26.47 67.63 9.93
C GLU D 15 -26.67 66.20 10.44
N VAL D 16 -26.05 65.92 11.58
CA VAL D 16 -26.20 64.64 12.23
C VAL D 16 -26.04 64.86 13.72
N THR D 17 -26.82 64.13 14.50
CA THR D 17 -26.74 64.26 15.95
C THR D 17 -26.02 63.01 16.46
N ILE D 18 -24.85 63.24 17.07
CA ILE D 18 -24.02 62.18 17.61
C ILE D 18 -24.69 61.49 18.78
N SER D 19 -24.78 60.16 18.71
CA SER D 19 -25.38 59.37 19.79
C SER D 19 -24.36 59.30 20.92
N GLY D 20 -24.81 58.90 22.10
CA GLY D 20 -23.88 58.76 23.22
C GLY D 20 -23.03 57.49 23.01
N ALA D 21 -21.84 57.48 23.61
CA ALA D 21 -20.90 56.37 23.49
C ALA D 21 -21.28 55.11 24.29
N LYS D 22 -21.47 54.02 23.57
CA LYS D 22 -21.79 52.74 24.20
C LYS D 22 -20.66 52.43 25.18
N ASN D 23 -19.43 52.76 24.79
CA ASN D 23 -18.27 52.51 25.64
C ASN D 23 -18.22 53.32 26.90
N ALA D 24 -19.11 54.30 27.05
CA ALA D 24 -19.14 55.08 28.27
C ALA D 24 -20.42 54.71 28.98
N ALA D 25 -21.44 54.39 28.19
CA ALA D 25 -22.74 54.02 28.76
C ALA D 25 -22.62 52.71 29.55
N LEU D 26 -21.97 51.70 28.95
CA LEU D 26 -21.84 50.42 29.63
C LEU D 26 -21.17 50.50 31.00
N PRO D 27 -19.94 51.02 31.08
CA PRO D 27 -19.35 51.08 32.43
C PRO D 27 -20.16 51.92 33.42
N ILE D 28 -20.88 52.90 32.89
CA ILE D 28 -21.68 53.75 33.76
C ILE D 28 -22.89 52.97 34.26
N LEU D 29 -23.55 52.23 33.37
CA LEU D 29 -24.72 51.47 33.77
C LEU D 29 -24.37 50.51 34.91
N PHE D 30 -23.27 49.78 34.76
CA PHE D 30 -22.87 48.87 35.83
C PHE D 30 -22.50 49.64 37.09
N ALA D 31 -21.84 50.78 36.96
CA ALA D 31 -21.48 51.57 38.15
C ALA D 31 -22.75 52.05 38.85
N ALA D 32 -23.82 52.20 38.08
CA ALA D 32 -25.09 52.62 38.68
C ALA D 32 -25.50 51.62 39.77
N LEU D 33 -24.95 50.40 39.70
CA LEU D 33 -25.25 49.38 40.69
C LEU D 33 -24.84 49.83 42.07
N LEU D 34 -23.94 50.82 42.11
CA LEU D 34 -23.44 51.37 43.37
C LEU D 34 -24.39 52.40 43.98
N ALA D 35 -25.29 52.96 43.15
CA ALA D 35 -26.23 53.99 43.60
C ALA D 35 -27.39 53.47 44.45
N GLU D 36 -27.46 53.92 45.71
CA GLU D 36 -28.54 53.48 46.59
C GLU D 36 -29.83 54.24 46.28
N GLU D 37 -29.72 55.30 45.47
CA GLU D 37 -30.89 56.10 45.12
C GLU D 37 -31.07 56.25 43.61
N PRO D 38 -32.32 56.50 43.18
CA PRO D 38 -32.66 56.67 41.75
C PRO D 38 -31.62 57.40 40.92
N VAL D 39 -31.40 56.88 39.73
CA VAL D 39 -30.43 57.46 38.81
C VAL D 39 -30.99 57.63 37.41
N GLU D 40 -30.65 58.74 36.77
CA GLU D 40 -31.06 58.93 35.40
C GLU D 40 -29.83 59.14 34.55
N ILE D 41 -29.61 58.21 33.64
CA ILE D 41 -28.48 58.28 32.74
C ILE D 41 -29.03 58.70 31.38
N GLN D 42 -28.64 59.89 30.97
CA GLN D 42 -29.11 60.45 29.72
C GLN D 42 -28.15 60.22 28.58
N ASN D 43 -28.71 60.29 27.38
CA ASN D 43 -27.93 60.14 26.16
C ASN D 43 -27.34 58.73 26.03
N VAL D 44 -28.13 57.72 26.37
CA VAL D 44 -27.70 56.33 26.23
C VAL D 44 -28.24 55.89 24.88
N PRO D 45 -27.38 55.41 23.98
CA PRO D 45 -27.84 54.98 22.65
C PRO D 45 -28.64 53.69 22.73
N LYS D 46 -29.42 53.40 21.69
CA LYS D 46 -30.20 52.17 21.65
C LYS D 46 -29.40 51.12 20.89
N LEU D 47 -28.63 50.31 21.61
CA LEU D 47 -27.85 49.26 20.99
C LEU D 47 -28.06 47.95 21.75
N LYS D 48 -27.84 46.84 21.05
CA LYS D 48 -28.00 45.51 21.63
C LYS D 48 -27.34 45.39 23.03
N ASP D 49 -26.08 45.77 23.16
CA ASP D 49 -25.40 45.68 24.46
C ASP D 49 -26.10 46.46 25.58
N ILE D 50 -26.74 47.59 25.23
CA ILE D 50 -27.47 48.35 26.25
C ILE D 50 -28.67 47.46 26.69
N ASP D 51 -29.36 46.86 25.74
CA ASP D 51 -30.52 46.01 26.05
C ASP D 51 -30.07 44.85 26.92
N THR D 52 -29.01 44.18 26.48
CA THR D 52 -28.44 43.06 27.22
C THR D 52 -28.16 43.51 28.66
N THR D 53 -27.55 44.69 28.82
CA THR D 53 -27.20 45.17 30.17
C THR D 53 -28.46 45.42 31.06
N MET D 54 -29.50 46.00 30.48
CA MET D 54 -30.73 46.27 31.21
C MET D 54 -31.32 44.97 31.76
N LYS D 55 -31.46 43.95 30.90
CA LYS D 55 -31.97 42.64 31.32
C LYS D 55 -31.05 42.06 32.38
N LEU D 56 -29.76 42.30 32.22
CA LEU D 56 -28.82 41.78 33.19
C LEU D 56 -29.08 42.46 34.55
N LEU D 57 -29.11 43.80 34.56
CA LEU D 57 -29.37 44.53 35.79
C LEU D 57 -30.72 44.15 36.43
N THR D 58 -31.74 43.99 35.60
CA THR D 58 -33.09 43.63 36.06
C THR D 58 -33.02 42.33 36.83
N GLN D 59 -32.33 41.37 36.23
CA GLN D 59 -32.14 40.06 36.80
C GLN D 59 -31.52 40.14 38.21
N LEU D 60 -30.79 41.22 38.49
CA LEU D 60 -30.15 41.38 39.80
C LEU D 60 -31.06 42.04 40.84
N GLY D 61 -32.24 42.48 40.40
CA GLY D 61 -33.19 43.12 41.31
C GLY D 61 -33.26 44.62 41.11
N THR D 62 -32.63 45.11 40.05
CA THR D 62 -32.63 46.54 39.74
C THR D 62 -33.91 46.87 38.97
N LYS D 63 -34.48 48.04 39.26
CA LYS D 63 -35.67 48.49 38.55
C LYS D 63 -35.06 49.31 37.43
N VAL D 64 -35.39 48.94 36.19
CA VAL D 64 -34.82 49.62 35.04
C VAL D 64 -35.83 49.90 33.94
N GLU D 65 -35.69 51.07 33.33
CA GLU D 65 -36.54 51.46 32.20
C GLU D 65 -35.83 52.51 31.39
N ARG D 66 -36.15 52.57 30.11
CA ARG D 66 -35.53 53.54 29.23
C ARG D 66 -36.55 54.08 28.27
N IAS D 67 -36.10 55.00 27.43
CA IAS D 67 -36.95 55.57 26.40
C IAS D 67 -37.06 54.71 25.15
O IAS D 67 -36.84 55.24 24.03
CB IAS D 67 -36.58 57.03 26.14
CG IAS D 67 -35.12 57.17 25.78
OD1 IAS D 67 -34.43 56.16 25.57
OXT IAS D 67 -37.34 53.50 25.29
N GLY D 68 -34.62 58.40 25.70
CA GLY D 68 -33.23 58.63 25.42
C GLY D 68 -32.43 58.32 26.67
N SER D 69 -33.12 58.23 27.81
CA SER D 69 -32.44 57.95 29.07
C SER D 69 -32.70 56.55 29.61
N VAL D 70 -31.92 56.15 30.59
CA VAL D 70 -32.16 54.87 31.23
C VAL D 70 -32.29 55.25 32.68
N TRP D 71 -33.43 54.92 33.27
CA TRP D 71 -33.65 55.25 34.67
C TRP D 71 -33.31 53.98 35.42
N ILE D 72 -32.49 54.13 36.44
CA ILE D 72 -32.05 53.00 37.25
C ILE D 72 -32.38 53.19 38.73
N ASP D 73 -32.90 52.15 39.35
CA ASP D 73 -33.16 52.20 40.79
C ASP D 73 -32.62 50.89 41.33
N ALA D 74 -31.41 50.98 41.88
CA ALA D 74 -30.74 49.81 42.43
C ALA D 74 -30.87 49.72 43.94
N SER D 75 -31.78 50.51 44.52
CA SER D 75 -31.94 50.47 45.97
C SER D 75 -32.46 49.12 46.47
N ASN D 76 -32.94 48.28 45.56
CA ASN D 76 -33.47 46.99 45.99
C ASN D 76 -32.76 45.73 45.47
N VAL D 77 -31.54 45.87 44.99
CA VAL D 77 -30.76 44.72 44.50
C VAL D 77 -30.73 43.63 45.57
N ASN D 78 -31.08 42.41 45.17
CA ASN D 78 -31.14 41.29 46.10
C ASN D 78 -30.58 39.98 45.54
N ASN D 79 -30.16 39.99 44.28
CA ASN D 79 -29.58 38.80 43.67
C ASN D 79 -28.21 39.21 43.16
N PHE D 80 -27.17 38.47 43.56
CA PHE D 80 -25.80 38.81 43.20
C PHE D 80 -25.09 37.89 42.21
N SER D 81 -25.83 37.33 41.27
CA SER D 81 -25.24 36.47 40.28
C SER D 81 -25.80 36.70 38.91
N ALA D 82 -24.92 36.97 37.94
CA ALA D 82 -25.29 37.17 36.56
C ALA D 82 -25.18 35.80 35.91
N PRO D 83 -26.33 35.16 35.61
CA PRO D 83 -26.30 33.83 35.01
C PRO D 83 -25.71 33.85 33.61
N TYR D 84 -25.22 32.70 33.16
CA TYR D 84 -24.61 32.57 31.85
C TYR D 84 -25.44 32.97 30.64
N ASP D 85 -26.74 32.67 30.66
CA ASP D 85 -27.63 32.99 29.55
C ASP D 85 -27.86 34.48 29.40
N LEU D 86 -27.52 35.25 30.43
CA LEU D 86 -27.66 36.69 30.38
C LEU D 86 -26.34 37.39 30.04
N VAL D 87 -25.21 36.73 30.28
CA VAL D 87 -23.90 37.34 29.99
C VAL D 87 -23.14 36.79 28.79
N LYS D 88 -23.54 35.62 28.29
CA LYS D 88 -22.85 34.98 27.18
C LYS D 88 -22.58 35.80 25.92
N THR D 89 -23.38 36.82 25.65
CA THR D 89 -23.15 37.65 24.45
C THR D 89 -22.32 38.91 24.74
N MET D 90 -22.03 39.20 26.00
CA MET D 90 -21.32 40.44 26.29
C MET D 90 -20.23 40.37 27.35
N ARG D 91 -18.98 40.47 26.91
CA ARG D 91 -17.83 40.41 27.80
C ARG D 91 -17.87 41.50 28.87
N ALA D 92 -18.48 42.63 28.53
CA ALA D 92 -18.52 43.73 29.49
C ALA D 92 -19.34 43.43 30.76
N SER D 93 -20.09 42.34 30.78
CA SER D 93 -20.85 41.99 31.97
C SER D 93 -19.90 41.75 33.15
N ILE D 94 -18.60 41.69 32.86
CA ILE D 94 -17.63 41.52 33.92
C ILE D 94 -17.69 42.73 34.85
N TRP D 95 -18.09 43.87 34.31
CA TRP D 95 -18.18 45.08 35.14
C TRP D 95 -19.20 45.06 36.26
N ALA D 96 -20.00 44.00 36.35
CA ALA D 96 -20.97 43.89 37.44
C ALA D 96 -20.28 43.37 38.69
N LEU D 97 -19.15 42.71 38.52
CA LEU D 97 -18.43 42.12 39.66
C LEU D 97 -18.01 43.13 40.71
N GLY D 98 -17.26 44.13 40.29
CA GLY D 98 -16.77 45.16 41.21
C GLY D 98 -17.86 45.87 41.98
N PRO D 99 -18.90 46.42 41.32
CA PRO D 99 -19.96 47.10 42.07
C PRO D 99 -20.68 46.19 43.06
N LEU D 100 -20.96 44.96 42.66
CA LEU D 100 -21.65 44.01 43.53
C LEU D 100 -20.86 43.75 44.79
N VAL D 101 -19.61 43.32 44.64
CA VAL D 101 -18.80 43.06 45.80
C VAL D 101 -18.49 44.36 46.58
N ALA D 102 -18.27 45.47 45.90
CA ALA D 102 -17.96 46.71 46.59
C ALA D 102 -19.12 47.30 47.41
N ARG D 103 -20.34 46.96 47.04
CA ARG D 103 -21.52 47.46 47.75
C ARG D 103 -22.31 46.42 48.55
N PHE D 104 -22.37 45.17 48.08
CA PHE D 104 -23.10 44.12 48.79
C PHE D 104 -22.27 43.04 49.50
N GLY D 105 -20.96 43.01 49.23
CA GLY D 105 -20.11 42.03 49.87
C GLY D 105 -19.97 40.74 49.10
N GLN D 106 -20.63 40.64 47.95
CA GLN D 106 -20.52 39.43 47.15
C GLN D 106 -21.08 39.69 45.76
N GLY D 107 -20.48 39.02 44.78
CA GLY D 107 -20.91 39.15 43.40
C GLY D 107 -20.37 37.96 42.60
N GLN D 108 -21.11 37.55 41.58
CA GLN D 108 -20.67 36.46 40.74
C GLN D 108 -21.14 36.69 39.32
N VAL D 109 -20.21 36.56 38.39
CA VAL D 109 -20.53 36.77 37.00
C VAL D 109 -20.10 35.49 36.30
N SER D 110 -21.04 34.86 35.59
CA SER D 110 -20.69 33.66 34.88
C SER D 110 -20.00 34.15 33.62
N LEU D 111 -19.11 33.36 33.05
CA LEU D 111 -18.42 33.73 31.82
C LEU D 111 -17.35 32.69 31.54
N PRO D 112 -17.46 32.03 30.38
CA PRO D 112 -16.54 31.00 29.91
C PRO D 112 -15.13 31.53 29.69
N GLY D 113 -14.14 30.64 29.77
CA GLY D 113 -12.76 31.03 29.58
C GLY D 113 -12.19 31.22 30.96
N GLY D 114 -11.79 32.45 31.28
CA GLY D 114 -11.26 32.72 32.60
C GLY D 114 -10.05 31.90 33.03
N CYS D 115 -10.20 30.58 33.11
CA CYS D 115 -9.08 29.75 33.53
C CYS D 115 -8.26 29.24 32.35
N ALA D 116 -7.04 29.75 32.21
CA ALA D 116 -6.16 29.37 31.12
C ALA D 116 -4.71 29.74 31.43
N ILE D 117 -3.77 29.07 30.78
CA ILE D 117 -2.36 29.37 31.01
C ILE D 117 -2.09 30.73 30.40
N GLY D 118 -2.70 30.97 29.25
CA GLY D 118 -2.51 32.24 28.56
C GLY D 118 -3.24 33.39 29.22
N ALA D 119 -2.80 34.60 28.88
CA ALA D 119 -3.39 35.82 29.41
C ALA D 119 -4.89 35.81 29.25
N ARG D 120 -5.60 36.32 30.25
CA ARG D 120 -7.06 36.41 30.21
C ARG D 120 -7.46 37.75 30.77
N PRO D 121 -8.29 38.49 30.03
CA PRO D 121 -8.73 39.82 30.46
C PRO D 121 -9.17 39.87 31.93
N VAL D 122 -9.93 38.87 32.34
CA VAL D 122 -10.42 38.80 33.71
C VAL D 122 -9.31 38.84 34.77
N ASP D 123 -8.10 38.39 34.40
CA ASP D 123 -7.00 38.37 35.35
C ASP D 123 -6.73 39.74 35.95
N LEU D 124 -6.74 40.76 35.10
CA LEU D 124 -6.49 42.12 35.56
C LEU D 124 -7.61 42.59 36.48
N HIS D 125 -8.84 42.14 36.22
CA HIS D 125 -9.99 42.50 37.04
C HIS D 125 -9.86 41.87 38.40
N ILE D 126 -9.55 40.58 38.38
CA ILE D 126 -9.39 39.78 39.61
C ILE D 126 -8.31 40.34 40.49
N PHE D 127 -7.19 40.71 39.88
CA PHE D 127 -6.06 41.25 40.62
C PHE D 127 -6.43 42.55 41.32
N GLY D 128 -7.02 43.48 40.57
CA GLY D 128 -7.43 44.73 41.16
C GLY D 128 -8.34 44.50 42.36
N LEU D 129 -9.39 43.70 42.19
CA LEU D 129 -10.31 43.41 43.29
C LEU D 129 -9.56 42.67 44.40
N GLU D 130 -8.63 41.81 43.99
CA GLU D 130 -7.83 41.07 44.96
C GLU D 130 -7.17 42.07 45.94
N LYS D 131 -6.57 43.12 45.40
CA LYS D 131 -5.87 44.12 46.20
C LYS D 131 -6.79 44.95 47.09
N LEU D 132 -8.04 45.12 46.68
CA LEU D 132 -8.97 45.90 47.47
C LEU D 132 -9.44 45.10 48.66
N GLY D 133 -9.03 43.84 48.74
CA GLY D 133 -9.40 43.01 49.88
C GLY D 133 -10.50 41.99 49.66
N ALA D 134 -10.73 41.65 48.39
CA ALA D 134 -11.76 40.71 48.03
C ALA D 134 -11.20 39.32 47.77
N GLU D 135 -11.95 38.30 48.19
CA GLU D 135 -11.53 36.94 47.95
C GLU D 135 -12.16 36.50 46.64
N ILE D 136 -11.32 36.08 45.70
CA ILE D 136 -11.77 35.68 44.39
C ILE D 136 -11.74 34.18 44.20
N LYS D 137 -12.68 33.68 43.41
CA LYS D 137 -12.75 32.26 43.10
C LYS D 137 -13.07 32.19 41.62
N LEU D 138 -12.15 31.61 40.86
CA LEU D 138 -12.30 31.48 39.43
C LEU D 138 -12.53 30.02 39.04
N GLU D 139 -13.49 29.80 38.16
CA GLU D 139 -13.81 28.48 37.67
C GLU D 139 -13.94 28.67 36.18
N GLU D 140 -14.02 27.57 35.43
CA GLU D 140 -14.14 27.69 33.99
C GLU D 140 -15.47 28.30 33.56
N GLY D 141 -16.49 28.20 34.42
CA GLY D 141 -17.79 28.77 34.07
C GLY D 141 -18.18 30.09 34.73
N TYR D 142 -17.33 30.62 35.61
CA TYR D 142 -17.66 31.86 36.30
C TYR D 142 -16.54 32.39 37.18
N VAL D 143 -16.76 33.59 37.72
CA VAL D 143 -15.81 34.20 38.61
C VAL D 143 -16.63 34.85 39.73
N LYS D 144 -16.32 34.47 40.97
CA LYS D 144 -16.99 34.98 42.16
C LYS D 144 -16.04 35.90 42.92
N ALA D 145 -16.58 36.70 43.84
CA ALA D 145 -15.77 37.60 44.64
C ALA D 145 -16.57 37.89 45.91
N SER D 146 -15.88 38.00 47.05
CA SER D 146 -16.57 38.27 48.31
C SER D 146 -15.70 39.01 49.34
N VAL D 147 -16.36 39.68 50.28
CA VAL D 147 -15.68 40.44 51.33
C VAL D 147 -16.63 40.84 52.46
N ASN D 148 -16.20 40.63 53.70
CA ASN D 148 -17.01 40.99 54.85
C ASN D 148 -16.87 42.48 55.12
N GLY D 149 -17.90 43.24 54.76
CA GLY D 149 -17.85 44.66 54.97
C GLY D 149 -17.19 45.38 53.81
N ARG D 150 -16.55 46.51 54.10
CA ARG D 150 -15.92 47.30 53.05
C ARG D 150 -14.53 46.88 52.57
N LEU D 151 -14.29 47.13 51.28
CA LEU D 151 -13.02 46.86 50.65
C LEU D 151 -12.10 47.92 51.25
N LYS D 152 -10.79 47.76 51.09
CA LYS D 152 -9.87 48.74 51.64
C LYS D 152 -8.94 49.29 50.59
N GLY D 153 -8.71 50.60 50.64
CA GLY D 153 -7.84 51.23 49.67
C GLY D 153 -6.52 50.50 49.45
N ALA D 154 -5.98 50.66 48.25
CA ALA D 154 -4.74 50.01 47.89
C ALA D 154 -4.02 50.77 46.78
N HIS D 155 -2.70 50.64 46.77
CA HIS D 155 -1.89 51.28 45.74
C HIS D 155 -1.71 50.19 44.68
N ILE D 156 -2.36 50.39 43.54
CA ILE D 156 -2.30 49.41 42.47
C ILE D 156 -1.58 49.98 41.27
N VAL D 157 -0.58 49.26 40.80
CA VAL D 157 0.20 49.69 39.64
C VAL D 157 -0.05 48.73 38.48
N MET D 158 -0.32 49.28 37.31
CA MET D 158 -0.62 48.47 36.13
C MET D 158 0.53 48.52 35.14
N ASP D 159 0.81 47.40 34.48
CA ASP D 159 1.89 47.34 33.50
C ASP D 159 1.37 47.41 32.07
N LYS D 160 0.14 46.96 31.89
CA LYS D 160 -0.51 47.01 30.59
C LYS D 160 -1.68 47.92 30.85
N VAL D 161 -1.84 48.93 30.01
CA VAL D 161 -2.95 49.84 30.20
C VAL D 161 -4.22 49.08 29.88
N SER D 162 -5.15 49.06 30.84
CA SER D 162 -6.40 48.36 30.63
C SER D 162 -7.61 49.20 30.95
N VAL D 163 -8.40 49.47 29.91
CA VAL D 163 -9.62 50.23 30.07
C VAL D 163 -10.59 49.47 30.99
N GLY D 164 -10.71 48.17 30.76
CA GLY D 164 -11.61 47.36 31.56
C GLY D 164 -11.30 47.28 33.03
N ALA D 165 -10.04 46.96 33.35
CA ALA D 165 -9.63 46.85 34.75
C ALA D 165 -9.66 48.20 35.45
N THR D 166 -9.28 49.25 34.72
CA THR D 166 -9.31 50.57 35.33
C THR D 166 -10.71 50.90 35.85
N VAL D 167 -11.74 50.59 35.06
CA VAL D 167 -13.14 50.85 35.46
C VAL D 167 -13.53 50.05 36.69
N THR D 168 -13.26 48.75 36.65
CA THR D 168 -13.58 47.88 37.77
C THR D 168 -12.95 48.35 39.06
N ILE D 169 -11.66 48.67 39.03
CA ILE D 169 -10.95 49.12 40.23
C ILE D 169 -11.43 50.48 40.74
N MET D 170 -11.57 51.44 39.84
CA MET D 170 -12.05 52.78 40.22
C MET D 170 -13.46 52.72 40.77
N SER D 171 -14.34 51.95 40.12
CA SER D 171 -15.72 51.82 40.56
C SER D 171 -15.82 51.17 41.93
N ALA D 172 -15.14 50.03 42.08
CA ALA D 172 -15.15 49.31 43.34
C ALA D 172 -14.48 50.14 44.44
N ALA D 173 -13.41 50.86 44.08
CA ALA D 173 -12.67 51.68 45.05
C ALA D 173 -13.43 52.85 45.67
N THR D 174 -14.51 53.29 45.03
CA THR D 174 -15.28 54.41 45.56
C THR D 174 -16.03 54.10 46.86
N LEU D 175 -16.26 52.83 47.14
CA LEU D 175 -16.94 52.46 48.39
C LEU D 175 -15.94 51.77 49.31
N ALA D 176 -14.66 51.83 48.93
CA ALA D 176 -13.60 51.22 49.72
C ALA D 176 -13.28 52.14 50.88
N GLU D 177 -12.58 51.57 51.87
CA GLU D 177 -12.19 52.32 53.05
C GLU D 177 -10.78 52.84 52.89
N GLY D 178 -10.62 54.15 52.90
CA GLY D 178 -9.31 54.71 52.75
C GLY D 178 -9.15 55.29 51.37
N THR D 179 -7.91 55.33 50.90
CA THR D 179 -7.58 55.87 49.60
C THR D 179 -6.93 54.84 48.66
N THR D 180 -7.40 54.82 47.41
CA THR D 180 -6.90 53.91 46.37
C THR D 180 -6.21 54.74 45.28
N ILE D 181 -5.07 54.24 44.82
CA ILE D 181 -4.34 54.93 43.77
C ILE D 181 -4.11 53.99 42.60
N ILE D 182 -4.48 54.44 41.40
CA ILE D 182 -4.28 53.60 40.23
C ILE D 182 -3.15 54.17 39.39
N GLU D 183 -2.02 53.45 39.39
CA GLU D 183 -0.86 53.89 38.62
C GLU D 183 -0.94 53.33 37.22
N ASN D 184 -0.70 54.18 36.23
CA ASN D 184 -0.71 53.77 34.82
C ASN D 184 -2.12 53.44 34.33
N ALA D 185 -3.11 54.12 34.93
CA ALA D 185 -4.52 53.95 34.59
C ALA D 185 -4.84 54.30 33.15
N ALA D 186 -5.96 53.77 32.65
CA ALA D 186 -6.40 54.05 31.29
C ALA D 186 -6.75 55.55 31.25
N ARG D 187 -6.50 56.19 30.10
CA ARG D 187 -6.75 57.64 29.95
C ARG D 187 -7.82 57.98 28.90
N GLU D 188 -8.59 56.99 28.47
CA GLU D 188 -9.63 57.23 27.47
C GLU D 188 -10.77 58.14 27.97
N PRO D 189 -11.37 58.90 27.07
CA PRO D 189 -12.47 59.81 27.40
C PRO D 189 -13.57 59.06 28.18
N GLU D 190 -13.75 57.77 27.85
CA GLU D 190 -14.76 56.95 28.52
C GLU D 190 -14.43 56.72 29.99
N ILE D 191 -13.14 56.62 30.31
CA ILE D 191 -12.68 56.46 31.69
C ILE D 191 -13.04 57.75 32.42
N VAL D 192 -12.69 58.88 31.81
CA VAL D 192 -13.00 60.18 32.38
C VAL D 192 -14.50 60.32 32.63
N ASP D 193 -15.30 59.93 31.65
CA ASP D 193 -16.74 60.03 31.80
C ASP D 193 -17.29 59.12 32.91
N THR D 194 -16.69 57.95 33.10
CA THR D 194 -17.16 57.05 34.14
C THR D 194 -16.77 57.61 35.50
N ALA D 195 -15.57 58.17 35.57
CA ALA D 195 -15.08 58.77 36.81
C ALA D 195 -16.00 59.93 37.16
N ASN D 196 -16.26 60.81 36.20
CA ASN D 196 -17.15 61.93 36.46
C ASN D 196 -18.53 61.47 36.89
N PHE D 197 -18.99 60.33 36.37
CA PHE D 197 -20.31 59.82 36.78
C PHE D 197 -20.32 59.47 38.26
N LEU D 198 -19.32 58.72 38.71
CA LEU D 198 -19.22 58.33 40.12
C LEU D 198 -19.19 59.59 40.97
N VAL D 199 -18.32 60.53 40.60
CA VAL D 199 -18.19 61.81 41.29
C VAL D 199 -19.59 62.42 41.42
N ALA D 200 -20.40 62.30 40.37
CA ALA D 200 -21.76 62.83 40.41
C ALA D 200 -22.66 62.10 41.41
N LEU D 201 -22.33 60.85 41.75
CA LEU D 201 -23.13 60.09 42.72
C LEU D 201 -22.65 60.38 44.13
N GLY D 202 -21.50 61.04 44.24
CA GLY D 202 -20.94 61.35 45.54
C GLY D 202 -19.53 60.82 45.75
N ALA D 203 -18.97 60.15 44.76
CA ALA D 203 -17.62 59.62 44.89
C ALA D 203 -16.61 60.75 44.89
N LYS D 204 -15.40 60.43 45.32
CA LYS D 204 -14.31 61.39 45.36
C LYS D 204 -13.18 60.78 44.51
N ILE D 205 -13.04 61.29 43.30
CA ILE D 205 -12.03 60.81 42.35
C ILE D 205 -11.29 61.98 41.73
N SER D 206 -9.99 61.82 41.51
CA SER D 206 -9.19 62.87 40.89
C SER D 206 -8.10 62.26 40.01
N GLY D 207 -7.73 62.97 38.95
CA GLY D 207 -6.70 62.47 38.07
C GLY D 207 -7.22 61.69 36.88
N GLN D 208 -8.54 61.55 36.79
CA GLN D 208 -9.12 60.81 35.66
C GLN D 208 -8.74 61.51 34.37
N GLY D 209 -7.98 60.83 33.53
CA GLY D 209 -7.56 61.44 32.28
C GLY D 209 -6.05 61.42 32.25
N THR D 210 -5.44 61.32 33.43
CA THR D 210 -3.99 61.27 33.54
C THR D 210 -3.62 59.83 33.85
N ASP D 211 -2.33 59.52 33.78
CA ASP D 211 -1.87 58.17 34.05
C ASP D 211 -2.05 57.73 35.52
N ARG D 212 -2.61 58.61 36.35
CA ARG D 212 -2.84 58.28 37.76
C ARG D 212 -4.16 58.81 38.30
N ILE D 213 -4.97 57.89 38.81
CA ILE D 213 -6.29 58.22 39.36
C ILE D 213 -6.22 57.93 40.85
N THR D 214 -6.73 58.86 41.65
CA THR D 214 -6.73 58.69 43.09
C THR D 214 -8.18 58.65 43.53
N ILE D 215 -8.55 57.66 44.32
CA ILE D 215 -9.93 57.55 44.78
C ILE D 215 -9.98 57.52 46.30
N GLU D 216 -10.82 58.37 46.88
CA GLU D 216 -10.99 58.38 48.33
C GLU D 216 -12.34 57.74 48.56
N GLY D 217 -12.35 56.64 49.29
CA GLY D 217 -13.59 55.93 49.54
C GLY D 217 -14.59 56.68 50.39
N VAL D 218 -15.86 56.40 50.18
CA VAL D 218 -16.96 57.00 50.93
C VAL D 218 -17.84 55.85 51.44
N GLU D 219 -18.82 56.15 52.28
CA GLU D 219 -19.70 55.12 52.84
C GLU D 219 -20.73 54.56 51.87
N ARG D 220 -21.37 55.45 51.12
CA ARG D 220 -22.37 55.01 50.16
C ARG D 220 -22.64 56.09 49.12
N LEU D 221 -23.01 55.68 47.91
CA LEU D 221 -23.30 56.60 46.84
C LEU D 221 -24.81 56.82 46.72
N GLY D 222 -25.22 57.96 46.18
CA GLY D 222 -26.63 58.27 46.06
C GLY D 222 -27.19 58.22 44.65
N GLY D 223 -28.26 58.99 44.41
CA GLY D 223 -28.90 59.01 43.11
C GLY D 223 -28.47 60.18 42.27
N GLY D 224 -29.26 60.54 41.27
CA GLY D 224 -28.91 61.69 40.45
C GLY D 224 -29.18 61.60 38.97
N VAL D 225 -28.61 62.54 38.22
CA VAL D 225 -28.76 62.62 36.78
C VAL D 225 -27.38 62.82 36.16
N TYR D 226 -27.08 62.04 35.12
CA TYR D 226 -25.79 62.18 34.46
C TYR D 226 -25.94 61.91 32.98
N ARG D 227 -25.30 62.74 32.17
CA ARG D 227 -25.38 62.62 30.73
C ARG D 227 -24.12 61.98 30.16
N VAL D 228 -24.31 60.85 29.46
CA VAL D 228 -23.21 60.11 28.85
C VAL D 228 -22.56 60.93 27.73
N LEU D 229 -21.23 60.96 27.69
CA LEU D 229 -20.56 61.74 26.69
C LEU D 229 -20.82 61.22 25.29
N PRO D 230 -20.67 62.10 24.29
CA PRO D 230 -20.88 61.80 22.88
C PRO D 230 -19.87 60.75 22.37
N ASP D 231 -20.27 60.02 21.32
CA ASP D 231 -19.43 58.99 20.71
C ASP D 231 -18.39 59.62 19.79
N ARG D 232 -17.15 59.72 20.25
CA ARG D 232 -16.09 60.31 19.43
C ARG D 232 -15.76 59.56 18.13
N ILE D 233 -15.93 58.23 18.12
CA ILE D 233 -15.63 57.49 16.89
C ILE D 233 -16.73 57.73 15.88
N GLU D 234 -17.98 57.66 16.33
CA GLU D 234 -19.11 57.91 15.44
C GLU D 234 -18.93 59.32 14.88
N THR D 235 -18.55 60.25 15.75
CA THR D 235 -18.31 61.63 15.33
C THR D 235 -17.20 61.62 14.28
N GLY D 236 -16.07 61.00 14.59
CA GLY D 236 -15.00 60.92 13.61
C GLY D 236 -15.49 60.36 12.29
N THR D 237 -16.37 59.36 12.35
CA THR D 237 -16.89 58.73 11.14
C THR D 237 -17.71 59.65 10.23
N PHE D 238 -18.63 60.42 10.79
CA PHE D 238 -19.42 61.29 9.92
C PHE D 238 -18.56 62.45 9.44
N LEU D 239 -17.53 62.80 10.20
CA LEU D 239 -16.67 63.89 9.75
C LEU D 239 -15.94 63.46 8.48
N VAL D 240 -15.52 62.20 8.45
CA VAL D 240 -14.83 61.63 7.30
C VAL D 240 -15.79 61.53 6.12
N ALA D 241 -17.01 61.15 6.43
CA ALA D 241 -18.07 61.01 5.43
C ALA D 241 -18.13 62.28 4.57
N ALA D 242 -18.15 63.43 5.23
CA ALA D 242 -18.22 64.69 4.49
C ALA D 242 -16.88 65.05 3.85
N ALA D 243 -15.80 64.82 4.58
CA ALA D 243 -14.46 65.15 4.09
C ALA D 243 -14.04 64.37 2.84
N ILE D 244 -14.67 63.21 2.60
CA ILE D 244 -14.35 62.39 1.44
C ILE D 244 -15.33 62.62 0.29
N SER D 245 -16.44 63.29 0.57
CA SER D 245 -17.47 63.54 -0.44
C SER D 245 -17.52 64.99 -0.90
N GLY D 246 -16.59 65.81 -0.43
CA GLY D 246 -16.57 67.21 -0.80
C GLY D 246 -17.79 67.87 -0.19
N GLY D 247 -18.23 67.33 0.94
CA GLY D 247 -19.42 67.84 1.59
C GLY D 247 -19.17 68.83 2.70
N LYS D 248 -20.22 69.07 3.48
CA LYS D 248 -20.19 70.01 4.59
C LYS D 248 -21.11 69.44 5.66
N ILE D 249 -20.64 69.40 6.90
CA ILE D 249 -21.47 68.82 7.92
C ILE D 249 -21.36 69.46 9.29
N VAL D 250 -22.45 69.40 10.04
CA VAL D 250 -22.48 69.87 11.42
C VAL D 250 -22.88 68.69 12.30
N CYS D 251 -22.03 68.36 13.26
CA CYS D 251 -22.37 67.28 14.18
C CYS D 251 -22.86 67.88 15.49
N ARG D 252 -24.13 67.66 15.80
CA ARG D 252 -24.71 68.15 17.04
C ARG D 252 -24.40 67.17 18.18
N ASN D 253 -24.49 67.67 19.40
CA ASN D 253 -24.26 66.84 20.59
C ASN D 253 -22.90 66.20 20.62
N ALA D 254 -21.90 66.93 20.13
CA ALA D 254 -20.54 66.42 20.11
C ALA D 254 -19.71 67.00 21.25
N GLN D 255 -18.47 66.55 21.33
CA GLN D 255 -17.56 67.04 22.35
C GLN D 255 -16.18 66.98 21.71
N PRO D 256 -15.75 68.11 21.15
CA PRO D 256 -14.47 68.29 20.45
C PRO D 256 -13.19 68.02 21.23
N ASP D 257 -13.21 68.20 22.56
CA ASP D 257 -11.99 67.97 23.33
C ASP D 257 -11.54 66.51 23.32
N THR D 258 -12.41 65.63 22.82
CA THR D 258 -12.07 64.23 22.77
C THR D 258 -11.55 63.82 21.40
N LEU D 259 -11.43 64.77 20.48
CA LEU D 259 -10.99 64.48 19.11
C LEU D 259 -9.86 65.35 18.57
N ASP D 260 -9.09 65.97 19.46
CA ASP D 260 -8.01 66.85 19.04
C ASP D 260 -7.22 66.32 17.85
N ALA D 261 -6.65 65.13 18.01
CA ALA D 261 -5.81 64.56 16.95
C ALA D 261 -6.55 64.27 15.65
N VAL D 262 -7.80 63.86 15.76
CA VAL D 262 -8.58 63.57 14.57
C VAL D 262 -8.85 64.87 13.79
N LEU D 263 -9.20 65.95 14.51
CA LEU D 263 -9.48 67.24 13.87
C LEU D 263 -8.24 67.89 13.27
N ALA D 264 -7.12 67.80 13.98
CA ALA D 264 -5.85 68.35 13.51
C ALA D 264 -5.50 67.65 12.20
N LYS D 265 -5.74 66.34 12.19
CA LYS D 265 -5.48 65.55 11.02
C LYS D 265 -6.47 65.91 9.88
N LEU D 266 -7.73 66.17 10.19
CA LEU D 266 -8.68 66.54 9.12
C LEU D 266 -8.32 67.93 8.57
N ARG D 267 -7.83 68.82 9.44
CA ARG D 267 -7.43 70.14 8.98
C ARG D 267 -6.31 69.90 7.97
N GLU D 268 -5.33 69.10 8.39
CA GLU D 268 -4.19 68.76 7.54
C GLU D 268 -4.62 68.15 6.20
N ALA D 269 -5.83 67.59 6.14
CA ALA D 269 -6.32 67.01 4.88
C ALA D 269 -7.09 68.06 4.07
N GLY D 270 -7.08 69.30 4.56
CA GLY D 270 -7.76 70.37 3.85
C GLY D 270 -9.16 70.73 4.30
N ALA D 271 -9.61 70.16 5.40
CA ALA D 271 -10.95 70.47 5.86
C ALA D 271 -10.97 71.75 6.68
N ASP D 272 -12.05 72.52 6.51
CA ASP D 272 -12.23 73.77 7.26
C ASP D 272 -13.10 73.38 8.44
N ILE D 273 -12.51 73.41 9.64
CA ILE D 273 -13.23 72.99 10.84
C ILE D 273 -13.41 74.05 11.93
N GLU D 274 -14.64 74.17 12.41
CA GLU D 274 -14.95 75.10 13.49
C GLU D 274 -15.60 74.26 14.58
N THR D 275 -15.19 74.49 15.82
CA THR D 275 -15.74 73.73 16.93
C THR D 275 -16.31 74.65 17.98
N GLY D 276 -17.30 74.13 18.72
CA GLY D 276 -17.92 74.88 19.78
C GLY D 276 -17.86 74.14 21.10
N GLU D 277 -18.96 74.20 21.85
CA GLU D 277 -19.02 73.53 23.14
C GLU D 277 -19.48 72.09 22.95
N ASP D 278 -20.60 71.96 22.27
CA ASP D 278 -21.18 70.67 22.02
C ASP D 278 -21.40 70.47 20.53
N TRP D 279 -20.54 71.05 19.71
CA TRP D 279 -20.70 70.89 18.26
C TRP D 279 -19.39 71.00 17.47
N ILE D 280 -19.45 70.51 16.23
CA ILE D 280 -18.32 70.53 15.30
C ILE D 280 -18.89 70.67 13.89
N SER D 281 -18.29 71.53 13.09
CA SER D 281 -18.72 71.70 11.70
C SER D 281 -17.51 71.42 10.81
N LEU D 282 -17.75 70.91 9.62
CA LEU D 282 -16.65 70.63 8.70
C LEU D 282 -17.12 70.93 7.31
N ASP D 283 -16.29 71.65 6.55
CA ASP D 283 -16.61 72.00 5.16
C ASP D 283 -15.41 71.71 4.27
N MET D 284 -15.64 71.01 3.15
CA MET D 284 -14.56 70.68 2.22
C MET D 284 -14.54 71.71 1.10
N HIS D 285 -15.50 72.63 1.15
CA HIS D 285 -15.64 73.68 0.14
C HIS D 285 -15.64 73.07 -1.28
N GLY D 286 -16.31 71.93 -1.44
CA GLY D 286 -16.39 71.26 -2.72
C GLY D 286 -15.11 70.68 -3.28
N LYS D 287 -14.08 70.57 -2.45
CA LYS D 287 -12.78 70.06 -2.88
C LYS D 287 -12.54 68.62 -2.44
N ARG D 288 -11.53 67.99 -3.06
CA ARG D 288 -11.13 66.65 -2.69
C ARG D 288 -10.22 66.77 -1.45
N PRO D 289 -10.10 65.70 -0.67
CA PRO D 289 -9.24 65.79 0.52
C PRO D 289 -7.79 65.68 0.09
N LYS D 290 -6.88 66.09 0.97
CA LYS D 290 -5.44 66.02 0.72
C LYS D 290 -4.90 64.87 1.55
N ALA D 291 -4.11 63.98 0.94
CA ALA D 291 -3.56 62.83 1.67
C ALA D 291 -2.77 63.25 2.91
N VAL D 292 -2.79 62.43 3.95
CA VAL D 292 -2.07 62.75 5.18
C VAL D 292 -1.41 61.51 5.78
N THR D 293 -0.49 61.74 6.71
CA THR D 293 0.21 60.65 7.35
C THR D 293 -0.35 60.47 8.74
N VAL D 294 -0.74 59.25 9.06
CA VAL D 294 -1.30 58.95 10.36
C VAL D 294 -0.59 57.83 11.10
N ARG D 295 -0.43 58.03 12.40
CA ARG D 295 0.19 57.04 13.27
C ARG D 295 -0.71 56.88 14.49
N THR D 296 -1.31 55.71 14.61
CA THR D 296 -2.19 55.40 15.72
C THR D 296 -1.35 55.23 16.96
N ALA D 297 -1.91 55.64 18.09
CA ALA D 297 -1.23 55.56 19.37
C ALA D 297 -2.28 55.79 20.45
N PRO D 298 -1.92 55.58 21.73
CA PRO D 298 -2.81 55.77 22.87
C PRO D 298 -3.43 57.16 22.94
N HIS D 299 -4.64 57.24 23.47
CA HIS D 299 -5.30 58.51 23.63
C HIS D 299 -4.36 59.37 24.47
N PRO D 300 -4.25 60.68 24.20
CA PRO D 300 -4.92 61.52 23.20
C PRO D 300 -4.42 61.55 21.75
N ALA D 301 -3.58 60.60 21.36
CA ALA D 301 -3.05 60.58 19.99
C ALA D 301 -4.10 60.02 19.04
N PHE D 302 -3.77 59.92 17.75
CA PHE D 302 -4.71 59.39 16.77
C PHE D 302 -5.18 58.01 17.21
N PRO D 303 -6.50 57.82 17.36
CA PRO D 303 -7.12 56.56 17.79
C PRO D 303 -7.17 55.48 16.72
N THR D 304 -6.99 54.23 17.14
CA THR D 304 -7.02 53.13 16.21
C THR D 304 -8.43 52.94 15.58
N ASP D 305 -9.47 53.35 16.29
CA ASP D 305 -10.84 53.24 15.80
C ASP D 305 -11.19 54.15 14.62
N MET D 306 -10.29 55.08 14.29
CA MET D 306 -10.50 55.97 13.16
C MET D 306 -9.55 55.58 12.03
N GLN D 307 -8.67 54.63 12.31
CA GLN D 307 -7.68 54.20 11.34
C GLN D 307 -8.26 53.78 10.01
N ALA D 308 -9.30 52.95 10.03
CA ALA D 308 -9.87 52.52 8.76
C ALA D 308 -10.51 53.66 8.00
N GLN D 309 -11.24 54.52 8.71
CA GLN D 309 -11.89 55.65 8.10
C GLN D 309 -10.84 56.53 7.46
N PHE D 310 -9.70 56.72 8.10
CA PHE D 310 -8.68 57.53 7.45
C PHE D 310 -7.97 56.83 6.30
N THR D 311 -8.00 55.50 6.28
CA THR D 311 -7.39 54.81 5.16
C THR D 311 -8.29 55.17 3.97
N LEU D 312 -9.59 55.01 4.15
CA LEU D 312 -10.53 55.35 3.09
C LEU D 312 -10.26 56.78 2.59
N LEU D 313 -10.07 57.73 3.51
CA LEU D 313 -9.81 59.12 3.13
C LEU D 313 -8.57 59.27 2.21
N ASN D 314 -7.44 58.74 2.64
CA ASN D 314 -6.22 58.82 1.84
C ASN D 314 -6.43 58.19 0.47
N LEU D 315 -7.11 57.05 0.44
CA LEU D 315 -7.33 56.33 -0.80
C LEU D 315 -8.15 57.11 -1.82
N VAL D 316 -8.84 58.17 -1.39
CA VAL D 316 -9.59 59.00 -2.33
C VAL D 316 -9.11 60.46 -2.26
N ALA D 317 -7.93 60.65 -1.69
CA ALA D 317 -7.36 61.98 -1.56
C ALA D 317 -6.35 62.22 -2.68
N GLU D 318 -5.80 63.42 -2.69
CA GLU D 318 -4.79 63.81 -3.67
C GLU D 318 -3.46 63.55 -2.98
N GLY D 319 -2.53 62.97 -3.71
CA GLY D 319 -1.22 62.67 -3.16
C GLY D 319 -1.11 61.29 -2.59
N THR D 320 0.02 61.01 -1.94
CA THR D 320 0.26 59.73 -1.30
C THR D 320 0.28 59.91 0.23
N GLY D 321 -0.36 58.99 0.94
CA GLY D 321 -0.42 59.06 2.39
C GLY D 321 0.06 57.78 3.06
N VAL D 322 0.38 57.87 4.34
CA VAL D 322 0.87 56.72 5.08
C VAL D 322 0.14 56.48 6.40
N ILE D 323 -0.46 55.30 6.52
CA ILE D 323 -1.17 54.91 7.73
C ILE D 323 -0.32 53.89 8.48
N THR D 324 0.15 54.25 9.68
CA THR D 324 0.95 53.30 10.47
C THR D 324 0.16 52.89 11.72
N GLU D 325 -0.13 51.59 11.83
CA GLU D 325 -0.86 51.07 13.00
C GLU D 325 0.06 50.51 14.07
N THR D 326 0.03 51.08 15.27
CA THR D 326 0.88 50.58 16.35
C THR D 326 0.08 50.00 17.52
N ILE D 327 -1.23 49.85 17.37
CA ILE D 327 -2.04 49.31 18.45
C ILE D 327 -2.44 47.86 18.20
N PHE D 328 -2.85 47.56 16.97
CA PHE D 328 -3.23 46.21 16.58
C PHE D 328 -2.41 45.89 15.34
N GLU D 329 -1.88 44.67 15.24
CA GLU D 329 -1.05 44.31 14.09
C GLU D 329 -1.83 43.81 12.87
N ASN D 330 -3.03 43.29 13.09
CA ASN D 330 -3.83 42.80 11.97
C ASN D 330 -5.14 43.60 11.81
N ARG D 331 -5.03 44.89 11.50
CA ARG D 331 -6.26 45.68 11.33
C ARG D 331 -6.36 46.28 9.95
N PHE D 332 -6.12 45.47 8.93
CA PHE D 332 -6.19 45.95 7.56
C PHE D 332 -7.12 45.18 6.64
N MET D 333 -8.15 44.59 7.19
CA MET D 333 -9.14 43.82 6.42
C MET D 333 -9.79 44.64 5.30
N HIS D 334 -9.98 45.92 5.56
CA HIS D 334 -10.63 46.80 4.59
C HIS D 334 -9.79 47.13 3.37
N VAL D 335 -8.45 47.11 3.51
CA VAL D 335 -7.55 47.43 2.39
C VAL D 335 -7.86 46.60 1.15
N PRO D 336 -7.74 45.26 1.25
CA PRO D 336 -8.04 44.41 0.08
C PRO D 336 -9.39 44.78 -0.51
N GLU D 337 -10.41 44.87 0.36
CA GLU D 337 -11.76 45.24 -0.06
C GLU D 337 -11.77 46.55 -0.85
N LEU D 338 -11.13 47.57 -0.30
CA LEU D 338 -11.05 48.86 -0.97
C LEU D 338 -10.32 48.73 -2.31
N ILE D 339 -9.23 47.95 -2.35
CA ILE D 339 -8.48 47.75 -3.58
C ILE D 339 -9.39 47.17 -4.66
N ARG D 340 -10.32 46.31 -4.26
CA ARG D 340 -11.25 45.72 -5.21
C ARG D 340 -12.24 46.77 -5.69
N MET D 341 -12.32 47.89 -4.98
CA MET D 341 -13.20 48.97 -5.36
C MET D 341 -12.44 50.00 -6.21
N GLY D 342 -11.17 49.71 -6.49
CA GLY D 342 -10.40 50.61 -7.31
C GLY D 342 -9.29 51.34 -6.59
N ALA D 343 -9.13 51.12 -5.29
CA ALA D 343 -8.08 51.82 -4.57
C ALA D 343 -6.72 51.23 -4.90
N HIS D 344 -5.70 52.04 -4.69
CA HIS D 344 -4.33 51.62 -4.92
C HIS D 344 -3.58 51.85 -3.64
N ALA D 345 -3.33 50.76 -2.93
CA ALA D 345 -2.64 50.80 -1.64
C ALA D 345 -1.71 49.60 -1.51
N GLU D 346 -0.66 49.76 -0.73
CA GLU D 346 0.33 48.71 -0.52
C GLU D 346 0.53 48.47 0.98
N ILE D 347 0.35 47.23 1.42
CA ILE D 347 0.52 46.89 2.83
C ILE D 347 1.90 46.32 3.15
N GLU D 348 2.69 47.04 3.93
CA GLU D 348 4.00 46.57 4.31
C GLU D 348 4.06 46.44 5.82
N SER D 349 3.79 45.25 6.32
CA SER D 349 3.81 44.98 7.75
C SER D 349 2.68 45.73 8.49
N ASN D 350 3.03 46.67 9.35
CA ASN D 350 2.05 47.43 10.14
C ASN D 350 1.67 48.79 9.53
N THR D 351 2.03 49.02 8.26
CA THR D 351 1.71 50.28 7.59
C THR D 351 1.08 50.06 6.22
N VAL D 352 0.45 51.10 5.70
CA VAL D 352 -0.18 51.03 4.38
C VAL D 352 0.17 52.32 3.65
N ILE D 353 0.72 52.18 2.44
CA ILE D 353 1.05 53.35 1.63
C ILE D 353 -0.21 53.56 0.78
N CYS D 354 -0.77 54.76 0.82
CA CYS D 354 -1.99 55.04 0.06
C CYS D 354 -1.79 55.95 -1.15
N HIS D 355 -2.20 55.47 -2.32
CA HIS D 355 -2.08 56.25 -3.55
C HIS D 355 -3.49 56.66 -3.94
N GLY D 356 -3.92 57.82 -3.45
CA GLY D 356 -5.26 58.29 -3.74
C GLY D 356 -5.66 58.26 -5.22
N VAL D 357 -6.88 57.79 -5.47
CA VAL D 357 -7.40 57.76 -6.84
C VAL D 357 -8.57 58.71 -6.93
N GLU D 358 -8.90 59.13 -8.14
CA GLU D 358 -9.98 60.06 -8.39
C GLU D 358 -11.38 59.50 -8.12
N LYS D 359 -11.57 58.20 -8.32
CA LYS D 359 -12.91 57.62 -8.13
C LYS D 359 -12.89 56.11 -7.89
N LEU D 360 -13.78 55.65 -7.01
CA LEU D 360 -13.90 54.22 -6.70
C LEU D 360 -15.08 53.60 -7.46
N SER D 361 -15.04 52.27 -7.62
CA SER D 361 -16.12 51.54 -8.30
C SER D 361 -16.81 50.63 -7.30
N GLY D 362 -18.12 50.51 -7.43
CA GLY D 362 -18.83 49.65 -6.51
C GLY D 362 -18.35 48.20 -6.63
N ALA D 363 -18.62 47.43 -5.57
CA ALA D 363 -18.27 46.01 -5.52
C ALA D 363 -18.94 45.43 -4.30
N GLN D 364 -18.95 44.12 -4.18
CA GLN D 364 -19.55 43.49 -3.00
C GLN D 364 -18.41 43.49 -2.01
N VAL D 365 -18.64 43.99 -0.81
CA VAL D 365 -17.57 44.03 0.17
C VAL D 365 -18.09 43.64 1.52
N MET D 366 -17.16 43.38 2.43
CA MET D 366 -17.52 42.95 3.77
C MET D 366 -16.29 43.02 4.66
N ALA D 367 -16.51 43.30 5.95
CA ALA D 367 -15.45 43.36 6.93
C ALA D 367 -16.09 42.97 8.25
N THR D 368 -15.35 42.27 9.10
CA THR D 368 -15.89 41.80 10.36
C THR D 368 -15.69 42.80 11.49
N ASP D 369 -14.98 43.87 11.18
CA ASP D 369 -14.73 44.93 12.13
C ASP D 369 -15.68 46.11 11.86
N LEU D 370 -16.31 46.55 12.93
CA LEU D 370 -17.25 47.67 12.96
C LEU D 370 -16.80 48.90 12.13
N ARG D 371 -15.61 49.43 12.43
CA ARG D 371 -15.07 50.61 11.77
C ARG D 371 -14.72 50.37 10.29
N ALA D 372 -14.14 49.22 10.01
CA ALA D 372 -13.78 48.87 8.65
C ALA D 372 -15.07 48.76 7.84
N SER D 373 -16.09 48.16 8.44
CA SER D 373 -17.37 47.95 7.76
C SER D 373 -18.03 49.32 7.52
N ALA D 374 -17.96 50.19 8.51
CA ALA D 374 -18.51 51.53 8.35
C ALA D 374 -17.74 52.25 7.23
N SER D 375 -16.43 52.04 7.14
CA SER D 375 -15.71 52.74 6.08
C SER D 375 -16.13 52.23 4.71
N LEU D 376 -16.46 50.95 4.64
CA LEU D 376 -16.88 50.38 3.38
C LEU D 376 -18.21 50.99 2.97
N VAL D 377 -19.08 51.28 3.93
CA VAL D 377 -20.35 51.91 3.60
C VAL D 377 -20.06 53.34 3.10
N LEU D 378 -19.10 54.02 3.72
CA LEU D 378 -18.77 55.38 3.29
C LEU D 378 -18.23 55.34 1.88
N ALA D 379 -17.39 54.36 1.61
CA ALA D 379 -16.79 54.19 0.30
C ALA D 379 -17.83 53.94 -0.78
N GLY D 380 -18.90 53.27 -0.41
CA GLY D 380 -19.95 52.99 -1.37
C GLY D 380 -20.75 54.25 -1.67
N CYS D 381 -20.87 55.14 -0.70
CA CYS D 381 -21.61 56.39 -0.92
C CYS D 381 -20.93 57.23 -1.97
N ILE D 382 -19.61 57.24 -1.98
CA ILE D 382 -18.86 58.01 -2.95
C ILE D 382 -18.37 57.23 -4.16
N ALA D 383 -18.57 55.91 -4.18
CA ALA D 383 -18.11 55.13 -5.33
C ALA D 383 -19.10 55.19 -6.50
N GLU D 384 -18.59 54.94 -7.69
CA GLU D 384 -19.38 54.96 -8.90
C GLU D 384 -20.16 53.64 -8.99
N GLY D 385 -21.48 53.74 -9.10
CA GLY D 385 -22.30 52.54 -9.22
C GLY D 385 -22.85 52.01 -7.92
N THR D 386 -23.17 50.71 -7.90
CA THR D 386 -23.72 50.09 -6.73
C THR D 386 -22.71 49.27 -5.93
N THR D 387 -22.75 49.42 -4.61
CA THR D 387 -21.87 48.69 -3.72
C THR D 387 -22.74 47.96 -2.71
N VAL D 388 -22.42 46.69 -2.44
CA VAL D 388 -23.17 45.91 -1.45
C VAL D 388 -22.21 45.60 -0.30
N VAL D 389 -22.61 45.99 0.91
CA VAL D 389 -21.79 45.77 2.11
C VAL D 389 -22.49 44.68 2.91
N ASP D 390 -21.83 43.54 3.02
CA ASP D 390 -22.41 42.41 3.72
C ASP D 390 -22.11 42.46 5.20
N ARG D 391 -22.93 41.73 5.96
CA ARG D 391 -22.80 41.59 7.41
C ARG D 391 -22.78 42.90 8.18
N ILE D 392 -23.76 43.75 7.96
CA ILE D 392 -23.80 45.03 8.66
C ILE D 392 -24.22 44.91 10.13
N TYR D 393 -24.52 43.70 10.59
CA TYR D 393 -24.90 43.54 11.99
C TYR D 393 -23.80 44.06 12.88
N HIS D 394 -22.56 43.98 12.40
CA HIS D 394 -21.40 44.51 13.13
C HIS D 394 -21.64 46.01 13.33
N ILE D 395 -21.99 46.70 12.25
CA ILE D 395 -22.27 48.12 12.30
C ILE D 395 -23.43 48.34 13.27
N ASP D 396 -24.50 47.57 13.10
CA ASP D 396 -25.67 47.70 13.97
C ASP D 396 -25.38 47.65 15.45
N ARG D 397 -24.33 46.93 15.85
CA ARG D 397 -24.01 46.81 17.27
C ARG D 397 -23.28 48.00 17.85
N GLY D 398 -22.65 48.79 16.98
CA GLY D 398 -21.90 49.96 17.43
C GLY D 398 -22.36 51.33 16.96
N TYR D 399 -23.20 51.37 15.92
CA TYR D 399 -23.71 52.64 15.39
C TYR D 399 -25.24 52.65 15.43
N GLU D 400 -25.81 53.64 16.09
CA GLU D 400 -27.26 53.71 16.17
C GLU D 400 -27.86 54.37 14.92
N ARG D 401 -28.76 53.64 14.26
CA ARG D 401 -29.44 54.13 13.07
C ARG D 401 -28.50 54.73 12.03
N ILE D 402 -27.38 54.07 11.78
CA ILE D 402 -26.42 54.59 10.81
C ILE D 402 -27.09 54.90 9.48
N GLU D 403 -27.98 54.01 9.07
CA GLU D 403 -28.71 54.11 7.80
C GLU D 403 -29.49 55.42 7.69
N ASP D 404 -30.23 55.73 8.75
CA ASP D 404 -31.02 56.95 8.81
C ASP D 404 -30.16 58.21 8.81
N LYS D 405 -29.02 58.15 9.50
CA LYS D 405 -28.15 59.31 9.57
C LYS D 405 -27.47 59.60 8.25
N LEU D 406 -27.13 58.55 7.51
CA LEU D 406 -26.50 58.74 6.22
C LEU D 406 -27.53 59.20 5.20
N ARG D 407 -28.73 58.63 5.27
CA ARG D 407 -29.77 59.00 4.34
C ARG D 407 -30.12 60.48 4.50
N ALA D 408 -30.09 60.97 5.74
CA ALA D 408 -30.39 62.38 6.02
C ALA D 408 -29.24 63.28 5.58
N LEU D 409 -28.08 62.69 5.32
CA LEU D 409 -26.93 63.46 4.87
C LEU D 409 -26.95 63.39 3.34
N GLY D 410 -27.92 62.65 2.82
CA GLY D 410 -28.05 62.53 1.38
C GLY D 410 -27.61 61.22 0.72
N ALA D 411 -27.26 60.23 1.52
CA ALA D 411 -26.83 58.96 0.93
C ALA D 411 -27.97 58.18 0.28
N ASN D 412 -27.66 57.46 -0.78
CA ASN D 412 -28.62 56.62 -1.45
C ASN D 412 -28.30 55.23 -0.87
N ILE D 413 -29.00 54.86 0.20
CA ILE D 413 -28.72 53.61 0.90
C ILE D 413 -29.97 52.80 1.30
N GLU D 414 -29.90 51.50 1.08
CA GLU D 414 -31.00 50.61 1.38
C GLU D 414 -30.58 49.37 2.14
N ARG D 415 -31.31 49.07 3.21
CA ARG D 415 -31.02 47.88 3.98
C ARG D 415 -31.78 46.73 3.31
N VAL D 416 -31.06 45.71 2.92
CA VAL D 416 -31.68 44.57 2.27
C VAL D 416 -31.72 43.42 3.27
N LYS D 417 -32.92 42.94 3.58
CA LYS D 417 -33.07 41.83 4.52
C LYS D 417 -32.79 40.54 3.75
N GLY D 418 -33.60 39.52 4.00
CA GLY D 418 -33.40 38.26 3.30
C GLY D 418 -32.05 37.66 3.60
N GLU D 419 -31.48 36.96 2.62
CA GLU D 419 -30.18 36.31 2.79
C GLU D 419 -29.06 37.07 2.09
C1 TR9 E . 8.22 -50.92 17.13
C2 TR9 E . 8.00 -49.50 16.57
C3 TR9 E . 8.31 -48.44 17.62
C4 TR9 E . 7.95 -48.72 19.04
C5 TR9 E . 7.29 -50.06 19.34
C6 TR9 E . 7.40 -51.10 18.44
C7 TR9 E . 8.21 -47.79 20.03
O1 TR9 E . 6.57 -50.20 20.52
O2 TR9 E . 8.76 -49.33 15.40
O3 TR9 E . 8.89 -47.27 17.25
O4 TR9 E . 6.77 -52.30 18.71
CA CA F . 5.46 -52.35 20.74
CA CA G . 10.00 -47.53 14.82
CA CA H . 36.17 -30.23 -24.41
C1 TR9 I . 28.65 -26.28 -22.14
C2 TR9 I . 28.31 -27.76 -21.92
C3 TR9 I . 29.53 -28.63 -22.09
C4 TR9 I . 30.51 -28.28 -23.18
C5 TR9 I . 30.22 -27.01 -24.01
C6 TR9 I . 29.33 -26.07 -23.53
C7 TR9 I . 31.63 -29.08 -23.38
O1 TR9 I . 30.86 -26.84 -25.21
O2 TR9 I . 27.75 -27.94 -20.64
O3 TR9 I . 29.72 -29.73 -21.31
O4 TR9 I . 29.06 -24.95 -24.26
CA CA J . 30.31 -24.85 -26.23
CA CA K . 28.14 -29.64 -19.21
CA CA L . 37.94 -38.71 -40.31
CA CA M . 12.77 49.75 -3.89
CA CA N . 14.02 54.34 -11.35
C1 TR9 O . 12.32 52.92 -7.06
C2 TR9 O . 12.63 51.54 -6.40
C3 TR9 O . 14.12 51.43 -6.08
C4 TR9 O . 15.10 52.00 -7.07
C5 TR9 O . 14.55 52.66 -8.32
C6 TR9 O . 13.21 53.10 -8.32
C7 TR9 O . 16.46 51.93 -6.82
O1 TR9 O . 15.40 52.78 -9.42
O2 TR9 O . 11.86 51.36 -5.24
O3 TR9 O . 14.54 50.85 -4.93
O4 TR9 O . 12.66 53.70 -9.42
CA CA P . -9.95 28.09 40.12
CA CA Q . -4.47 31.83 34.45
C1 TR9 R . -7.15 28.62 36.36
C2 TR9 R . -6.71 30.03 35.88
C3 TR9 R . -5.97 30.81 36.94
C4 TR9 R . -6.45 30.66 38.37
C5 TR9 R . -7.64 29.72 38.63
C6 TR9 R . -7.97 28.74 37.67
C7 TR9 R . -5.83 31.37 39.38
O1 TR9 R . -8.34 29.85 39.82
O2 TR9 R . -5.93 29.86 34.72
O3 TR9 R . -4.92 31.63 36.62
O4 TR9 R . -9.00 27.90 37.88
#